data_2CRY
#
_entry.id   2CRY
#
_entity_poly.entity_id   1
_entity_poly.type   'polypeptide(L)'
_entity_poly.pdbx_seq_one_letter_code
;GSSGSSGTLTVNGPPIISSTQTQHALHGEKGQIKCFIRSTPPPDRIAWSWKENVLESGTSGRYTVETISTEEGVISTLTI
SNIVRADFQTIYNCTAWNSFGSDTEIIRLKEQGSEMSGPSSG
;
_entity_poly.pdbx_strand_id   A
#
# COMPACT_ATOMS: atom_id res chain seq x y z
N GLY A 1 -42.82 -10.32 -10.88
CA GLY A 1 -41.64 -9.59 -10.45
C GLY A 1 -41.78 -9.03 -9.05
N SER A 2 -40.72 -8.40 -8.55
CA SER A 2 -40.73 -7.83 -7.22
C SER A 2 -41.01 -6.33 -7.28
N SER A 3 -42.01 -5.89 -6.50
CA SER A 3 -42.38 -4.48 -6.47
C SER A 3 -41.67 -3.75 -5.33
N GLY A 4 -40.49 -3.21 -5.62
CA GLY A 4 -39.73 -2.50 -4.61
C GLY A 4 -38.80 -3.41 -3.84
N SER A 5 -37.69 -3.80 -4.47
CA SER A 5 -36.72 -4.68 -3.84
C SER A 5 -36.00 -3.97 -2.70
N SER A 6 -36.63 -3.94 -1.53
CA SER A 6 -36.06 -3.29 -0.36
C SER A 6 -35.03 -4.19 0.31
N GLY A 7 -33.80 -3.69 0.40
CA GLY A 7 -32.73 -4.47 1.03
C GLY A 7 -31.60 -3.60 1.51
N THR A 8 -30.81 -4.12 2.45
CA THR A 8 -29.69 -3.38 3.00
C THR A 8 -28.54 -3.30 2.01
N LEU A 9 -27.73 -2.26 2.13
CA LEU A 9 -26.59 -2.06 1.24
C LEU A 9 -25.28 -2.42 1.94
N THR A 10 -24.54 -3.34 1.33
CA THR A 10 -23.27 -3.79 1.89
C THR A 10 -22.48 -4.62 0.89
N VAL A 11 -21.21 -4.83 1.18
CA VAL A 11 -20.34 -5.61 0.30
C VAL A 11 -19.34 -6.45 1.10
N ASN A 12 -18.93 -7.58 0.53
CA ASN A 12 -17.98 -8.46 1.19
C ASN A 12 -17.11 -9.19 0.17
N GLY A 13 -16.01 -9.74 0.63
CA GLY A 13 -15.11 -10.46 -0.25
C GLY A 13 -13.65 -10.28 0.13
N PRO A 14 -12.75 -10.53 -0.83
CA PRO A 14 -11.31 -10.40 -0.62
C PRO A 14 -10.87 -8.94 -0.46
N PRO A 15 -9.65 -8.75 0.06
CA PRO A 15 -9.10 -7.40 0.28
C PRO A 15 -8.76 -6.70 -1.04
N ILE A 16 -9.46 -5.60 -1.30
CA ILE A 16 -9.23 -4.82 -2.52
C ILE A 16 -8.23 -3.71 -2.28
N ILE A 17 -7.11 -3.76 -3.00
CA ILE A 17 -6.07 -2.76 -2.88
C ILE A 17 -6.07 -1.81 -4.08
N SER A 18 -6.74 -0.67 -3.93
CA SER A 18 -6.81 0.31 -5.00
C SER A 18 -5.42 0.75 -5.44
N SER A 19 -4.73 1.47 -4.57
CA SER A 19 -3.38 1.96 -4.87
C SER A 19 -2.77 2.64 -3.67
N THR A 20 -1.56 3.16 -3.85
CA THR A 20 -0.85 3.84 -2.76
C THR A 20 -0.70 5.33 -3.06
N GLN A 21 -0.82 6.15 -2.02
CA GLN A 21 -0.69 7.60 -2.16
C GLN A 21 0.77 8.03 -2.08
N THR A 22 1.63 7.32 -2.80
CA THR A 22 3.06 7.62 -2.80
C THR A 22 3.30 9.10 -3.04
N GLN A 23 4.57 9.51 -3.01
CA GLN A 23 4.93 10.91 -3.22
C GLN A 23 6.39 11.03 -3.66
N HIS A 24 6.83 12.26 -3.89
CA HIS A 24 8.20 12.52 -4.31
C HIS A 24 9.14 12.56 -3.11
N ALA A 25 9.56 11.37 -2.66
CA ALA A 25 10.46 11.27 -1.52
C ALA A 25 11.80 11.94 -1.82
N LEU A 26 12.43 12.49 -0.78
CA LEU A 26 13.72 13.16 -0.94
C LEU A 26 14.82 12.38 -0.23
N HIS A 27 15.93 12.16 -0.93
CA HIS A 27 17.06 11.44 -0.36
C HIS A 27 17.35 11.89 1.07
N GLY A 28 16.83 11.14 2.04
CA GLY A 28 17.04 11.49 3.43
C GLY A 28 15.76 11.46 4.23
N GLU A 29 14.68 11.99 3.64
CA GLU A 29 13.39 12.03 4.32
C GLU A 29 12.78 10.63 4.39
N LYS A 30 11.65 10.52 5.10
CA LYS A 30 10.96 9.24 5.26
C LYS A 30 10.04 8.98 4.07
N GLY A 31 10.28 7.88 3.36
CA GLY A 31 9.46 7.54 2.22
C GLY A 31 8.20 6.78 2.62
N GLN A 32 7.17 7.50 3.02
CA GLN A 32 5.92 6.89 3.43
C GLN A 32 5.11 6.44 2.22
N ILE A 33 4.59 5.23 2.27
CA ILE A 33 3.80 4.69 1.17
C ILE A 33 2.43 4.22 1.67
N LYS A 34 1.51 5.16 1.83
CA LYS A 34 0.16 4.85 2.30
C LYS A 34 -0.60 4.05 1.24
N CYS A 35 -1.14 2.91 1.66
CA CYS A 35 -1.90 2.06 0.75
C CYS A 35 -3.39 2.12 1.06
N PHE A 36 -4.20 2.33 0.03
CA PHE A 36 -5.65 2.41 0.20
C PHE A 36 -6.29 1.04 0.06
N ILE A 37 -6.41 0.32 1.17
CA ILE A 37 -7.01 -1.01 1.17
C ILE A 37 -8.50 -0.94 1.49
N ARG A 38 -9.32 -0.98 0.44
CA ARG A 38 -10.77 -0.93 0.62
C ARG A 38 -11.33 -2.31 0.94
N SER A 39 -10.70 -3.00 1.89
CA SER A 39 -11.13 -4.33 2.29
C SER A 39 -12.27 -4.26 3.29
N THR A 40 -13.22 -5.18 3.18
CA THR A 40 -14.37 -5.22 4.07
C THR A 40 -15.05 -6.59 4.04
N PRO A 41 -14.84 -7.37 5.09
CA PRO A 41 -13.99 -6.97 6.23
C PRO A 41 -12.51 -6.90 5.87
N PRO A 42 -11.71 -6.31 6.77
CA PRO A 42 -10.27 -6.18 6.57
C PRO A 42 -9.54 -7.51 6.62
N PRO A 43 -8.31 -7.54 6.07
CA PRO A 43 -7.49 -8.75 6.04
C PRO A 43 -6.98 -9.14 7.43
N ASP A 44 -6.70 -10.42 7.61
CA ASP A 44 -6.20 -10.91 8.89
C ASP A 44 -4.68 -10.79 8.97
N ARG A 45 -4.02 -10.86 7.82
CA ARG A 45 -2.57 -10.76 7.76
C ARG A 45 -2.14 -9.90 6.57
N ILE A 46 -1.01 -9.22 6.72
CA ILE A 46 -0.48 -8.37 5.66
C ILE A 46 1.05 -8.37 5.66
N ALA A 47 1.63 -8.37 4.47
CA ALA A 47 3.08 -8.36 4.33
C ALA A 47 3.52 -7.44 3.21
N TRP A 48 4.62 -6.72 3.44
CA TRP A 48 5.14 -5.80 2.44
C TRP A 48 6.45 -6.32 1.84
N SER A 49 6.35 -6.92 0.66
CA SER A 49 7.52 -7.47 -0.02
C SER A 49 7.75 -6.77 -1.35
N TRP A 50 9.01 -6.47 -1.65
CA TRP A 50 9.37 -5.80 -2.89
C TRP A 50 10.14 -6.75 -3.82
N LYS A 51 11.36 -7.07 -3.43
CA LYS A 51 12.21 -7.96 -4.22
C LYS A 51 12.31 -9.34 -3.56
N GLU A 52 13.07 -9.43 -2.49
CA GLU A 52 13.25 -10.69 -1.77
C GLU A 52 12.96 -10.51 -0.29
N ASN A 53 12.77 -9.26 0.13
CA ASN A 53 12.48 -8.96 1.53
C ASN A 53 10.98 -8.99 1.79
N VAL A 54 10.61 -9.19 3.06
CA VAL A 54 9.21 -9.24 3.44
C VAL A 54 9.01 -8.73 4.87
N LEU A 55 8.41 -7.56 4.99
CA LEU A 55 8.15 -6.96 6.30
C LEU A 55 6.68 -7.06 6.66
N GLU A 56 6.38 -7.91 7.64
CA GLU A 56 5.01 -8.10 8.10
C GLU A 56 4.58 -6.96 9.02
N SER A 57 5.44 -6.64 9.98
CA SER A 57 5.15 -5.57 10.94
C SER A 57 6.39 -5.21 11.75
N GLY A 58 6.37 -4.04 12.37
CA GLY A 58 7.50 -3.60 13.17
C GLY A 58 8.48 -2.76 12.37
N THR A 59 9.74 -2.77 12.78
CA THR A 59 10.77 -2.00 12.09
C THR A 59 11.98 -2.87 11.77
N SER A 60 12.40 -2.85 10.51
CA SER A 60 13.54 -3.63 10.07
C SER A 60 14.02 -3.17 8.70
N GLY A 61 15.35 -3.13 8.52
CA GLY A 61 15.92 -2.71 7.25
C GLY A 61 15.49 -1.31 6.88
N ARG A 62 15.37 -0.44 7.87
CA ARG A 62 14.96 0.95 7.63
C ARG A 62 13.53 1.02 7.10
N TYR A 63 12.72 0.05 7.49
CA TYR A 63 11.33 -0.01 7.05
C TYR A 63 10.39 -0.20 8.24
N THR A 64 9.39 0.68 8.34
CA THR A 64 8.42 0.61 9.42
C THR A 64 7.02 0.42 8.89
N VAL A 65 6.46 -0.78 9.11
CA VAL A 65 5.11 -1.09 8.65
C VAL A 65 4.08 -0.73 9.71
N GLU A 66 2.94 -0.20 9.27
CA GLU A 66 1.87 0.18 10.19
C GLU A 66 0.51 0.12 9.49
N THR A 67 -0.36 -0.77 9.97
CA THR A 67 -1.68 -0.93 9.40
C THR A 67 -2.71 -0.08 10.14
N ILE A 68 -3.67 0.46 9.40
CA ILE A 68 -4.71 1.29 10.00
C ILE A 68 -6.10 0.78 9.62
N SER A 69 -7.12 1.25 10.34
CA SER A 69 -8.49 0.85 10.08
C SER A 69 -9.37 2.05 9.82
N THR A 70 -9.90 2.14 8.60
CA THR A 70 -10.76 3.25 8.22
C THR A 70 -12.16 2.76 7.87
N GLU A 71 -13.15 3.62 8.10
CA GLU A 71 -14.54 3.28 7.81
C GLU A 71 -14.66 2.54 6.48
N GLU A 72 -13.94 3.02 5.48
CA GLU A 72 -13.96 2.41 4.15
C GLU A 72 -13.33 1.02 4.19
N GLY A 73 -12.33 0.85 5.05
CA GLY A 73 -11.67 -0.44 5.16
C GLY A 73 -10.41 -0.36 6.01
N VAL A 74 -9.25 -0.35 5.35
CA VAL A 74 -7.98 -0.29 6.06
C VAL A 74 -6.93 0.46 5.22
N ILE A 75 -5.80 0.79 5.85
CA ILE A 75 -4.73 1.50 5.17
C ILE A 75 -3.37 1.11 5.75
N SER A 76 -2.55 0.48 4.90
CA SER A 76 -1.22 0.04 5.33
C SER A 76 -0.16 1.06 4.92
N THR A 77 0.41 1.74 5.91
CA THR A 77 1.44 2.75 5.66
C THR A 77 2.83 2.21 5.99
N LEU A 78 3.76 2.40 5.07
CA LEU A 78 5.13 1.94 5.27
C LEU A 78 6.11 3.11 5.23
N THR A 79 6.77 3.37 6.35
CA THR A 79 7.74 4.45 6.45
C THR A 79 9.16 3.94 6.25
N ILE A 80 10.02 4.82 5.73
CA ILE A 80 11.42 4.46 5.50
C ILE A 80 12.36 5.43 6.19
N SER A 81 12.84 5.04 7.37
CA SER A 81 13.77 5.88 8.13
C SER A 81 14.68 6.67 7.20
N ASN A 82 15.60 5.97 6.55
CA ASN A 82 16.53 6.60 5.64
C ASN A 82 16.43 5.99 4.24
N ILE A 83 15.55 6.56 3.42
CA ILE A 83 15.35 6.08 2.06
C ILE A 83 16.52 6.47 1.17
N VAL A 84 16.82 5.63 0.18
CA VAL A 84 17.91 5.89 -0.75
C VAL A 84 17.47 5.65 -2.18
N ARG A 85 18.28 6.13 -3.13
CA ARG A 85 17.97 5.97 -4.55
C ARG A 85 17.45 4.56 -4.84
N ALA A 86 18.05 3.57 -4.19
CA ALA A 86 17.65 2.18 -4.38
C ALA A 86 16.14 2.03 -4.21
N ASP A 87 15.59 2.70 -3.21
CA ASP A 87 14.16 2.63 -2.93
C ASP A 87 13.36 2.74 -4.22
N PHE A 88 13.70 3.73 -5.04
CA PHE A 88 13.00 3.94 -6.31
C PHE A 88 13.22 2.76 -7.25
N GLN A 89 14.46 2.28 -7.32
CA GLN A 89 14.79 1.16 -8.18
C GLN A 89 14.08 -0.12 -7.72
N THR A 90 13.74 -0.17 -6.43
CA THR A 90 13.07 -1.32 -5.87
C THR A 90 11.56 -1.17 -5.94
N ILE A 91 10.89 -2.19 -6.46
CA ILE A 91 9.43 -2.17 -6.59
C ILE A 91 8.76 -2.70 -5.33
N TYR A 92 7.82 -1.93 -4.79
CA TYR A 92 7.12 -2.32 -3.57
C TYR A 92 5.83 -3.07 -3.93
N ASN A 93 5.43 -3.99 -3.05
CA ASN A 93 4.22 -4.78 -3.26
C ASN A 93 3.60 -5.19 -1.93
N CYS A 94 2.32 -4.88 -1.76
CA CYS A 94 1.61 -5.22 -0.53
C CYS A 94 0.67 -6.41 -0.76
N THR A 95 0.90 -7.48 -0.01
CA THR A 95 0.08 -8.69 -0.13
C THR A 95 -0.71 -8.94 1.15
N ALA A 96 -2.01 -8.65 1.09
CA ALA A 96 -2.88 -8.84 2.25
C ALA A 96 -3.60 -10.19 2.16
N TRP A 97 -4.10 -10.65 3.30
CA TRP A 97 -4.82 -11.93 3.35
C TRP A 97 -6.09 -11.80 4.20
N ASN A 98 -7.15 -12.49 3.76
CA ASN A 98 -8.42 -12.45 4.48
C ASN A 98 -9.17 -13.77 4.32
N SER A 99 -10.06 -14.05 5.26
CA SER A 99 -10.84 -15.29 5.23
C SER A 99 -11.52 -15.46 3.87
N PHE A 100 -11.68 -14.36 3.15
CA PHE A 100 -12.32 -14.38 1.85
C PHE A 100 -11.33 -14.80 0.76
N GLY A 101 -10.15 -14.17 0.78
CA GLY A 101 -9.13 -14.49 -0.21
C GLY A 101 -7.86 -13.70 0.01
N SER A 102 -7.31 -13.16 -1.08
CA SER A 102 -6.07 -12.39 -1.00
C SER A 102 -5.94 -11.47 -2.21
N ASP A 103 -4.95 -10.58 -2.16
CA ASP A 103 -4.70 -9.64 -3.26
C ASP A 103 -3.33 -9.01 -3.13
N THR A 104 -2.85 -8.42 -4.22
CA THR A 104 -1.55 -7.77 -4.24
C THR A 104 -1.53 -6.58 -5.19
N GLU A 105 -0.83 -5.52 -4.80
CA GLU A 105 -0.73 -4.31 -5.62
C GLU A 105 0.72 -3.89 -5.79
N ILE A 106 1.10 -3.60 -7.03
CA ILE A 106 2.46 -3.18 -7.33
C ILE A 106 2.62 -1.66 -7.19
N ILE A 107 3.71 -1.24 -6.58
CA ILE A 107 3.97 0.18 -6.39
C ILE A 107 5.44 0.51 -6.66
N ARG A 108 5.66 1.53 -7.48
CA ARG A 108 7.01 1.96 -7.83
C ARG A 108 7.26 3.40 -7.41
N LEU A 109 7.87 3.59 -6.25
CA LEU A 109 8.16 4.91 -5.74
C LEU A 109 9.07 5.69 -6.69
N LYS A 110 8.46 6.52 -7.53
CA LYS A 110 9.21 7.31 -8.49
C LYS A 110 10.14 8.29 -7.79
N GLU A 111 11.07 8.87 -8.54
CA GLU A 111 12.03 9.82 -7.99
C GLU A 111 11.58 11.25 -8.23
N GLN A 112 11.94 12.15 -7.33
CA GLN A 112 11.57 13.55 -7.45
C GLN A 112 11.66 14.01 -8.89
N GLY A 113 10.56 14.57 -9.40
CA GLY A 113 10.53 15.05 -10.77
C GLY A 113 9.39 14.45 -11.57
N SER A 114 8.18 14.56 -11.04
CA SER A 114 7.00 14.01 -11.71
C SER A 114 6.59 14.89 -12.89
N GLU A 115 6.14 16.10 -12.58
CA GLU A 115 5.72 17.03 -13.62
C GLU A 115 6.85 17.98 -14.01
N MET A 116 8.06 17.44 -14.08
CA MET A 116 9.24 18.23 -14.44
C MET A 116 9.97 17.62 -15.62
N SER A 117 9.67 18.11 -16.82
CA SER A 117 10.31 17.61 -18.03
C SER A 117 11.60 18.37 -18.33
N GLY A 118 12.40 18.60 -17.28
CA GLY A 118 13.64 19.32 -17.45
C GLY A 118 14.66 18.53 -18.26
N PRO A 119 15.89 19.05 -18.33
CA PRO A 119 16.98 18.41 -19.08
C PRO A 119 17.46 17.12 -18.41
N SER A 120 17.20 15.99 -19.06
CA SER A 120 17.61 14.70 -18.53
C SER A 120 18.75 14.10 -19.35
N SER A 121 19.54 13.25 -18.71
CA SER A 121 20.67 12.61 -19.38
C SER A 121 20.19 11.70 -20.51
N GLY A 122 20.96 11.67 -21.60
CA GLY A 122 20.59 10.84 -22.73
C GLY A 122 21.60 10.92 -23.85
N GLY A 1 -33.87 3.78 -8.68
CA GLY A 1 -34.37 2.43 -8.51
C GLY A 1 -33.33 1.50 -7.93
N SER A 2 -33.76 0.64 -7.01
CA SER A 2 -32.84 -0.31 -6.37
C SER A 2 -33.25 -1.74 -6.69
N SER A 3 -32.29 -2.66 -6.53
CA SER A 3 -32.54 -4.07 -6.81
C SER A 3 -32.69 -4.86 -5.51
N GLY A 4 -33.75 -5.67 -5.44
CA GLY A 4 -33.99 -6.46 -4.25
C GLY A 4 -34.76 -5.71 -3.18
N SER A 5 -35.11 -6.41 -2.11
CA SER A 5 -35.86 -5.79 -1.02
C SER A 5 -35.03 -5.79 0.27
N SER A 6 -33.75 -5.46 0.13
CA SER A 6 -32.85 -5.42 1.29
C SER A 6 -32.77 -4.01 1.86
N GLY A 7 -32.72 -3.93 3.19
CA GLY A 7 -32.65 -2.64 3.85
C GLY A 7 -31.40 -1.88 3.49
N THR A 8 -30.53 -1.67 4.48
CA THR A 8 -29.28 -0.95 4.26
C THR A 8 -28.45 -1.60 3.17
N LEU A 9 -27.37 -0.94 2.77
CA LEU A 9 -26.48 -1.46 1.74
C LEU A 9 -25.13 -1.85 2.33
N THR A 10 -24.78 -3.12 2.20
CA THR A 10 -23.50 -3.61 2.72
C THR A 10 -22.77 -4.45 1.67
N VAL A 11 -21.46 -4.58 1.83
CA VAL A 11 -20.64 -5.34 0.90
C VAL A 11 -19.57 -6.14 1.64
N ASN A 12 -19.27 -7.33 1.14
CA ASN A 12 -18.26 -8.18 1.75
C ASN A 12 -17.44 -8.90 0.68
N GLY A 13 -16.28 -9.42 1.08
CA GLY A 13 -15.42 -10.12 0.15
C GLY A 13 -13.96 -10.03 0.53
N PRO A 14 -13.08 -10.38 -0.43
CA PRO A 14 -11.62 -10.34 -0.21
C PRO A 14 -11.09 -8.92 -0.08
N PRO A 15 -9.82 -8.80 0.35
CA PRO A 15 -9.17 -7.49 0.52
C PRO A 15 -8.89 -6.81 -0.81
N ILE A 16 -9.56 -5.69 -1.06
CA ILE A 16 -9.39 -4.94 -2.29
C ILE A 16 -8.25 -3.93 -2.16
N ILE A 17 -7.40 -3.87 -3.18
CA ILE A 17 -6.27 -2.96 -3.19
C ILE A 17 -6.30 -2.05 -4.41
N SER A 18 -6.74 -0.81 -4.21
CA SER A 18 -6.82 0.15 -5.30
C SER A 18 -5.44 0.70 -5.65
N SER A 19 -4.87 1.49 -4.74
CA SER A 19 -3.55 2.07 -4.95
C SER A 19 -3.06 2.78 -3.69
N THR A 20 -1.82 3.25 -3.74
CA THR A 20 -1.24 3.96 -2.60
C THR A 20 -1.03 5.43 -2.91
N GLN A 21 -0.96 6.25 -1.85
CA GLN A 21 -0.77 7.68 -2.02
C GLN A 21 0.72 8.02 -2.14
N THR A 22 1.40 7.35 -3.06
CA THR A 22 2.82 7.56 -3.28
C THR A 22 3.14 9.06 -3.35
N GLN A 23 4.43 9.38 -3.32
CA GLN A 23 4.86 10.78 -3.37
C GLN A 23 6.28 10.88 -3.90
N HIS A 24 6.82 12.10 -3.93
CA HIS A 24 8.17 12.33 -4.42
C HIS A 24 9.19 12.22 -3.29
N ALA A 25 9.09 11.13 -2.52
CA ALA A 25 9.99 10.90 -1.41
C ALA A 25 11.40 11.40 -1.74
N LEU A 26 11.87 12.39 -0.98
CA LEU A 26 13.20 12.96 -1.19
C LEU A 26 14.26 12.09 -0.53
N HIS A 27 15.52 12.37 -0.84
CA HIS A 27 16.64 11.63 -0.26
C HIS A 27 16.72 11.84 1.24
N GLY A 28 16.56 13.08 1.67
CA GLY A 28 16.61 13.40 3.09
C GLY A 28 15.24 13.42 3.73
N GLU A 29 14.50 12.32 3.60
CA GLU A 29 13.17 12.22 4.18
C GLU A 29 12.74 10.76 4.30
N LYS A 30 11.58 10.54 4.92
CA LYS A 30 11.07 9.19 5.11
C LYS A 30 10.05 8.84 4.02
N GLY A 31 10.21 7.66 3.42
CA GLY A 31 9.31 7.23 2.37
C GLY A 31 8.05 6.60 2.93
N GLN A 32 7.00 7.39 3.10
CA GLN A 32 5.73 6.89 3.64
C GLN A 32 4.80 6.48 2.50
N ILE A 33 4.53 5.19 2.39
CA ILE A 33 3.65 4.68 1.35
C ILE A 33 2.42 4.00 1.96
N LYS A 34 1.27 4.66 1.85
CA LYS A 34 0.03 4.14 2.38
C LYS A 34 -0.83 3.54 1.27
N CYS A 35 -1.21 2.27 1.44
CA CYS A 35 -2.03 1.59 0.45
C CYS A 35 -3.51 1.66 0.82
N PHE A 36 -4.33 2.13 -0.11
CA PHE A 36 -5.76 2.26 0.11
C PHE A 36 -6.46 0.90 -0.04
N ILE A 37 -6.50 0.14 1.05
CA ILE A 37 -7.14 -1.17 1.04
C ILE A 37 -8.60 -1.07 1.49
N ARG A 38 -9.50 -1.03 0.51
CA ARG A 38 -10.93 -0.94 0.80
C ARG A 38 -11.50 -2.32 1.17
N SER A 39 -10.78 -3.04 2.01
CA SER A 39 -11.20 -4.37 2.43
C SER A 39 -12.29 -4.28 3.49
N THR A 40 -13.25 -5.19 3.42
CA THR A 40 -14.35 -5.22 4.37
C THR A 40 -15.02 -6.59 4.41
N PRO A 41 -14.76 -7.35 5.48
CA PRO A 41 -13.87 -6.92 6.56
C PRO A 41 -12.42 -6.86 6.12
N PRO A 42 -11.57 -6.26 6.97
CA PRO A 42 -10.14 -6.11 6.69
C PRO A 42 -9.40 -7.45 6.75
N PRO A 43 -8.17 -7.47 6.20
CA PRO A 43 -7.34 -8.68 6.17
C PRO A 43 -6.83 -9.06 7.56
N ASP A 44 -6.69 -10.36 7.79
CA ASP A 44 -6.22 -10.86 9.08
C ASP A 44 -4.69 -10.77 9.16
N ARG A 45 -4.05 -10.63 8.01
CA ARG A 45 -2.59 -10.53 7.95
C ARG A 45 -2.14 -9.72 6.74
N ILE A 46 -1.00 -9.05 6.86
CA ILE A 46 -0.47 -8.24 5.79
C ILE A 46 1.06 -8.27 5.79
N ALA A 47 1.65 -8.22 4.60
CA ALA A 47 3.10 -8.24 4.46
C ALA A 47 3.56 -7.31 3.34
N TRP A 48 4.68 -6.64 3.56
CA TRP A 48 5.22 -5.71 2.57
C TRP A 48 6.55 -6.21 2.03
N SER A 49 6.50 -6.90 0.89
CA SER A 49 7.72 -7.45 0.27
C SER A 49 7.95 -6.82 -1.09
N TRP A 50 9.18 -6.41 -1.35
CA TRP A 50 9.54 -5.79 -2.62
C TRP A 50 10.30 -6.78 -3.51
N LYS A 51 11.53 -7.08 -3.14
CA LYS A 51 12.36 -8.00 -3.89
C LYS A 51 12.41 -9.37 -3.22
N GLU A 52 13.16 -9.48 -2.14
CA GLU A 52 13.29 -10.73 -1.40
C GLU A 52 12.94 -10.54 0.07
N ASN A 53 12.88 -9.28 0.50
CA ASN A 53 12.56 -8.96 1.88
C ASN A 53 11.05 -8.92 2.11
N VAL A 54 10.63 -9.29 3.32
CA VAL A 54 9.21 -9.31 3.66
C VAL A 54 8.99 -8.76 5.06
N LEU A 55 8.39 -7.58 5.13
CA LEU A 55 8.11 -6.94 6.42
C LEU A 55 6.64 -7.09 6.79
N GLU A 56 6.36 -7.89 7.82
CA GLU A 56 5.00 -8.12 8.28
C GLU A 56 4.54 -7.00 9.20
N SER A 57 5.34 -6.72 10.23
CA SER A 57 5.02 -5.67 11.20
C SER A 57 6.24 -5.32 12.04
N GLY A 58 6.44 -4.02 12.27
CA GLY A 58 7.57 -3.57 13.06
C GLY A 58 8.51 -2.69 12.26
N THR A 59 9.80 -2.72 12.63
CA THR A 59 10.81 -1.92 11.94
C THR A 59 12.04 -2.75 11.62
N SER A 60 12.34 -2.86 10.33
CA SER A 60 13.50 -3.64 9.88
C SER A 60 14.45 -2.76 9.07
N GLY A 61 15.57 -2.39 9.69
CA GLY A 61 16.55 -1.56 9.02
C GLY A 61 16.00 -0.19 8.65
N ARG A 62 15.60 -0.03 7.40
CA ARG A 62 15.04 1.23 6.93
C ARG A 62 13.61 1.07 6.43
N TYR A 63 12.81 0.33 7.20
CA TYR A 63 11.42 0.09 6.84
C TYR A 63 10.55 -0.08 8.08
N THR A 64 9.37 0.51 8.06
CA THR A 64 8.44 0.42 9.18
C THR A 64 7.01 0.26 8.71
N VAL A 65 6.44 -0.92 8.93
CA VAL A 65 5.06 -1.21 8.52
C VAL A 65 4.08 -0.84 9.63
N GLU A 66 2.94 -0.30 9.24
CA GLU A 66 1.90 0.09 10.19
C GLU A 66 0.54 0.16 9.53
N THR A 67 -0.33 -0.78 9.88
CA THR A 67 -1.68 -0.82 9.31
C THR A 67 -2.66 -0.02 10.15
N ILE A 68 -3.54 0.71 9.49
CA ILE A 68 -4.53 1.54 10.18
C ILE A 68 -5.95 1.11 9.80
N SER A 69 -6.93 1.72 10.43
CA SER A 69 -8.34 1.42 10.16
C SER A 69 -9.10 2.67 9.76
N THR A 70 -9.58 2.70 8.53
CA THR A 70 -10.32 3.85 8.02
C THR A 70 -11.77 3.47 7.72
N GLU A 71 -12.58 4.46 7.36
CA GLU A 71 -13.98 4.24 7.05
C GLU A 71 -14.13 3.25 5.88
N GLU A 72 -13.37 3.48 4.83
CA GLU A 72 -13.42 2.62 3.65
C GLU A 72 -12.97 1.20 3.99
N GLY A 73 -12.04 1.09 4.93
CA GLY A 73 -11.55 -0.21 5.33
C GLY A 73 -10.27 -0.12 6.14
N VAL A 74 -9.13 -0.16 5.47
CA VAL A 74 -7.83 -0.09 6.14
C VAL A 74 -6.81 0.63 5.27
N ILE A 75 -5.63 0.86 5.83
CA ILE A 75 -4.55 1.54 5.10
C ILE A 75 -3.19 1.14 5.66
N SER A 76 -2.48 0.32 4.89
CA SER A 76 -1.15 -0.13 5.31
C SER A 76 -0.09 0.89 4.93
N THR A 77 0.43 1.59 5.94
CA THR A 77 1.45 2.60 5.72
C THR A 77 2.84 2.03 5.96
N LEU A 78 3.75 2.28 5.02
CA LEU A 78 5.12 1.80 5.14
C LEU A 78 6.12 2.94 5.03
N THR A 79 6.67 3.34 6.17
CA THR A 79 7.65 4.43 6.21
C THR A 79 9.07 3.91 6.05
N ILE A 80 9.89 4.65 5.31
CA ILE A 80 11.28 4.25 5.09
C ILE A 80 12.24 5.32 5.61
N SER A 81 12.78 5.09 6.80
CA SER A 81 13.71 6.03 7.41
C SER A 81 14.94 6.22 6.52
N ASN A 82 15.35 7.48 6.36
CA ASN A 82 16.50 7.81 5.53
C ASN A 82 16.46 7.06 4.21
N ILE A 83 15.34 7.19 3.50
CA ILE A 83 15.17 6.53 2.22
C ILE A 83 16.40 6.73 1.32
N VAL A 84 16.66 5.75 0.47
CA VAL A 84 17.80 5.82 -0.44
C VAL A 84 17.36 5.69 -1.88
N ARG A 85 18.21 6.14 -2.81
CA ARG A 85 17.90 6.08 -4.23
C ARG A 85 17.45 4.68 -4.63
N ALA A 86 17.95 3.67 -3.90
CA ALA A 86 17.59 2.29 -4.18
C ALA A 86 16.11 2.04 -3.94
N ASP A 87 15.56 2.68 -2.91
CA ASP A 87 14.16 2.52 -2.57
C ASP A 87 13.27 2.88 -3.77
N PHE A 88 13.82 3.68 -4.68
CA PHE A 88 13.07 4.09 -5.87
C PHE A 88 13.17 3.04 -6.97
N GLN A 89 14.35 2.47 -7.14
CA GLN A 89 14.58 1.44 -8.15
C GLN A 89 13.93 0.12 -7.74
N THR A 90 13.79 -0.09 -6.43
CA THR A 90 13.19 -1.30 -5.90
C THR A 90 11.67 -1.25 -5.99
N ILE A 91 11.08 -2.30 -6.53
CA ILE A 91 9.62 -2.36 -6.66
C ILE A 91 8.97 -2.82 -5.37
N TYR A 92 7.91 -2.14 -4.97
CA TYR A 92 7.19 -2.48 -3.73
C TYR A 92 5.92 -3.24 -4.05
N ASN A 93 5.56 -4.16 -3.15
CA ASN A 93 4.35 -4.97 -3.33
C ASN A 93 3.68 -5.24 -1.98
N CYS A 94 2.41 -4.87 -1.89
CA CYS A 94 1.65 -5.08 -0.66
C CYS A 94 0.67 -6.23 -0.80
N THR A 95 0.84 -7.26 0.01
CA THR A 95 -0.04 -8.42 -0.03
C THR A 95 -0.82 -8.58 1.28
N ALA A 96 -2.11 -8.84 1.16
CA ALA A 96 -2.97 -9.01 2.32
C ALA A 96 -3.66 -10.36 2.30
N TRP A 97 -4.17 -10.78 3.45
CA TRP A 97 -4.86 -12.07 3.57
C TRP A 97 -6.10 -11.94 4.44
N ASN A 98 -7.24 -12.37 3.91
CA ASN A 98 -8.50 -12.30 4.64
C ASN A 98 -9.26 -13.62 4.53
N SER A 99 -10.22 -13.82 5.42
CA SER A 99 -11.02 -15.05 5.41
C SER A 99 -11.72 -15.23 4.08
N PHE A 100 -11.78 -14.16 3.29
CA PHE A 100 -12.43 -14.20 1.99
C PHE A 100 -11.44 -14.63 0.90
N GLY A 101 -10.29 -13.96 0.86
CA GLY A 101 -9.28 -14.29 -0.12
C GLY A 101 -7.99 -13.51 0.07
N SER A 102 -7.44 -12.99 -1.02
CA SER A 102 -6.20 -12.23 -0.95
C SER A 102 -6.06 -11.32 -2.17
N ASP A 103 -5.06 -10.46 -2.14
CA ASP A 103 -4.80 -9.54 -3.25
C ASP A 103 -3.43 -8.88 -3.12
N THR A 104 -2.93 -8.35 -4.22
CA THR A 104 -1.63 -7.69 -4.22
C THR A 104 -1.61 -6.51 -5.20
N GLU A 105 -0.63 -5.62 -5.02
CA GLU A 105 -0.51 -4.45 -5.88
C GLU A 105 0.94 -3.98 -5.95
N ILE A 106 1.35 -3.49 -7.11
CA ILE A 106 2.71 -3.01 -7.31
C ILE A 106 2.77 -1.49 -7.20
N ILE A 107 3.92 -0.99 -6.75
CA ILE A 107 4.12 0.46 -6.61
C ILE A 107 5.55 0.84 -6.91
N ARG A 108 5.74 1.54 -8.03
CA ARG A 108 7.08 1.99 -8.43
C ARG A 108 7.38 3.38 -7.89
N LEU A 109 8.08 3.43 -6.77
CA LEU A 109 8.44 4.70 -6.14
C LEU A 109 9.52 5.42 -6.95
N LYS A 110 9.20 6.62 -7.41
CA LYS A 110 10.15 7.41 -8.19
C LYS A 110 10.85 8.44 -7.31
N GLU A 111 12.10 8.76 -7.67
CA GLU A 111 12.88 9.73 -6.91
C GLU A 111 12.13 11.05 -6.78
N GLN A 112 11.68 11.59 -7.91
CA GLN A 112 10.96 12.85 -7.92
C GLN A 112 10.08 12.97 -9.16
N GLY A 113 9.05 13.81 -9.09
CA GLY A 113 8.17 13.99 -10.21
C GLY A 113 8.91 14.14 -11.53
N SER A 114 8.21 13.90 -12.63
CA SER A 114 8.82 13.99 -13.95
C SER A 114 7.76 14.26 -15.02
N GLU A 115 7.83 15.44 -15.63
CA GLU A 115 6.88 15.81 -16.67
C GLU A 115 6.60 14.64 -17.60
N MET A 116 5.31 14.33 -17.77
CA MET A 116 4.91 13.23 -18.63
C MET A 116 5.48 13.39 -20.03
N SER A 117 5.63 12.27 -20.74
CA SER A 117 6.18 12.29 -22.09
C SER A 117 5.35 11.41 -23.02
N GLY A 118 5.55 11.59 -24.33
CA GLY A 118 4.82 10.81 -25.30
C GLY A 118 4.16 11.66 -26.37
N PRO A 119 3.14 11.12 -27.03
CA PRO A 119 2.41 11.82 -28.08
C PRO A 119 1.57 12.99 -27.54
N SER A 120 1.04 12.80 -26.33
CA SER A 120 0.22 13.83 -25.70
C SER A 120 1.09 14.88 -25.03
N SER A 121 0.46 15.97 -24.60
CA SER A 121 1.18 17.06 -23.93
C SER A 121 0.57 17.35 -22.56
N GLY A 122 -0.75 17.47 -22.52
CA GLY A 122 -1.43 17.75 -21.28
C GLY A 122 -1.24 19.18 -20.82
N GLY A 1 -50.81 -8.55 3.34
CA GLY A 1 -50.16 -7.58 4.20
C GLY A 1 -48.95 -6.95 3.55
N SER A 2 -48.85 -5.62 3.68
CA SER A 2 -47.73 -4.89 3.09
C SER A 2 -46.43 -5.20 3.83
N SER A 3 -45.31 -4.88 3.20
CA SER A 3 -44.00 -5.12 3.79
C SER A 3 -43.13 -3.86 3.74
N GLY A 4 -43.08 -3.25 2.56
CA GLY A 4 -42.28 -2.04 2.41
C GLY A 4 -40.90 -2.32 1.87
N SER A 5 -39.93 -1.49 2.28
CA SER A 5 -38.56 -1.66 1.81
C SER A 5 -37.57 -1.34 2.94
N SER A 6 -36.55 -2.18 3.08
CA SER A 6 -35.54 -2.00 4.12
C SER A 6 -34.42 -3.03 3.96
N GLY A 7 -33.21 -2.52 3.73
CA GLY A 7 -32.06 -3.40 3.56
C GLY A 7 -30.74 -2.67 3.76
N THR A 8 -30.11 -2.91 4.91
CA THR A 8 -28.84 -2.28 5.22
C THR A 8 -27.79 -2.59 4.17
N LEU A 9 -27.36 -1.55 3.44
CA LEU A 9 -26.36 -1.72 2.40
C LEU A 9 -25.02 -2.15 2.99
N THR A 10 -24.50 -3.27 2.49
CA THR A 10 -23.23 -3.80 2.97
C THR A 10 -22.74 -4.95 2.09
N VAL A 11 -21.42 -5.11 2.01
CA VAL A 11 -20.83 -6.16 1.20
C VAL A 11 -19.56 -6.71 1.85
N ASN A 12 -19.41 -8.03 1.83
CA ASN A 12 -18.24 -8.68 2.41
C ASN A 12 -17.55 -9.58 1.40
N GLY A 13 -16.22 -9.55 1.39
CA GLY A 13 -15.47 -10.37 0.47
C GLY A 13 -13.97 -10.26 0.67
N PRO A 14 -13.20 -10.63 -0.35
CA PRO A 14 -11.73 -10.58 -0.29
C PRO A 14 -11.20 -9.15 -0.28
N PRO A 15 -9.93 -9.00 0.13
CA PRO A 15 -9.28 -7.69 0.19
C PRO A 15 -9.01 -7.10 -1.19
N ILE A 16 -9.40 -5.85 -1.39
CA ILE A 16 -9.21 -5.18 -2.66
C ILE A 16 -8.29 -3.97 -2.51
N ILE A 17 -7.07 -4.08 -3.02
CA ILE A 17 -6.11 -2.99 -2.95
C ILE A 17 -6.14 -2.12 -4.20
N SER A 18 -6.76 -0.96 -4.09
CA SER A 18 -6.87 -0.04 -5.23
C SER A 18 -5.50 0.51 -5.62
N SER A 19 -4.93 1.35 -4.76
CA SER A 19 -3.63 1.94 -5.01
C SER A 19 -3.17 2.78 -3.81
N THR A 20 -1.98 3.36 -3.93
CA THR A 20 -1.41 4.17 -2.86
C THR A 20 -1.66 5.66 -3.12
N GLN A 21 -1.29 6.49 -2.14
CA GLN A 21 -1.47 7.92 -2.27
C GLN A 21 -0.12 8.64 -2.28
N THR A 22 0.63 8.50 -1.18
CA THR A 22 1.92 9.14 -1.06
C THR A 22 2.65 9.15 -2.40
N GLN A 23 3.14 7.99 -2.83
CA GLN A 23 3.85 7.88 -4.09
C GLN A 23 4.74 9.10 -4.33
N HIS A 24 5.36 9.58 -3.26
CA HIS A 24 6.24 10.75 -3.34
C HIS A 24 7.18 10.82 -2.14
N ALA A 25 8.45 11.06 -2.41
CA ALA A 25 9.45 11.15 -1.35
C ALA A 25 10.66 11.97 -1.79
N LEU A 26 11.30 12.63 -0.84
CA LEU A 26 12.47 13.45 -1.13
C LEU A 26 13.71 12.92 -0.42
N HIS A 27 14.73 12.58 -1.20
CA HIS A 27 15.97 12.06 -0.64
C HIS A 27 16.35 12.79 0.65
N GLY A 28 16.02 12.20 1.78
CA GLY A 28 16.32 12.81 3.07
C GLY A 28 15.26 12.52 4.12
N GLU A 29 14.00 12.66 3.73
CA GLU A 29 12.90 12.40 4.65
C GLU A 29 12.46 10.95 4.60
N LYS A 30 11.54 10.57 5.48
CA LYS A 30 11.04 9.20 5.54
C LYS A 30 10.08 8.92 4.39
N GLY A 31 10.53 8.11 3.44
CA GLY A 31 9.70 7.77 2.29
C GLY A 31 8.51 6.91 2.67
N GLN A 32 7.45 7.55 3.16
CA GLN A 32 6.25 6.83 3.57
C GLN A 32 5.43 6.41 2.35
N ILE A 33 4.61 5.38 2.52
CA ILE A 33 3.78 4.87 1.44
C ILE A 33 2.41 4.44 1.96
N LYS A 34 1.39 5.23 1.64
CA LYS A 34 0.03 4.92 2.08
C LYS A 34 -0.71 4.10 1.02
N CYS A 35 -1.24 2.96 1.43
CA CYS A 35 -1.97 2.09 0.50
C CYS A 35 -3.46 2.08 0.83
N PHE A 36 -4.28 2.42 -0.15
CA PHE A 36 -5.73 2.45 0.04
C PHE A 36 -6.33 1.05 -0.14
N ILE A 37 -6.33 0.27 0.94
CA ILE A 37 -6.87 -1.08 0.91
C ILE A 37 -8.36 -1.08 1.23
N ARG A 38 -9.19 -1.21 0.20
CA ARG A 38 -10.63 -1.23 0.37
C ARG A 38 -11.12 -2.61 0.82
N SER A 39 -10.55 -3.10 1.92
CA SER A 39 -10.92 -4.40 2.45
C SER A 39 -12.03 -4.28 3.48
N THR A 40 -13.10 -5.06 3.29
CA THR A 40 -14.24 -5.02 4.19
C THR A 40 -14.95 -6.37 4.20
N PRO A 41 -14.76 -7.15 5.28
CA PRO A 41 -13.91 -6.74 6.40
C PRO A 41 -12.43 -6.71 6.02
N PRO A 42 -11.59 -6.14 6.90
CA PRO A 42 -10.15 -6.04 6.67
C PRO A 42 -9.46 -7.40 6.76
N PRO A 43 -8.24 -7.48 6.23
CA PRO A 43 -7.44 -8.71 6.24
C PRO A 43 -6.96 -9.08 7.64
N ASP A 44 -6.68 -10.36 7.85
CA ASP A 44 -6.21 -10.84 9.14
C ASP A 44 -4.69 -10.77 9.24
N ARG A 45 -4.04 -10.73 8.07
CA ARG A 45 -2.59 -10.66 8.01
C ARG A 45 -2.13 -9.91 6.77
N ILE A 46 -1.00 -9.20 6.89
CA ILE A 46 -0.45 -8.44 5.78
C ILE A 46 1.07 -8.53 5.74
N ALA A 47 1.62 -8.53 4.54
CA ALA A 47 3.07 -8.61 4.37
C ALA A 47 3.55 -7.64 3.30
N TRP A 48 4.56 -6.84 3.64
CA TRP A 48 5.11 -5.86 2.71
C TRP A 48 6.42 -6.34 2.13
N SER A 49 6.36 -6.94 0.94
CA SER A 49 7.55 -7.46 0.28
C SER A 49 7.77 -6.77 -1.07
N TRP A 50 8.98 -6.30 -1.30
CA TRP A 50 9.31 -5.62 -2.54
C TRP A 50 9.98 -6.57 -3.53
N LYS A 51 11.23 -6.92 -3.25
CA LYS A 51 11.97 -7.84 -4.12
C LYS A 51 12.05 -9.23 -3.49
N GLU A 52 12.78 -9.33 -2.38
CA GLU A 52 12.94 -10.61 -1.69
C GLU A 52 12.61 -10.46 -0.21
N ASN A 53 12.77 -9.26 0.32
CA ASN A 53 12.48 -8.99 1.72
C ASN A 53 10.98 -8.94 1.97
N VAL A 54 10.58 -9.22 3.20
CA VAL A 54 9.18 -9.21 3.57
C VAL A 54 8.98 -8.69 4.99
N LEU A 55 8.19 -7.63 5.13
CA LEU A 55 7.92 -7.03 6.44
C LEU A 55 6.42 -7.08 6.76
N GLU A 56 6.06 -7.89 7.75
CA GLU A 56 4.67 -8.02 8.15
C GLU A 56 4.30 -6.96 9.18
N SER A 57 5.20 -6.75 10.14
CA SER A 57 4.96 -5.76 11.20
C SER A 57 6.23 -5.51 12.00
N GLY A 58 6.51 -4.24 12.28
CA GLY A 58 7.70 -3.90 13.04
C GLY A 58 8.66 -3.03 12.25
N THR A 59 9.87 -2.86 12.77
CA THR A 59 10.88 -2.04 12.11
C THR A 59 12.08 -2.88 11.69
N SER A 60 12.16 -3.16 10.39
CA SER A 60 13.25 -3.97 9.86
C SER A 60 14.31 -3.08 9.20
N GLY A 61 15.37 -2.77 9.94
CA GLY A 61 16.43 -1.94 9.42
C GLY A 61 15.94 -0.56 9.04
N ARG A 62 15.68 -0.35 7.75
CA ARG A 62 15.21 0.93 7.26
C ARG A 62 13.78 0.82 6.71
N TYR A 63 12.93 0.11 7.45
CA TYR A 63 11.54 -0.08 7.05
C TYR A 63 10.63 -0.25 8.25
N THR A 64 9.47 0.38 8.21
CA THR A 64 8.51 0.30 9.31
C THR A 64 7.09 0.19 8.78
N VAL A 65 6.45 -0.96 9.01
CA VAL A 65 5.09 -1.19 8.56
C VAL A 65 4.09 -0.78 9.63
N GLU A 66 3.01 -0.13 9.20
CA GLU A 66 1.97 0.32 10.13
C GLU A 66 0.60 0.32 9.45
N THR A 67 -0.26 -0.59 9.88
CA THR A 67 -1.60 -0.70 9.32
C THR A 67 -2.59 0.16 10.09
N ILE A 68 -3.65 0.60 9.41
CA ILE A 68 -4.67 1.42 10.04
C ILE A 68 -6.06 1.07 9.53
N SER A 69 -7.08 1.42 10.30
CA SER A 69 -8.46 1.14 9.91
C SER A 69 -9.20 2.42 9.54
N THR A 70 -9.72 2.44 8.32
CA THR A 70 -10.46 3.61 7.84
C THR A 70 -11.92 3.27 7.58
N GLU A 71 -12.73 4.30 7.33
CA GLU A 71 -14.15 4.11 7.07
C GLU A 71 -14.36 3.33 5.78
N GLU A 72 -13.49 3.56 4.81
CA GLU A 72 -13.58 2.89 3.51
C GLU A 72 -13.00 1.47 3.60
N GLY A 73 -12.24 1.21 4.67
CA GLY A 73 -11.65 -0.10 4.85
C GLY A 73 -10.42 -0.06 5.74
N VAL A 74 -9.25 -0.16 5.13
CA VAL A 74 -7.99 -0.14 5.88
C VAL A 74 -6.87 0.50 5.06
N ILE A 75 -5.73 0.70 5.69
CA ILE A 75 -4.58 1.29 5.02
C ILE A 75 -3.27 0.82 5.64
N SER A 76 -2.34 0.38 4.79
CA SER A 76 -1.06 -0.12 5.26
C SER A 76 0.06 0.86 4.89
N THR A 77 0.53 1.62 5.88
CA THR A 77 1.59 2.60 5.67
C THR A 77 2.96 1.99 5.93
N LEU A 78 3.89 2.23 5.02
CA LEU A 78 5.25 1.70 5.17
C LEU A 78 6.27 2.84 5.17
N THR A 79 6.84 3.11 6.35
CA THR A 79 7.83 4.16 6.48
C THR A 79 9.23 3.64 6.21
N ILE A 80 10.06 4.46 5.58
CA ILE A 80 11.43 4.08 5.26
C ILE A 80 12.43 5.08 5.82
N SER A 81 13.15 4.68 6.87
CA SER A 81 14.13 5.55 7.51
C SER A 81 15.29 5.85 6.55
N ASN A 82 15.71 7.10 6.51
CA ASN A 82 16.81 7.51 5.65
C ASN A 82 16.69 6.84 4.28
N ILE A 83 15.54 7.01 3.64
CA ILE A 83 15.31 6.43 2.32
C ILE A 83 16.47 6.73 1.38
N VAL A 84 16.78 5.77 0.51
CA VAL A 84 17.86 5.93 -0.45
C VAL A 84 17.35 5.81 -1.89
N ARG A 85 18.05 6.45 -2.81
CA ARG A 85 17.66 6.41 -4.22
C ARG A 85 17.21 5.01 -4.62
N ALA A 86 17.86 4.00 -4.07
CA ALA A 86 17.52 2.61 -4.37
C ALA A 86 16.03 2.36 -4.14
N ASP A 87 15.52 2.84 -3.01
CA ASP A 87 14.12 2.67 -2.67
C ASP A 87 13.23 2.88 -3.90
N PHE A 88 13.66 3.78 -4.78
CA PHE A 88 12.90 4.07 -5.99
C PHE A 88 13.08 2.97 -7.03
N GLN A 89 14.30 2.47 -7.16
CA GLN A 89 14.60 1.41 -8.11
C GLN A 89 13.94 0.09 -7.69
N THR A 90 13.83 -0.11 -6.39
CA THR A 90 13.23 -1.32 -5.84
C THR A 90 11.72 -1.32 -6.05
N ILE A 91 11.16 -2.49 -6.34
CA ILE A 91 9.73 -2.63 -6.55
C ILE A 91 9.02 -3.05 -5.28
N TYR A 92 8.04 -2.23 -4.86
CA TYR A 92 7.29 -2.52 -3.65
C TYR A 92 5.99 -3.26 -3.97
N ASN A 93 5.56 -4.12 -3.05
CA ASN A 93 4.35 -4.90 -3.24
C ASN A 93 3.69 -5.21 -1.90
N CYS A 94 2.41 -4.92 -1.80
CA CYS A 94 1.65 -5.18 -0.56
C CYS A 94 0.68 -6.33 -0.75
N THR A 95 0.77 -7.33 0.12
CA THR A 95 -0.10 -8.49 0.04
C THR A 95 -0.95 -8.62 1.30
N ALA A 96 -2.23 -8.95 1.12
CA ALA A 96 -3.15 -9.11 2.24
C ALA A 96 -3.71 -10.52 2.30
N TRP A 97 -4.25 -10.89 3.45
CA TRP A 97 -4.83 -12.22 3.63
C TRP A 97 -6.07 -12.17 4.52
N ASN A 98 -7.20 -12.56 3.98
CA ASN A 98 -8.46 -12.56 4.73
C ASN A 98 -9.20 -13.88 4.55
N SER A 99 -10.03 -14.22 5.54
CA SER A 99 -10.80 -15.46 5.49
C SER A 99 -11.43 -15.66 4.12
N PHE A 100 -11.63 -14.55 3.41
CA PHE A 100 -12.24 -14.60 2.08
C PHE A 100 -11.21 -15.00 1.03
N GLY A 101 -10.08 -14.29 1.01
CA GLY A 101 -9.04 -14.59 0.06
C GLY A 101 -7.79 -13.74 0.27
N SER A 102 -7.31 -13.12 -0.80
CA SER A 102 -6.12 -12.29 -0.72
C SER A 102 -5.95 -11.46 -1.99
N ASP A 103 -5.05 -10.49 -1.93
CA ASP A 103 -4.80 -9.61 -3.09
C ASP A 103 -3.42 -8.97 -2.98
N THR A 104 -2.97 -8.36 -4.08
CA THR A 104 -1.66 -7.71 -4.11
C THR A 104 -1.66 -6.53 -5.08
N GLU A 105 -0.68 -5.65 -4.93
CA GLU A 105 -0.56 -4.49 -5.79
C GLU A 105 0.90 -4.04 -5.91
N ILE A 106 1.27 -3.59 -7.10
CA ILE A 106 2.63 -3.13 -7.35
C ILE A 106 2.74 -1.63 -7.23
N ILE A 107 3.74 -1.16 -6.49
CA ILE A 107 3.95 0.27 -6.30
C ILE A 107 5.41 0.64 -6.50
N ARG A 108 5.66 1.57 -7.41
CA ARG A 108 7.01 2.02 -7.70
C ARG A 108 7.22 3.47 -7.25
N LEU A 109 7.77 3.64 -6.06
CA LEU A 109 8.02 4.96 -5.51
C LEU A 109 8.91 5.78 -6.45
N LYS A 110 8.58 7.06 -6.60
CA LYS A 110 9.35 7.95 -7.47
C LYS A 110 9.75 9.22 -6.72
N GLU A 111 10.54 10.06 -7.38
CA GLU A 111 11.00 11.31 -6.78
C GLU A 111 9.81 12.13 -6.26
N GLN A 112 8.72 12.12 -7.01
CA GLN A 112 7.53 12.86 -6.63
C GLN A 112 6.34 12.46 -7.50
N GLY A 113 5.14 12.76 -7.02
CA GLY A 113 3.94 12.43 -7.76
C GLY A 113 3.56 13.50 -8.77
N SER A 114 4.50 13.85 -9.63
CA SER A 114 4.26 14.88 -10.65
C SER A 114 3.53 14.29 -11.84
N GLU A 115 4.01 13.15 -12.33
CA GLU A 115 3.39 12.49 -13.47
C GLU A 115 3.04 11.04 -13.14
N MET A 116 1.88 10.60 -13.62
CA MET A 116 1.43 9.23 -13.37
C MET A 116 2.38 8.22 -14.00
N SER A 117 3.27 7.66 -13.17
CA SER A 117 4.25 6.69 -13.64
C SER A 117 3.62 5.30 -13.76
N GLY A 118 3.91 4.61 -14.85
CA GLY A 118 3.36 3.28 -15.06
C GLY A 118 3.22 2.93 -16.53
N PRO A 119 2.74 1.72 -16.81
CA PRO A 119 2.54 1.24 -18.19
C PRO A 119 1.41 1.96 -18.90
N SER A 120 1.72 3.12 -19.47
CA SER A 120 0.72 3.91 -20.18
C SER A 120 0.44 3.32 -21.56
N SER A 121 -0.54 2.44 -21.64
CA SER A 121 -0.91 1.80 -22.90
C SER A 121 0.29 1.10 -23.51
N GLY A 122 1.25 0.72 -22.67
CA GLY A 122 2.44 0.04 -23.16
C GLY A 122 2.61 -1.33 -22.55
N GLY A 1 -25.17 9.32 -19.15
CA GLY A 1 -25.53 8.92 -17.81
C GLY A 1 -26.77 8.04 -17.78
N SER A 2 -27.74 8.43 -16.95
CA SER A 2 -28.98 7.67 -16.82
C SER A 2 -28.70 6.26 -16.32
N SER A 3 -27.81 6.15 -15.35
CA SER A 3 -27.45 4.84 -14.79
C SER A 3 -28.64 4.23 -14.05
N GLY A 4 -29.22 5.00 -13.12
CA GLY A 4 -30.35 4.52 -12.36
C GLY A 4 -29.95 3.51 -11.31
N SER A 5 -30.09 3.89 -10.03
CA SER A 5 -29.72 3.01 -8.93
C SER A 5 -30.43 3.44 -7.64
N SER A 6 -30.86 2.46 -6.86
CA SER A 6 -31.55 2.73 -5.60
C SER A 6 -30.55 2.95 -4.47
N GLY A 7 -29.48 3.67 -4.77
CA GLY A 7 -28.47 3.95 -3.77
C GLY A 7 -27.33 2.95 -3.80
N THR A 8 -26.99 2.40 -2.63
CA THR A 8 -25.91 1.43 -2.52
C THR A 8 -26.19 0.42 -1.42
N LEU A 9 -25.46 -0.69 -1.45
CA LEU A 9 -25.63 -1.75 -0.44
C LEU A 9 -24.28 -2.32 -0.02
N THR A 10 -24.09 -2.49 1.27
CA THR A 10 -22.85 -3.03 1.81
C THR A 10 -22.54 -4.39 1.19
N VAL A 11 -21.26 -4.76 1.18
CA VAL A 11 -20.83 -6.03 0.62
C VAL A 11 -19.67 -6.62 1.42
N ASN A 12 -19.57 -7.94 1.43
CA ASN A 12 -18.51 -8.63 2.15
C ASN A 12 -17.76 -9.59 1.23
N GLY A 13 -16.45 -9.36 1.09
CA GLY A 13 -15.64 -10.22 0.24
C GLY A 13 -14.16 -10.12 0.56
N PRO A 14 -13.32 -10.47 -0.41
CA PRO A 14 -11.86 -10.45 -0.24
C PRO A 14 -11.32 -9.01 -0.17
N PRO A 15 -10.08 -8.88 0.32
CA PRO A 15 -9.43 -7.57 0.46
C PRO A 15 -9.07 -6.96 -0.89
N ILE A 16 -9.44 -5.70 -1.07
CA ILE A 16 -9.16 -4.99 -2.31
C ILE A 16 -8.11 -3.91 -2.11
N ILE A 17 -7.14 -3.85 -3.02
CA ILE A 17 -6.08 -2.86 -2.93
C ILE A 17 -6.08 -1.95 -4.16
N SER A 18 -6.69 -0.78 -4.02
CA SER A 18 -6.76 0.18 -5.12
C SER A 18 -5.36 0.64 -5.53
N SER A 19 -4.73 1.43 -4.66
CA SER A 19 -3.40 1.94 -4.93
C SER A 19 -2.84 2.66 -3.71
N THR A 20 -1.61 3.16 -3.83
CA THR A 20 -0.96 3.86 -2.74
C THR A 20 -0.81 5.35 -3.05
N GLN A 21 -0.59 6.15 -2.01
CA GLN A 21 -0.44 7.59 -2.17
C GLN A 21 1.00 8.01 -1.91
N THR A 22 1.94 7.30 -2.52
CA THR A 22 3.36 7.59 -2.35
C THR A 22 3.64 9.08 -2.57
N GLN A 23 4.89 9.48 -2.35
CA GLN A 23 5.27 10.87 -2.52
C GLN A 23 6.61 10.98 -3.25
N HIS A 24 7.07 12.21 -3.47
CA HIS A 24 8.33 12.44 -4.16
C HIS A 24 9.51 12.28 -3.20
N ALA A 25 9.45 11.25 -2.37
CA ALA A 25 10.50 10.98 -1.40
C ALA A 25 11.88 11.23 -2.02
N LEU A 26 12.82 11.67 -1.19
CA LEU A 26 14.18 11.95 -1.66
C LEU A 26 15.21 11.44 -0.65
N HIS A 27 16.48 11.61 -1.00
CA HIS A 27 17.57 11.17 -0.12
C HIS A 27 17.56 11.96 1.20
N GLY A 28 16.76 11.50 2.15
CA GLY A 28 16.67 12.17 3.43
C GLY A 28 15.38 11.89 4.15
N GLU A 29 14.31 12.56 3.72
CA GLU A 29 13.00 12.38 4.33
C GLU A 29 12.61 10.91 4.37
N LYS A 30 11.45 10.62 4.94
CA LYS A 30 10.96 9.25 5.04
C LYS A 30 9.93 8.96 3.95
N GLY A 31 10.24 7.99 3.09
CA GLY A 31 9.33 7.64 2.02
C GLY A 31 8.13 6.85 2.53
N GLN A 32 7.05 7.56 2.85
CA GLN A 32 5.84 6.92 3.35
C GLN A 32 4.97 6.43 2.20
N ILE A 33 4.39 5.24 2.36
CA ILE A 33 3.54 4.67 1.32
C ILE A 33 2.18 4.26 1.90
N LYS A 34 1.18 5.10 1.72
CA LYS A 34 -0.16 4.82 2.22
C LYS A 34 -0.96 4.02 1.20
N CYS A 35 -1.14 2.73 1.47
CA CYS A 35 -1.89 1.85 0.59
C CYS A 35 -3.38 1.90 0.90
N PHE A 36 -4.16 2.42 -0.04
CA PHE A 36 -5.61 2.52 0.14
C PHE A 36 -6.27 1.15 0.00
N ILE A 37 -6.30 0.40 1.10
CA ILE A 37 -6.92 -0.92 1.09
C ILE A 37 -8.40 -0.85 1.40
N ARG A 38 -9.23 -0.97 0.37
CA ARG A 38 -10.67 -0.92 0.53
C ARG A 38 -11.23 -2.30 0.85
N SER A 39 -10.64 -2.97 1.83
CA SER A 39 -11.07 -4.30 2.23
C SER A 39 -12.22 -4.21 3.24
N THR A 40 -13.27 -4.99 3.00
CA THR A 40 -14.43 -5.00 3.89
C THR A 40 -15.11 -6.37 3.90
N PRO A 41 -14.90 -7.12 4.98
CA PRO A 41 -14.08 -6.68 6.12
C PRO A 41 -12.60 -6.61 5.76
N PRO A 42 -11.81 -5.97 6.64
CA PRO A 42 -10.36 -5.83 6.44
C PRO A 42 -9.62 -7.15 6.59
N PRO A 43 -8.41 -7.22 6.02
CA PRO A 43 -7.58 -8.42 6.07
C PRO A 43 -7.04 -8.69 7.47
N ASP A 44 -6.72 -9.95 7.75
CA ASP A 44 -6.19 -10.34 9.05
C ASP A 44 -4.67 -10.36 9.03
N ARG A 45 -4.10 -10.77 7.90
CA ARG A 45 -2.65 -10.84 7.75
C ARG A 45 -2.17 -9.94 6.61
N ILE A 46 -0.97 -9.40 6.75
CA ILE A 46 -0.41 -8.53 5.73
C ILE A 46 1.12 -8.59 5.74
N ALA A 47 1.72 -8.42 4.58
CA ALA A 47 3.17 -8.46 4.44
C ALA A 47 3.65 -7.54 3.32
N TRP A 48 4.72 -6.80 3.59
CA TRP A 48 5.27 -5.88 2.59
C TRP A 48 6.56 -6.44 2.00
N SER A 49 6.45 -7.07 0.84
CA SER A 49 7.62 -7.65 0.17
C SER A 49 7.87 -6.96 -1.16
N TRP A 50 9.14 -6.65 -1.43
CA TRP A 50 9.51 -5.99 -2.69
C TRP A 50 10.27 -6.95 -3.60
N LYS A 51 11.45 -7.38 -3.16
CA LYS A 51 12.27 -8.30 -3.93
C LYS A 51 12.37 -9.65 -3.24
N GLU A 52 13.13 -9.70 -2.16
CA GLU A 52 13.31 -10.94 -1.40
C GLU A 52 12.93 -10.75 0.06
N ASN A 53 12.90 -9.50 0.50
CA ASN A 53 12.56 -9.17 1.88
C ASN A 53 11.04 -9.17 2.08
N VAL A 54 10.62 -9.21 3.34
CA VAL A 54 9.21 -9.22 3.67
C VAL A 54 8.96 -8.66 5.07
N LEU A 55 8.33 -7.48 5.12
CA LEU A 55 8.04 -6.84 6.40
C LEU A 55 6.56 -6.95 6.74
N GLU A 56 6.25 -7.73 7.77
CA GLU A 56 4.87 -7.91 8.20
C GLU A 56 4.43 -6.79 9.13
N SER A 57 5.23 -6.56 10.18
CA SER A 57 4.93 -5.51 11.14
C SER A 57 6.14 -5.19 12.00
N GLY A 58 6.32 -3.91 12.32
CA GLY A 58 7.45 -3.50 13.14
C GLY A 58 8.44 -2.65 12.37
N THR A 59 9.70 -2.66 12.80
CA THR A 59 10.74 -1.87 12.15
C THR A 59 11.97 -2.72 11.86
N SER A 60 12.16 -3.07 10.59
CA SER A 60 13.31 -3.87 10.19
C SER A 60 14.27 -3.06 9.33
N GLY A 61 15.50 -2.92 9.82
CA GLY A 61 16.49 -2.16 9.08
C GLY A 61 16.09 -0.72 8.86
N ARG A 62 15.56 -0.44 7.66
CA ARG A 62 15.13 0.92 7.32
C ARG A 62 13.70 0.92 6.80
N TYR A 63 12.85 0.09 7.41
CA TYR A 63 11.46 -0.01 7.00
C TYR A 63 10.54 -0.16 8.21
N THR A 64 9.38 0.48 8.15
CA THR A 64 8.41 0.43 9.24
C THR A 64 7.00 0.25 8.71
N VAL A 65 6.40 -0.89 9.01
CA VAL A 65 5.03 -1.19 8.57
C VAL A 65 4.02 -0.81 9.64
N GLU A 66 2.91 -0.23 9.21
CA GLU A 66 1.86 0.18 10.14
C GLU A 66 0.49 0.15 9.46
N THR A 67 -0.39 -0.71 9.95
CA THR A 67 -1.73 -0.84 9.39
C THR A 67 -2.76 -0.12 10.24
N ILE A 68 -3.68 0.57 9.59
CA ILE A 68 -4.73 1.31 10.30
C ILE A 68 -6.12 0.93 9.78
N SER A 69 -7.15 1.36 10.50
CA SER A 69 -8.52 1.07 10.11
C SER A 69 -9.22 2.33 9.61
N THR A 70 -9.70 2.28 8.38
CA THR A 70 -10.39 3.42 7.78
C THR A 70 -11.84 3.07 7.44
N GLU A 71 -12.68 4.09 7.33
CA GLU A 71 -14.09 3.89 7.00
C GLU A 71 -14.24 3.08 5.73
N GLU A 72 -13.29 3.23 4.81
CA GLU A 72 -13.32 2.52 3.55
C GLU A 72 -12.75 1.11 3.69
N GLY A 73 -12.06 0.87 4.81
CA GLY A 73 -11.47 -0.43 5.06
C GLY A 73 -10.24 -0.35 5.95
N VAL A 74 -9.07 -0.38 5.33
CA VAL A 74 -7.81 -0.30 6.08
C VAL A 74 -6.73 0.41 5.26
N ILE A 75 -5.60 0.67 5.90
CA ILE A 75 -4.49 1.34 5.24
C ILE A 75 -3.15 0.90 5.84
N SER A 76 -2.31 0.29 5.01
CA SER A 76 -0.99 -0.16 5.46
C SER A 76 0.09 0.81 5.03
N THR A 77 0.41 1.75 5.92
CA THR A 77 1.44 2.75 5.64
C THR A 77 2.83 2.21 5.95
N LEU A 78 3.75 2.38 5.01
CA LEU A 78 5.12 1.91 5.19
C LEU A 78 6.10 3.08 5.21
N THR A 79 6.73 3.29 6.36
CA THR A 79 7.70 4.37 6.51
C THR A 79 9.13 3.87 6.32
N ILE A 80 9.86 4.54 5.44
CA ILE A 80 11.25 4.16 5.16
C ILE A 80 12.22 5.21 5.69
N SER A 81 12.99 4.84 6.71
CA SER A 81 13.96 5.74 7.31
C SER A 81 15.14 5.98 6.37
N ASN A 82 15.65 7.21 6.37
CA ASN A 82 16.77 7.57 5.51
C ASN A 82 16.70 6.83 4.18
N ILE A 83 15.57 6.95 3.49
CA ILE A 83 15.37 6.29 2.21
C ILE A 83 16.56 6.54 1.28
N VAL A 84 16.84 5.58 0.42
CA VAL A 84 17.94 5.70 -0.54
C VAL A 84 17.45 5.55 -1.98
N ARG A 85 18.12 6.22 -2.89
CA ARG A 85 17.76 6.16 -4.30
C ARG A 85 17.30 4.76 -4.69
N ALA A 86 17.99 3.76 -4.17
CA ALA A 86 17.66 2.36 -4.46
C ALA A 86 16.17 2.10 -4.26
N ASP A 87 15.64 2.59 -3.15
CA ASP A 87 14.23 2.41 -2.83
C ASP A 87 13.36 2.67 -4.06
N PHE A 88 13.82 3.59 -4.91
CA PHE A 88 13.09 3.94 -6.12
C PHE A 88 13.19 2.82 -7.16
N GLN A 89 14.38 2.28 -7.33
CA GLN A 89 14.61 1.21 -8.29
C GLN A 89 13.91 -0.07 -7.85
N THR A 90 13.80 -0.26 -6.54
CA THR A 90 13.15 -1.44 -5.98
C THR A 90 11.63 -1.37 -6.14
N ILE A 91 11.02 -2.50 -6.45
CA ILE A 91 9.58 -2.56 -6.61
C ILE A 91 8.89 -3.04 -5.35
N TYR A 92 7.96 -2.24 -4.85
CA TYR A 92 7.22 -2.59 -3.63
C TYR A 92 5.91 -3.28 -3.96
N ASN A 93 5.47 -4.17 -3.08
CA ASN A 93 4.22 -4.90 -3.28
C ASN A 93 3.56 -5.22 -1.94
N CYS A 94 2.33 -4.74 -1.76
CA CYS A 94 1.59 -4.99 -0.53
C CYS A 94 0.60 -6.12 -0.71
N THR A 95 0.86 -7.24 -0.02
CA THR A 95 -0.01 -8.41 -0.10
C THR A 95 -0.73 -8.65 1.22
N ALA A 96 -2.01 -8.99 1.13
CA ALA A 96 -2.81 -9.25 2.32
C ALA A 96 -3.41 -10.65 2.29
N TRP A 97 -4.15 -11.00 3.33
CA TRP A 97 -4.79 -12.31 3.41
C TRP A 97 -5.99 -12.28 4.35
N ASN A 98 -7.16 -12.58 3.81
CA ASN A 98 -8.39 -12.58 4.60
C ASN A 98 -9.15 -13.88 4.42
N SER A 99 -10.07 -14.16 5.34
CA SER A 99 -10.87 -15.39 5.27
C SER A 99 -11.54 -15.53 3.90
N PHE A 100 -11.68 -14.40 3.20
CA PHE A 100 -12.31 -14.40 1.89
C PHE A 100 -11.30 -14.78 0.81
N GLY A 101 -10.20 -14.03 0.74
CA GLY A 101 -9.19 -14.32 -0.25
C GLY A 101 -7.92 -13.49 -0.03
N SER A 102 -7.34 -13.01 -1.12
CA SER A 102 -6.12 -12.21 -1.04
C SER A 102 -6.00 -11.26 -2.23
N ASP A 103 -5.00 -10.40 -2.20
CA ASP A 103 -4.77 -9.45 -3.28
C ASP A 103 -3.41 -8.78 -3.14
N THR A 104 -2.88 -8.27 -4.25
CA THR A 104 -1.59 -7.60 -4.25
C THR A 104 -1.56 -6.45 -5.24
N GLU A 105 -0.82 -5.40 -4.90
CA GLU A 105 -0.71 -4.23 -5.77
C GLU A 105 0.73 -3.78 -5.90
N ILE A 106 1.18 -3.58 -7.13
CA ILE A 106 2.55 -3.15 -7.39
C ILE A 106 2.67 -1.63 -7.29
N ILE A 107 3.78 -1.17 -6.73
CA ILE A 107 4.02 0.26 -6.57
C ILE A 107 5.47 0.61 -6.89
N ARG A 108 5.66 1.63 -7.72
CA ARG A 108 7.00 2.06 -8.10
C ARG A 108 7.29 3.47 -7.59
N LEU A 109 8.01 3.55 -6.49
CA LEU A 109 8.35 4.84 -5.89
C LEU A 109 9.32 5.61 -6.78
N LYS A 110 8.77 6.41 -7.69
CA LYS A 110 9.59 7.21 -8.60
C LYS A 110 10.08 8.48 -7.92
N GLU A 111 11.27 8.92 -8.31
CA GLU A 111 11.87 10.13 -7.72
C GLU A 111 10.94 11.33 -7.90
N GLN A 112 11.41 12.49 -7.47
CA GLN A 112 10.62 13.72 -7.58
C GLN A 112 10.46 14.13 -9.03
N GLY A 113 11.29 13.56 -9.91
CA GLY A 113 11.22 13.89 -11.32
C GLY A 113 12.22 13.11 -12.15
N SER A 114 13.51 13.39 -11.95
CA SER A 114 14.57 12.72 -12.69
C SER A 114 14.21 11.26 -12.93
N GLU A 115 14.28 10.85 -14.19
CA GLU A 115 13.95 9.47 -14.56
C GLU A 115 14.90 8.96 -15.64
N MET A 116 15.36 7.72 -15.50
CA MET A 116 16.26 7.11 -16.46
C MET A 116 15.94 7.58 -17.88
N SER A 117 16.98 7.83 -18.66
CA SER A 117 16.81 8.29 -20.04
C SER A 117 15.98 7.29 -20.85
N GLY A 118 14.81 7.74 -21.32
CA GLY A 118 13.95 6.87 -22.10
C GLY A 118 12.48 7.09 -21.79
N PRO A 119 11.62 6.23 -22.35
CA PRO A 119 10.18 6.32 -22.15
C PRO A 119 9.76 5.96 -20.73
N SER A 120 8.64 6.52 -20.28
CA SER A 120 8.13 6.26 -18.94
C SER A 120 7.65 4.82 -18.80
N SER A 121 8.25 4.08 -17.88
CA SER A 121 7.88 2.68 -17.66
C SER A 121 6.43 2.58 -17.21
N GLY A 122 5.94 1.34 -17.11
CA GLY A 122 4.57 1.11 -16.70
C GLY A 122 3.98 -0.14 -17.32
N GLY A 1 -44.31 4.80 -13.89
CA GLY A 1 -43.48 4.71 -12.69
C GLY A 1 -43.75 3.42 -11.91
N SER A 2 -42.87 3.13 -10.96
CA SER A 2 -43.00 1.92 -10.15
C SER A 2 -42.34 2.11 -8.78
N SER A 3 -42.61 1.18 -7.87
CA SER A 3 -42.05 1.24 -6.53
C SER A 3 -40.63 0.69 -6.51
N GLY A 4 -39.75 1.36 -5.78
CA GLY A 4 -38.37 0.92 -5.69
C GLY A 4 -37.39 2.07 -5.70
N SER A 5 -36.26 1.92 -5.00
CA SER A 5 -35.25 2.95 -4.94
C SER A 5 -33.86 2.35 -5.03
N SER A 6 -32.91 3.13 -5.57
CA SER A 6 -31.54 2.68 -5.71
C SER A 6 -30.68 3.09 -4.52
N GLY A 7 -29.64 2.33 -4.25
CA GLY A 7 -28.76 2.64 -3.14
C GLY A 7 -27.50 1.79 -3.13
N THR A 8 -26.57 2.12 -2.24
CA THR A 8 -25.32 1.39 -2.14
C THR A 8 -25.30 0.49 -0.92
N LEU A 9 -25.76 -0.75 -1.09
CA LEU A 9 -25.79 -1.71 0.01
C LEU A 9 -24.40 -2.27 0.29
N THR A 10 -24.16 -2.62 1.55
CA THR A 10 -22.87 -3.16 1.96
C THR A 10 -22.59 -4.49 1.26
N VAL A 11 -21.31 -4.82 1.11
CA VAL A 11 -20.92 -6.07 0.47
C VAL A 11 -19.66 -6.65 1.11
N ASN A 12 -19.54 -7.97 1.08
CA ASN A 12 -18.39 -8.65 1.66
C ASN A 12 -17.57 -9.36 0.58
N GLY A 13 -16.30 -9.62 0.90
CA GLY A 13 -15.43 -10.29 -0.06
C GLY A 13 -13.98 -10.21 0.33
N PRO A 14 -13.08 -10.51 -0.63
CA PRO A 14 -11.63 -10.47 -0.40
C PRO A 14 -11.11 -9.05 -0.21
N PRO A 15 -9.86 -8.95 0.25
CA PRO A 15 -9.21 -7.66 0.48
C PRO A 15 -8.90 -6.92 -0.82
N ILE A 16 -9.32 -5.67 -0.90
CA ILE A 16 -9.09 -4.85 -2.09
C ILE A 16 -8.03 -3.80 -1.83
N ILE A 17 -7.21 -3.52 -2.85
CA ILE A 17 -6.15 -2.53 -2.74
C ILE A 17 -6.11 -1.62 -3.96
N SER A 18 -6.76 -0.47 -3.85
CA SER A 18 -6.81 0.49 -4.94
C SER A 18 -5.41 0.95 -5.32
N SER A 19 -4.79 1.75 -4.45
CA SER A 19 -3.45 2.26 -4.70
C SER A 19 -2.94 3.04 -3.50
N THR A 20 -1.76 3.64 -3.65
CA THR A 20 -1.15 4.43 -2.58
C THR A 20 -0.99 5.89 -2.99
N GLN A 21 -1.13 6.79 -2.03
CA GLN A 21 -1.00 8.21 -2.29
C GLN A 21 0.46 8.58 -2.57
N THR A 22 1.29 8.51 -1.54
CA THR A 22 2.70 8.84 -1.68
C THR A 22 3.34 8.07 -2.83
N GLN A 23 3.63 8.78 -3.92
CA GLN A 23 4.24 8.17 -5.09
C GLN A 23 5.66 8.67 -5.29
N HIS A 24 5.91 9.92 -4.89
CA HIS A 24 7.23 10.53 -5.03
C HIS A 24 7.82 10.87 -3.66
N ALA A 25 8.96 10.29 -3.35
CA ALA A 25 9.63 10.54 -2.07
C ALA A 25 10.95 11.28 -2.27
N LEU A 26 11.14 12.35 -1.52
CA LEU A 26 12.36 13.15 -1.61
C LEU A 26 13.49 12.51 -0.82
N HIS A 27 14.62 12.28 -1.48
CA HIS A 27 15.78 11.68 -0.83
C HIS A 27 16.11 12.41 0.46
N GLY A 28 15.67 11.85 1.58
CA GLY A 28 15.93 12.46 2.87
C GLY A 28 14.80 12.25 3.85
N GLU A 29 13.58 12.57 3.42
CA GLU A 29 12.41 12.42 4.28
C GLU A 29 12.04 10.94 4.45
N LYS A 30 11.11 10.68 5.34
CA LYS A 30 10.67 9.31 5.61
C LYS A 30 9.76 8.80 4.48
N GLY A 31 10.31 7.96 3.62
CA GLY A 31 9.54 7.41 2.52
C GLY A 31 8.30 6.67 2.99
N GLN A 32 7.18 7.39 3.06
CA GLN A 32 5.92 6.79 3.51
C GLN A 32 5.06 6.41 2.31
N ILE A 33 4.35 5.30 2.44
CA ILE A 33 3.47 4.82 1.37
C ILE A 33 2.12 4.41 1.91
N LYS A 34 1.18 5.34 1.91
CA LYS A 34 -0.17 5.07 2.40
C LYS A 34 -1.02 4.42 1.32
N CYS A 35 -1.36 3.15 1.52
CA CYS A 35 -2.18 2.41 0.56
C CYS A 35 -3.66 2.55 0.88
N PHE A 36 -4.50 2.38 -0.14
CA PHE A 36 -5.94 2.49 0.04
C PHE A 36 -6.60 1.12 -0.08
N ILE A 37 -6.69 0.42 1.05
CA ILE A 37 -7.30 -0.91 1.08
C ILE A 37 -8.76 -0.83 1.49
N ARG A 38 -9.66 -1.11 0.57
CA ARG A 38 -11.09 -1.07 0.83
C ARG A 38 -11.61 -2.45 1.24
N SER A 39 -10.75 -3.22 1.90
CA SER A 39 -11.12 -4.57 2.33
C SER A 39 -12.27 -4.52 3.34
N THR A 40 -13.37 -5.19 3.00
CA THR A 40 -14.54 -5.21 3.87
C THR A 40 -15.20 -6.59 3.85
N PRO A 41 -15.01 -7.36 4.92
CA PRO A 41 -14.20 -6.92 6.07
C PRO A 41 -12.72 -6.85 5.75
N PRO A 42 -11.94 -6.24 6.66
CA PRO A 42 -10.49 -6.09 6.49
C PRO A 42 -9.75 -7.42 6.58
N PRO A 43 -8.50 -7.45 6.08
CA PRO A 43 -7.67 -8.64 6.10
C PRO A 43 -7.21 -9.01 7.50
N ASP A 44 -6.81 -10.26 7.69
CA ASP A 44 -6.34 -10.73 8.98
C ASP A 44 -4.83 -10.59 9.11
N ARG A 45 -4.14 -10.69 7.97
CA ARG A 45 -2.68 -10.58 7.95
C ARG A 45 -2.22 -9.80 6.72
N ILE A 46 -1.10 -9.11 6.86
CA ILE A 46 -0.54 -8.32 5.76
C ILE A 46 0.98 -8.31 5.81
N ALA A 47 1.60 -8.38 4.64
CA ALA A 47 3.06 -8.37 4.54
C ALA A 47 3.53 -7.42 3.44
N TRP A 48 4.55 -6.63 3.76
CA TRP A 48 5.10 -5.68 2.81
C TRP A 48 6.42 -6.16 2.23
N SER A 49 6.37 -6.71 1.02
CA SER A 49 7.57 -7.22 0.36
C SER A 49 7.77 -6.56 -1.00
N TRP A 50 9.01 -6.25 -1.31
CA TRP A 50 9.34 -5.60 -2.59
C TRP A 50 9.94 -6.61 -3.56
N LYS A 51 11.16 -7.04 -3.29
CA LYS A 51 11.85 -8.01 -4.14
C LYS A 51 11.89 -9.38 -3.48
N GLU A 52 12.76 -9.51 -2.48
CA GLU A 52 12.90 -10.78 -1.76
C GLU A 52 12.65 -10.59 -0.27
N ASN A 53 12.74 -9.34 0.19
CA ASN A 53 12.52 -9.02 1.59
C ASN A 53 11.04 -8.85 1.88
N VAL A 54 10.60 -9.34 3.04
CA VAL A 54 9.21 -9.24 3.44
C VAL A 54 9.08 -8.70 4.86
N LEU A 55 8.24 -7.68 5.03
CA LEU A 55 8.02 -7.08 6.35
C LEU A 55 6.57 -7.18 6.76
N GLU A 56 6.28 -8.12 7.66
CA GLU A 56 4.92 -8.32 8.15
C GLU A 56 4.52 -7.22 9.14
N SER A 57 5.44 -6.89 10.04
CA SER A 57 5.18 -5.86 11.04
C SER A 57 6.44 -5.56 11.85
N GLY A 58 6.67 -4.28 12.15
CA GLY A 58 7.83 -3.89 12.91
C GLY A 58 8.79 -3.03 12.11
N THR A 59 9.96 -2.75 12.68
CA THR A 59 10.96 -1.94 12.01
C THR A 59 12.18 -2.77 11.61
N SER A 60 12.42 -2.86 10.31
CA SER A 60 13.55 -3.63 9.81
C SER A 60 14.05 -3.07 8.47
N GLY A 61 15.35 -3.16 8.25
CA GLY A 61 15.93 -2.65 7.01
C GLY A 61 15.43 -1.25 6.68
N ARG A 62 15.37 -0.38 7.69
CA ARG A 62 14.91 0.99 7.48
C ARG A 62 13.47 0.99 6.96
N TYR A 63 12.70 -0.02 7.34
CA TYR A 63 11.31 -0.12 6.91
C TYR A 63 10.38 -0.34 8.09
N THR A 64 9.39 0.52 8.23
CA THR A 64 8.42 0.41 9.33
C THR A 64 7.00 0.25 8.80
N VAL A 65 6.43 -0.93 9.01
CA VAL A 65 5.07 -1.21 8.57
C VAL A 65 4.05 -0.81 9.62
N GLU A 66 2.99 -0.13 9.18
CA GLU A 66 1.94 0.32 10.09
C GLU A 66 0.58 0.32 9.39
N THR A 67 -0.33 -0.49 9.89
CA THR A 67 -1.67 -0.57 9.31
C THR A 67 -2.69 0.18 10.16
N ILE A 68 -3.69 0.76 9.50
CA ILE A 68 -4.72 1.50 10.21
C ILE A 68 -6.11 1.08 9.73
N SER A 69 -7.14 1.43 10.52
CA SER A 69 -8.50 1.10 10.18
C SER A 69 -9.32 2.35 9.88
N THR A 70 -9.86 2.41 8.66
CA THR A 70 -10.65 3.55 8.23
C THR A 70 -12.12 3.17 8.05
N GLU A 71 -12.97 4.17 7.87
CA GLU A 71 -14.40 3.93 7.68
C GLU A 71 -14.65 3.13 6.41
N GLU A 72 -13.82 3.37 5.39
CA GLU A 72 -13.96 2.68 4.11
C GLU A 72 -13.36 1.27 4.20
N GLY A 73 -12.35 1.11 5.03
CA GLY A 73 -11.70 -0.18 5.19
C GLY A 73 -10.45 -0.11 6.04
N VAL A 74 -9.29 -0.27 5.41
CA VAL A 74 -8.02 -0.23 6.10
C VAL A 74 -6.97 0.52 5.28
N ILE A 75 -5.80 0.73 5.88
CA ILE A 75 -4.72 1.43 5.22
C ILE A 75 -3.35 0.95 5.71
N SER A 76 -2.57 0.37 4.81
CA SER A 76 -1.24 -0.13 5.17
C SER A 76 -0.16 0.85 4.76
N THR A 77 0.39 1.57 5.74
CA THR A 77 1.43 2.55 5.49
C THR A 77 2.81 1.99 5.83
N LEU A 78 3.80 2.34 5.03
CA LEU A 78 5.17 1.87 5.25
C LEU A 78 6.15 3.04 5.25
N THR A 79 6.76 3.30 6.41
CA THR A 79 7.71 4.38 6.54
C THR A 79 9.13 3.90 6.25
N ILE A 80 9.90 4.73 5.55
CA ILE A 80 11.28 4.40 5.21
C ILE A 80 12.24 5.46 5.70
N SER A 81 12.96 5.15 6.78
CA SER A 81 13.92 6.09 7.35
C SER A 81 15.12 6.28 6.43
N ASN A 82 15.62 7.50 6.35
CA ASN A 82 16.76 7.82 5.49
C ASN A 82 16.68 7.05 4.18
N ILE A 83 15.52 7.11 3.54
CA ILE A 83 15.32 6.41 2.28
C ILE A 83 16.53 6.57 1.36
N VAL A 84 16.82 5.54 0.58
CA VAL A 84 17.96 5.57 -0.34
C VAL A 84 17.49 5.49 -1.79
N ARG A 85 18.25 6.10 -2.69
CA ARG A 85 17.92 6.10 -4.11
C ARG A 85 17.42 4.72 -4.55
N ALA A 86 18.03 3.68 -4.00
CA ALA A 86 17.64 2.31 -4.33
C ALA A 86 16.14 2.09 -4.15
N ASP A 87 15.62 2.63 -3.05
CA ASP A 87 14.19 2.50 -2.75
C ASP A 87 13.34 2.80 -3.99
N PHE A 88 13.88 3.63 -4.88
CA PHE A 88 13.18 4.00 -6.10
C PHE A 88 13.32 2.92 -7.16
N GLN A 89 14.51 2.32 -7.23
CA GLN A 89 14.78 1.26 -8.21
C GLN A 89 14.13 -0.05 -7.78
N THR A 90 13.92 -0.20 -6.48
CA THR A 90 13.30 -1.42 -5.94
C THR A 90 11.80 -1.41 -6.17
N ILE A 91 11.24 -2.59 -6.42
CA ILE A 91 9.80 -2.72 -6.65
C ILE A 91 9.08 -3.14 -5.38
N TYR A 92 8.13 -2.32 -4.95
CA TYR A 92 7.36 -2.61 -3.74
C TYR A 92 6.11 -3.41 -4.08
N ASN A 93 5.58 -4.11 -3.08
CA ASN A 93 4.39 -4.93 -3.26
C ASN A 93 3.70 -5.19 -1.92
N CYS A 94 2.41 -4.87 -1.85
CA CYS A 94 1.64 -5.07 -0.63
C CYS A 94 0.67 -6.24 -0.78
N THR A 95 0.96 -7.33 -0.07
CA THR A 95 0.11 -8.52 -0.12
C THR A 95 -0.69 -8.68 1.16
N ALA A 96 -1.99 -8.96 1.02
CA ALA A 96 -2.86 -9.14 2.16
C ALA A 96 -3.45 -10.55 2.18
N TRP A 97 -4.16 -10.88 3.26
CA TRP A 97 -4.78 -12.19 3.39
C TRP A 97 -6.03 -12.11 4.26
N ASN A 98 -7.14 -12.61 3.74
CA ASN A 98 -8.41 -12.60 4.47
C ASN A 98 -9.14 -13.92 4.31
N SER A 99 -10.14 -14.14 5.16
CA SER A 99 -10.91 -15.38 5.12
C SER A 99 -11.61 -15.54 3.78
N PHE A 100 -11.66 -14.46 3.01
CA PHE A 100 -12.30 -14.48 1.69
C PHE A 100 -11.29 -14.84 0.61
N GLY A 101 -10.11 -14.21 0.67
CA GLY A 101 -9.09 -14.47 -0.31
C GLY A 101 -7.81 -13.69 -0.04
N SER A 102 -7.26 -13.07 -1.07
CA SER A 102 -6.03 -12.30 -0.94
C SER A 102 -5.76 -11.46 -2.19
N ASP A 103 -4.91 -10.46 -2.06
CA ASP A 103 -4.57 -9.58 -3.18
C ASP A 103 -3.15 -9.05 -3.03
N THR A 104 -2.62 -8.51 -4.13
CA THR A 104 -1.26 -7.97 -4.13
C THR A 104 -1.13 -6.84 -5.15
N GLU A 105 -0.90 -5.63 -4.65
CA GLU A 105 -0.75 -4.47 -5.51
C GLU A 105 0.73 -4.11 -5.68
N ILE A 106 1.10 -3.71 -6.89
CA ILE A 106 2.48 -3.33 -7.19
C ILE A 106 2.66 -1.82 -7.07
N ILE A 107 3.79 -1.41 -6.51
CA ILE A 107 4.10 0.00 -6.35
C ILE A 107 5.58 0.29 -6.60
N ARG A 108 5.86 1.25 -7.47
CA ARG A 108 7.23 1.61 -7.80
C ARG A 108 7.50 3.07 -7.44
N LEU A 109 7.99 3.28 -6.22
CA LEU A 109 8.29 4.63 -5.75
C LEU A 109 9.30 5.31 -6.67
N LYS A 110 9.33 6.64 -6.63
CA LYS A 110 10.26 7.41 -7.46
C LYS A 110 10.68 8.69 -6.75
N GLU A 111 11.78 9.29 -7.20
CA GLU A 111 12.27 10.53 -6.61
C GLU A 111 11.36 11.70 -6.94
N GLN A 112 11.35 12.70 -6.08
CA GLN A 112 10.51 13.88 -6.28
C GLN A 112 11.14 14.83 -7.30
N GLY A 113 10.30 15.64 -7.93
CA GLY A 113 10.79 16.58 -8.92
C GLY A 113 10.37 16.21 -10.33
N SER A 114 10.40 17.19 -11.23
CA SER A 114 10.01 16.96 -12.62
C SER A 114 11.16 16.35 -13.41
N GLU A 115 10.83 15.45 -14.33
CA GLU A 115 11.84 14.79 -15.16
C GLU A 115 11.49 14.91 -16.64
N MET A 116 12.52 14.95 -17.48
CA MET A 116 12.32 15.06 -18.92
C MET A 116 11.78 13.76 -19.50
N SER A 117 10.48 13.57 -19.40
CA SER A 117 9.84 12.35 -19.90
C SER A 117 9.38 12.54 -21.34
N GLY A 118 9.79 11.63 -22.22
CA GLY A 118 9.40 11.72 -23.61
C GLY A 118 9.81 10.50 -24.41
N PRO A 119 9.47 10.48 -25.70
CA PRO A 119 9.79 9.36 -26.59
C PRO A 119 11.28 9.25 -26.89
N SER A 120 11.90 8.18 -26.38
CA SER A 120 13.32 7.97 -26.59
C SER A 120 13.56 6.87 -27.62
N SER A 121 14.77 6.85 -28.18
CA SER A 121 15.13 5.86 -29.19
C SER A 121 16.32 5.03 -28.73
N GLY A 122 17.18 5.63 -27.91
CA GLY A 122 18.35 4.93 -27.41
C GLY A 122 18.17 4.45 -25.98
N GLY A 1 -46.30 5.41 -3.52
CA GLY A 1 -45.87 5.48 -2.14
C GLY A 1 -44.45 5.02 -1.95
N SER A 2 -43.49 5.91 -2.19
CA SER A 2 -42.08 5.56 -2.04
C SER A 2 -41.77 5.11 -0.62
N SER A 3 -41.23 3.91 -0.50
CA SER A 3 -40.89 3.36 0.81
C SER A 3 -39.80 4.18 1.49
N GLY A 4 -38.68 4.35 0.80
CA GLY A 4 -37.58 5.14 1.34
C GLY A 4 -36.40 4.27 1.74
N SER A 5 -35.36 4.90 2.29
CA SER A 5 -34.17 4.17 2.70
C SER A 5 -34.02 4.18 4.22
N SER A 6 -33.21 3.26 4.74
CA SER A 6 -32.99 3.16 6.17
C SER A 6 -31.50 3.26 6.50
N GLY A 7 -30.70 2.40 5.87
CA GLY A 7 -29.27 2.41 6.11
C GLY A 7 -28.47 2.13 4.86
N THR A 8 -27.16 2.32 4.93
CA THR A 8 -26.29 2.10 3.79
C THR A 8 -26.22 0.61 3.43
N LEU A 9 -25.73 0.31 2.24
CA LEU A 9 -25.61 -1.06 1.78
C LEU A 9 -24.25 -1.66 2.17
N THR A 10 -24.29 -2.82 2.81
CA THR A 10 -23.07 -3.49 3.24
C THR A 10 -22.52 -4.39 2.14
N VAL A 11 -21.23 -4.66 2.19
CA VAL A 11 -20.58 -5.51 1.19
C VAL A 11 -19.59 -6.47 1.85
N ASN A 12 -19.31 -7.57 1.17
CA ASN A 12 -18.38 -8.58 1.69
C ASN A 12 -17.52 -9.14 0.56
N GLY A 13 -16.30 -9.55 0.92
CA GLY A 13 -15.40 -10.12 -0.07
C GLY A 13 -13.94 -9.96 0.32
N PRO A 14 -13.03 -10.35 -0.59
CA PRO A 14 -11.59 -10.27 -0.35
C PRO A 14 -11.09 -8.83 -0.33
N PRO A 15 -9.85 -8.64 0.15
CA PRO A 15 -9.23 -7.31 0.23
C PRO A 15 -8.89 -6.75 -1.14
N ILE A 16 -8.99 -5.43 -1.27
CA ILE A 16 -8.69 -4.76 -2.54
C ILE A 16 -7.82 -3.53 -2.32
N ILE A 17 -6.59 -3.57 -2.82
CA ILE A 17 -5.67 -2.46 -2.68
C ILE A 17 -5.91 -1.40 -3.77
N SER A 18 -6.80 -0.46 -3.47
CA SER A 18 -7.13 0.60 -4.42
C SER A 18 -5.86 1.19 -5.04
N SER A 19 -5.08 1.89 -4.21
CA SER A 19 -3.84 2.51 -4.67
C SER A 19 -3.08 3.13 -3.50
N THR A 20 -1.84 3.53 -3.76
CA THR A 20 -1.00 4.14 -2.74
C THR A 20 -0.76 5.62 -3.05
N GLN A 21 -0.43 6.38 -2.00
CA GLN A 21 -0.16 7.81 -2.16
C GLN A 21 1.30 8.12 -1.87
N THR A 22 2.20 7.34 -2.45
CA THR A 22 3.63 7.54 -2.27
C THR A 22 3.99 9.01 -2.24
N GLN A 23 4.79 9.41 -1.27
CA GLN A 23 5.21 10.80 -1.15
C GLN A 23 6.47 11.07 -1.96
N HIS A 24 7.00 12.28 -1.84
CA HIS A 24 8.21 12.67 -2.57
C HIS A 24 9.45 12.48 -1.70
N ALA A 25 10.07 11.31 -1.83
CA ALA A 25 11.28 11.00 -1.05
C ALA A 25 12.51 11.68 -1.65
N LEU A 26 12.65 12.98 -1.40
CA LEU A 26 13.77 13.74 -1.92
C LEU A 26 15.09 13.16 -1.45
N HIS A 27 15.42 13.39 -0.18
CA HIS A 27 16.65 12.87 0.40
C HIS A 27 16.68 13.10 1.90
N GLY A 28 16.68 11.99 2.66
CA GLY A 28 16.70 12.09 4.10
C GLY A 28 15.39 11.68 4.74
N GLU A 29 14.43 12.59 4.74
CA GLU A 29 13.12 12.32 5.32
C GLU A 29 12.72 10.86 5.09
N LYS A 30 11.95 10.32 6.04
CA LYS A 30 11.50 8.94 5.94
C LYS A 30 10.41 8.78 4.89
N GLY A 31 10.68 7.97 3.87
CA GLY A 31 9.71 7.77 2.81
C GLY A 31 8.52 6.95 3.27
N GLN A 32 7.34 7.56 3.23
CA GLN A 32 6.12 6.87 3.65
C GLN A 32 5.31 6.41 2.44
N ILE A 33 4.69 5.25 2.57
CA ILE A 33 3.88 4.69 1.49
C ILE A 33 2.52 4.24 2.00
N LYS A 34 1.54 5.13 1.94
CA LYS A 34 0.19 4.83 2.40
C LYS A 34 -0.62 4.16 1.28
N CYS A 35 -1.19 3.00 1.59
CA CYS A 35 -1.99 2.26 0.61
C CYS A 35 -3.48 2.38 0.93
N PHE A 36 -4.30 2.30 -0.11
CA PHE A 36 -5.75 2.40 0.06
C PHE A 36 -6.42 1.04 -0.14
N ILE A 37 -6.60 0.32 0.96
CA ILE A 37 -7.23 -1.00 0.90
C ILE A 37 -8.72 -0.91 1.18
N ARG A 38 -9.53 -1.12 0.14
CA ARG A 38 -10.97 -1.06 0.27
C ARG A 38 -11.55 -2.42 0.64
N SER A 39 -10.91 -3.08 1.61
CA SER A 39 -11.35 -4.40 2.05
C SER A 39 -12.50 -4.28 3.06
N THR A 40 -13.43 -5.22 3.00
CA THR A 40 -14.57 -5.23 3.91
C THR A 40 -15.22 -6.60 3.98
N PRO A 41 -14.99 -7.32 5.09
CA PRO A 41 -14.15 -6.82 6.19
C PRO A 41 -12.68 -6.73 5.80
N PRO A 42 -11.87 -6.09 6.68
CA PRO A 42 -10.44 -5.93 6.45
C PRO A 42 -9.68 -7.25 6.57
N PRO A 43 -8.43 -7.25 6.09
CA PRO A 43 -7.57 -8.44 6.14
C PRO A 43 -7.13 -8.79 7.56
N ASP A 44 -6.59 -9.99 7.73
CA ASP A 44 -6.12 -10.43 9.04
C ASP A 44 -4.60 -10.38 9.12
N ARG A 45 -3.94 -10.42 7.96
CA ARG A 45 -2.49 -10.38 7.91
C ARG A 45 -2.01 -9.59 6.70
N ILE A 46 -0.84 -8.97 6.82
CA ILE A 46 -0.28 -8.18 5.73
C ILE A 46 1.25 -8.19 5.79
N ALA A 47 1.87 -8.19 4.61
CA ALA A 47 3.33 -8.19 4.52
C ALA A 47 3.81 -7.27 3.40
N TRP A 48 4.94 -6.60 3.64
CA TRP A 48 5.50 -5.69 2.65
C TRP A 48 6.75 -6.29 2.01
N SER A 49 6.58 -6.93 0.86
CA SER A 49 7.69 -7.55 0.15
C SER A 49 7.90 -6.89 -1.21
N TRP A 50 9.14 -6.54 -1.51
CA TRP A 50 9.47 -5.91 -2.78
C TRP A 50 10.19 -6.88 -3.70
N LYS A 51 11.45 -7.17 -3.39
CA LYS A 51 12.24 -8.09 -4.19
C LYS A 51 12.34 -9.46 -3.52
N GLU A 52 13.10 -9.53 -2.45
CA GLU A 52 13.28 -10.78 -1.71
C GLU A 52 12.93 -10.59 -0.23
N ASN A 53 13.02 -9.35 0.24
CA ASN A 53 12.71 -9.05 1.63
C ASN A 53 11.21 -9.07 1.88
N VAL A 54 10.83 -9.23 3.14
CA VAL A 54 9.42 -9.27 3.52
C VAL A 54 9.21 -8.77 4.94
N LEU A 55 8.46 -7.68 5.07
CA LEU A 55 8.18 -7.09 6.37
C LEU A 55 6.71 -7.24 6.74
N GLU A 56 6.42 -8.18 7.64
CA GLU A 56 5.05 -8.43 8.07
C GLU A 56 4.53 -7.26 8.90
N SER A 57 5.27 -6.88 9.92
CA SER A 57 4.88 -5.79 10.80
C SER A 57 6.03 -5.39 11.72
N GLY A 58 5.95 -4.18 12.28
CA GLY A 58 6.99 -3.70 13.17
C GLY A 58 8.14 -3.06 12.42
N THR A 59 9.23 -2.79 13.14
CA THR A 59 10.41 -2.18 12.54
C THR A 59 11.58 -3.16 12.48
N SER A 60 11.98 -3.51 11.27
CA SER A 60 13.08 -4.45 11.08
C SER A 60 14.42 -3.72 11.05
N GLY A 61 14.62 -2.90 10.02
CA GLY A 61 15.85 -2.15 9.89
C GLY A 61 15.61 -0.72 9.44
N ARG A 62 15.40 -0.54 8.14
CA ARG A 62 15.17 0.79 7.58
C ARG A 62 13.72 0.92 7.09
N TYR A 63 12.88 -0.03 7.48
CA TYR A 63 11.48 -0.01 7.08
C TYR A 63 10.56 -0.05 8.31
N THR A 64 9.29 0.31 8.10
CA THR A 64 8.32 0.31 9.18
C THR A 64 6.91 0.12 8.64
N VAL A 65 6.33 -1.04 8.93
CA VAL A 65 4.97 -1.35 8.47
C VAL A 65 3.94 -0.97 9.52
N GLU A 66 2.87 -0.33 9.08
CA GLU A 66 1.81 0.09 9.99
C GLU A 66 0.46 0.14 9.28
N THR A 67 -0.51 -0.63 9.79
CA THR A 67 -1.83 -0.68 9.20
C THR A 67 -2.86 0.00 10.10
N ILE A 68 -3.82 0.68 9.48
CA ILE A 68 -4.87 1.37 10.22
C ILE A 68 -6.25 0.98 9.72
N SER A 69 -7.28 1.28 10.51
CA SER A 69 -8.65 0.97 10.14
C SER A 69 -9.44 2.24 9.84
N THR A 70 -9.89 2.37 8.61
CA THR A 70 -10.66 3.54 8.19
C THR A 70 -12.10 3.16 7.82
N GLU A 71 -12.96 4.17 7.70
CA GLU A 71 -14.35 3.93 7.36
C GLU A 71 -14.46 3.02 6.13
N GLU A 72 -13.78 3.39 5.05
CA GLU A 72 -13.80 2.61 3.83
C GLU A 72 -13.32 1.19 4.07
N GLY A 73 -12.29 1.06 4.89
CA GLY A 73 -11.75 -0.25 5.21
C GLY A 73 -10.48 -0.17 6.03
N VAL A 74 -9.33 -0.29 5.37
CA VAL A 74 -8.04 -0.24 6.06
C VAL A 74 -6.98 0.40 5.17
N ILE A 75 -5.81 0.66 5.75
CA ILE A 75 -4.71 1.27 5.02
C ILE A 75 -3.37 0.77 5.53
N SER A 76 -2.51 0.34 4.61
CA SER A 76 -1.19 -0.16 4.97
C SER A 76 -0.11 0.85 4.62
N THR A 77 0.41 1.54 5.64
CA THR A 77 1.45 2.54 5.45
C THR A 77 2.82 1.97 5.80
N LEU A 78 3.80 2.25 4.95
CA LEU A 78 5.16 1.77 5.16
C LEU A 78 6.16 2.94 5.17
N THR A 79 6.85 3.11 6.28
CA THR A 79 7.83 4.18 6.41
C THR A 79 9.25 3.66 6.22
N ILE A 80 10.09 4.47 5.58
CA ILE A 80 11.47 4.09 5.32
C ILE A 80 12.44 5.07 5.96
N SER A 81 13.01 4.69 7.10
CA SER A 81 13.95 5.56 7.82
C SER A 81 14.91 6.23 6.84
N ASN A 82 15.87 5.46 6.34
CA ASN A 82 16.86 5.97 5.40
C ASN A 82 16.58 5.45 3.99
N ILE A 83 15.98 6.30 3.17
CA ILE A 83 15.66 5.94 1.78
C ILE A 83 16.83 6.24 0.86
N VAL A 84 16.99 5.42 -0.17
CA VAL A 84 18.07 5.60 -1.14
C VAL A 84 17.55 5.47 -2.56
N ARG A 85 18.27 6.08 -3.51
CA ARG A 85 17.89 6.03 -4.91
C ARG A 85 17.38 4.64 -5.28
N ALA A 86 17.96 3.61 -4.68
CA ALA A 86 17.57 2.24 -4.95
C ALA A 86 16.09 2.02 -4.62
N ASP A 87 15.66 2.54 -3.48
CA ASP A 87 14.27 2.41 -3.05
C ASP A 87 13.32 2.71 -4.20
N PHE A 88 13.74 3.59 -5.10
CA PHE A 88 12.93 3.97 -6.25
C PHE A 88 12.93 2.88 -7.31
N GLN A 89 14.11 2.36 -7.60
CA GLN A 89 14.26 1.31 -8.60
C GLN A 89 13.63 0.01 -8.12
N THR A 90 13.65 -0.20 -6.81
CA THR A 90 13.08 -1.40 -6.21
C THR A 90 11.57 -1.40 -6.30
N ILE A 91 10.99 -2.54 -6.67
CA ILE A 91 9.54 -2.66 -6.79
C ILE A 91 8.92 -3.08 -5.46
N TYR A 92 7.96 -2.29 -4.98
CA TYR A 92 7.29 -2.57 -3.72
C TYR A 92 5.94 -3.24 -3.97
N ASN A 93 5.53 -4.10 -3.04
CA ASN A 93 4.26 -4.81 -3.17
C ASN A 93 3.68 -5.12 -1.79
N CYS A 94 2.42 -4.74 -1.59
CA CYS A 94 1.75 -4.98 -0.32
C CYS A 94 0.77 -6.15 -0.42
N THR A 95 1.19 -7.31 0.06
CA THR A 95 0.35 -8.50 0.00
C THR A 95 -0.45 -8.66 1.30
N ALA A 96 -1.75 -8.88 1.15
CA ALA A 96 -2.64 -9.05 2.30
C ALA A 96 -3.26 -10.43 2.31
N TRP A 97 -4.01 -10.73 3.37
CA TRP A 97 -4.66 -12.04 3.50
C TRP A 97 -5.91 -11.93 4.38
N ASN A 98 -7.02 -12.46 3.88
CA ASN A 98 -8.28 -12.42 4.61
C ASN A 98 -9.02 -13.75 4.47
N SER A 99 -9.91 -14.04 5.42
CA SER A 99 -10.68 -15.27 5.41
C SER A 99 -11.30 -15.51 4.02
N PHE A 100 -11.47 -14.42 3.28
CA PHE A 100 -12.04 -14.51 1.93
C PHE A 100 -10.99 -14.93 0.91
N GLY A 101 -9.94 -14.12 0.81
CA GLY A 101 -8.87 -14.42 -0.13
C GLY A 101 -7.60 -13.64 0.18
N SER A 102 -7.08 -12.94 -0.84
CA SER A 102 -5.86 -12.16 -0.67
C SER A 102 -5.80 -11.03 -1.69
N ASP A 103 -4.69 -10.29 -1.68
CA ASP A 103 -4.51 -9.18 -2.61
C ASP A 103 -3.03 -8.85 -2.77
N THR A 104 -2.71 -8.10 -3.81
CA THR A 104 -1.34 -7.71 -4.09
C THR A 104 -1.27 -6.58 -5.11
N GLU A 105 -0.68 -5.46 -4.71
CA GLU A 105 -0.55 -4.30 -5.58
C GLU A 105 0.91 -3.92 -5.77
N ILE A 106 1.21 -3.28 -6.90
CA ILE A 106 2.57 -2.85 -7.21
C ILE A 106 2.72 -1.35 -7.08
N ILE A 107 3.86 -0.92 -6.54
CA ILE A 107 4.13 0.50 -6.36
C ILE A 107 5.61 0.80 -6.55
N ARG A 108 5.93 1.54 -7.61
CA ARG A 108 7.32 1.90 -7.90
C ARG A 108 7.59 3.34 -7.49
N LEU A 109 8.08 3.52 -6.27
CA LEU A 109 8.40 4.85 -5.76
C LEU A 109 9.28 5.62 -6.74
N LYS A 110 9.03 6.91 -6.87
CA LYS A 110 9.81 7.76 -7.77
C LYS A 110 10.10 9.11 -7.12
N GLU A 111 11.18 9.75 -7.56
CA GLU A 111 11.55 11.05 -7.03
C GLU A 111 10.46 12.08 -7.27
N GLN A 112 10.45 13.13 -6.46
CA GLN A 112 9.45 14.18 -6.58
C GLN A 112 9.22 14.55 -8.04
N GLY A 113 7.95 14.57 -8.45
CA GLY A 113 7.62 14.91 -9.82
C GLY A 113 7.52 13.68 -10.71
N SER A 114 7.13 13.89 -11.97
CA SER A 114 6.99 12.78 -12.91
C SER A 114 7.47 13.20 -14.29
N GLU A 115 8.57 12.60 -14.73
CA GLU A 115 9.14 12.90 -16.05
C GLU A 115 9.61 11.62 -16.74
N MET A 116 9.61 11.66 -18.07
CA MET A 116 10.04 10.51 -18.86
C MET A 116 11.48 10.68 -19.34
N SER A 117 12.40 9.93 -18.76
CA SER A 117 13.81 10.00 -19.12
C SER A 117 14.36 8.62 -19.43
N GLY A 118 15.02 8.49 -20.57
CA GLY A 118 15.60 7.22 -20.96
C GLY A 118 15.20 6.80 -22.36
N PRO A 119 16.13 6.17 -23.09
CA PRO A 119 15.90 5.72 -24.46
C PRO A 119 14.93 4.54 -24.52
N SER A 120 13.88 4.69 -25.33
CA SER A 120 12.87 3.64 -25.47
C SER A 120 13.38 2.54 -26.40
N SER A 121 13.41 1.31 -25.88
CA SER A 121 13.87 0.17 -26.66
C SER A 121 12.84 -0.22 -27.72
N GLY A 122 13.26 -1.05 -28.67
CA GLY A 122 12.36 -1.48 -29.73
C GLY A 122 13.10 -1.99 -30.95
N GLY A 1 -38.44 0.64 -10.22
CA GLY A 1 -39.61 0.36 -9.42
C GLY A 1 -39.34 0.49 -7.93
N SER A 2 -40.26 -0.01 -7.12
CA SER A 2 -40.12 0.06 -5.67
C SER A 2 -39.56 -1.24 -5.10
N SER A 3 -38.26 -1.26 -4.83
CA SER A 3 -37.61 -2.44 -4.29
C SER A 3 -38.31 -2.93 -3.02
N GLY A 4 -38.56 -2.00 -2.10
CA GLY A 4 -39.23 -2.35 -0.86
C GLY A 4 -38.54 -1.76 0.35
N SER A 5 -38.37 -2.57 1.39
CA SER A 5 -37.73 -2.12 2.62
C SER A 5 -36.21 -2.16 2.48
N SER A 6 -35.65 -1.09 1.90
CA SER A 6 -34.21 -1.00 1.71
C SER A 6 -33.51 -0.65 3.02
N GLY A 7 -33.29 -1.65 3.86
CA GLY A 7 -32.63 -1.42 5.13
C GLY A 7 -31.31 -0.68 4.97
N THR A 8 -30.34 -1.33 4.31
CA THR A 8 -29.03 -0.73 4.09
C THR A 8 -28.27 -1.47 3.00
N LEU A 9 -27.11 -0.92 2.63
CA LEU A 9 -26.29 -1.53 1.59
C LEU A 9 -24.91 -1.90 2.13
N THR A 10 -24.53 -3.17 1.95
CA THR A 10 -23.24 -3.65 2.42
C THR A 10 -22.81 -4.90 1.65
N VAL A 11 -21.50 -5.13 1.61
CA VAL A 11 -20.96 -6.29 0.91
C VAL A 11 -19.66 -6.77 1.56
N ASN A 12 -19.50 -8.08 1.60
CA ASN A 12 -18.30 -8.67 2.20
C ASN A 12 -17.52 -9.50 1.18
N GLY A 13 -16.29 -9.85 1.52
CA GLY A 13 -15.47 -10.64 0.62
C GLY A 13 -13.99 -10.46 0.87
N PRO A 14 -13.17 -10.76 -0.14
CA PRO A 14 -11.71 -10.64 -0.05
C PRO A 14 -11.26 -9.18 0.02
N PRO A 15 -10.01 -8.97 0.47
CA PRO A 15 -9.43 -7.63 0.60
C PRO A 15 -9.15 -6.99 -0.76
N ILE A 16 -9.75 -5.83 -1.00
CA ILE A 16 -9.56 -5.12 -2.26
C ILE A 16 -8.50 -4.04 -2.12
N ILE A 17 -7.66 -3.92 -3.14
CA ILE A 17 -6.59 -2.92 -3.15
C ILE A 17 -6.66 -2.04 -4.39
N SER A 18 -6.79 -0.73 -4.17
CA SER A 18 -6.87 0.22 -5.28
C SER A 18 -5.48 0.73 -5.66
N SER A 19 -4.92 1.60 -4.84
CA SER A 19 -3.61 2.17 -5.09
C SER A 19 -3.03 2.82 -3.83
N THR A 20 -1.84 3.37 -3.94
CA THR A 20 -1.18 4.01 -2.81
C THR A 20 -0.99 5.50 -3.07
N GLN A 21 -0.78 6.26 -1.99
CA GLN A 21 -0.57 7.70 -2.11
C GLN A 21 0.91 8.04 -2.19
N THR A 22 1.62 7.39 -3.10
CA THR A 22 3.04 7.63 -3.28
C THR A 22 3.40 9.08 -3.00
N GLN A 23 4.17 9.30 -1.95
CA GLN A 23 4.59 10.65 -1.58
C GLN A 23 5.84 11.07 -2.36
N HIS A 24 6.34 12.26 -2.04
CA HIS A 24 7.53 12.78 -2.71
C HIS A 24 8.76 12.65 -1.82
N ALA A 25 9.67 11.75 -2.19
CA ALA A 25 10.90 11.54 -1.42
C ALA A 25 12.08 12.26 -2.07
N LEU A 26 12.94 12.83 -1.23
CA LEU A 26 14.11 13.55 -1.72
C LEU A 26 15.39 12.90 -1.20
N HIS A 27 15.60 12.98 0.11
CA HIS A 27 16.79 12.40 0.73
C HIS A 27 16.73 12.53 2.25
N GLY A 28 16.76 11.39 2.94
CA GLY A 28 16.70 11.40 4.38
C GLY A 28 15.28 11.31 4.91
N GLU A 29 14.34 11.90 4.19
CA GLU A 29 12.94 11.88 4.58
C GLU A 29 12.47 10.46 4.88
N LYS A 30 11.19 10.30 5.17
CA LYS A 30 10.62 9.00 5.47
C LYS A 30 9.61 8.58 4.39
N GLY A 31 9.99 7.61 3.59
CA GLY A 31 9.10 7.13 2.53
C GLY A 31 7.85 6.49 3.08
N GLN A 32 6.80 7.29 3.26
CA GLN A 32 5.54 6.80 3.79
C GLN A 32 4.59 6.41 2.65
N ILE A 33 4.52 5.11 2.37
CA ILE A 33 3.66 4.61 1.30
C ILE A 33 2.43 3.93 1.88
N LYS A 34 1.28 4.60 1.77
CA LYS A 34 0.03 4.06 2.28
C LYS A 34 -0.82 3.49 1.15
N CYS A 35 -1.33 2.28 1.34
CA CYS A 35 -2.16 1.62 0.34
C CYS A 35 -3.64 1.69 0.71
N PHE A 36 -4.44 2.25 -0.19
CA PHE A 36 -5.87 2.38 0.05
C PHE A 36 -6.57 1.03 -0.06
N ILE A 37 -6.59 0.29 1.05
CA ILE A 37 -7.22 -1.02 1.09
C ILE A 37 -8.68 -0.92 1.53
N ARG A 38 -9.59 -1.09 0.58
CA ARG A 38 -11.03 -1.02 0.86
C ARG A 38 -11.56 -2.37 1.32
N SER A 39 -10.70 -3.14 1.98
CA SER A 39 -11.08 -4.46 2.47
C SER A 39 -12.24 -4.35 3.47
N THR A 40 -13.25 -5.19 3.28
CA THR A 40 -14.42 -5.19 4.17
C THR A 40 -15.08 -6.55 4.19
N PRO A 41 -14.88 -7.30 5.28
CA PRO A 41 -14.05 -6.84 6.41
C PRO A 41 -12.58 -6.78 6.06
N PRO A 42 -11.78 -6.17 6.95
CA PRO A 42 -10.34 -6.03 6.76
C PRO A 42 -9.60 -7.36 6.87
N PRO A 43 -8.38 -7.41 6.32
CA PRO A 43 -7.55 -8.62 6.35
C PRO A 43 -7.04 -8.95 7.75
N ASP A 44 -6.66 -10.21 7.95
CA ASP A 44 -6.15 -10.65 9.25
C ASP A 44 -4.63 -10.54 9.30
N ARG A 45 -4.00 -10.52 8.13
CA ARG A 45 -2.55 -10.42 8.06
C ARG A 45 -2.13 -9.58 6.86
N ILE A 46 -0.96 -8.95 6.96
CA ILE A 46 -0.44 -8.11 5.88
C ILE A 46 1.08 -8.09 5.88
N ALA A 47 1.66 -8.05 4.69
CA ALA A 47 3.12 -8.02 4.56
C ALA A 47 3.55 -7.07 3.43
N TRP A 48 4.73 -6.51 3.58
CA TRP A 48 5.25 -5.58 2.58
C TRP A 48 6.60 -6.07 2.04
N SER A 49 6.56 -6.77 0.91
CA SER A 49 7.77 -7.29 0.31
C SER A 49 8.02 -6.64 -1.05
N TRP A 50 9.28 -6.28 -1.30
CA TRP A 50 9.65 -5.63 -2.56
C TRP A 50 10.43 -6.60 -3.45
N LYS A 51 11.67 -6.88 -3.08
CA LYS A 51 12.52 -7.79 -3.84
C LYS A 51 12.59 -9.16 -3.17
N GLU A 52 13.36 -9.24 -2.09
CA GLU A 52 13.51 -10.49 -1.37
C GLU A 52 13.23 -10.30 0.12
N ASN A 53 13.02 -9.04 0.52
CA ASN A 53 12.73 -8.72 1.91
C ASN A 53 11.23 -8.65 2.15
N VAL A 54 10.80 -9.20 3.29
CA VAL A 54 9.39 -9.21 3.65
C VAL A 54 9.17 -8.60 5.03
N LEU A 55 8.34 -7.56 5.09
CA LEU A 55 8.04 -6.89 6.36
C LEU A 55 6.58 -7.10 6.76
N GLU A 56 6.37 -7.90 7.80
CA GLU A 56 5.03 -8.18 8.27
C GLU A 56 4.54 -7.08 9.21
N SER A 57 5.29 -6.84 10.28
CA SER A 57 4.94 -5.81 11.25
C SER A 57 6.14 -5.43 12.11
N GLY A 58 6.27 -4.14 12.40
CA GLY A 58 7.38 -3.67 13.21
C GLY A 58 8.41 -2.93 12.38
N THR A 59 9.67 -3.00 12.82
CA THR A 59 10.75 -2.33 12.12
C THR A 59 11.91 -3.28 11.85
N SER A 60 12.11 -3.63 10.58
CA SER A 60 13.18 -4.53 10.20
C SER A 60 14.34 -3.77 9.56
N GLY A 61 14.75 -2.69 10.21
CA GLY A 61 15.86 -1.89 9.70
C GLY A 61 15.40 -0.53 9.20
N ARG A 62 15.66 -0.25 7.93
CA ARG A 62 15.27 1.02 7.34
C ARG A 62 13.84 0.98 6.82
N TYR A 63 12.98 0.24 7.53
CA TYR A 63 11.59 0.11 7.14
C TYR A 63 10.70 -0.07 8.36
N THR A 64 9.41 0.20 8.18
CA THR A 64 8.44 0.08 9.28
C THR A 64 7.01 0.00 8.74
N VAL A 65 6.36 -1.14 8.99
CA VAL A 65 4.99 -1.34 8.53
C VAL A 65 3.99 -0.91 9.60
N GLU A 66 2.91 -0.27 9.16
CA GLU A 66 1.88 0.19 10.07
C GLU A 66 0.52 0.25 9.38
N THR A 67 -0.38 -0.66 9.76
CA THR A 67 -1.71 -0.70 9.18
C THR A 67 -2.71 0.10 10.00
N ILE A 68 -3.60 0.81 9.32
CA ILE A 68 -4.60 1.62 9.99
C ILE A 68 -6.01 1.19 9.59
N SER A 69 -6.99 1.60 10.38
CA SER A 69 -8.39 1.26 10.11
C SER A 69 -9.19 2.51 9.75
N THR A 70 -9.74 2.51 8.54
CA THR A 70 -10.54 3.65 8.07
C THR A 70 -12.00 3.25 7.91
N GLU A 71 -12.87 4.27 7.85
CA GLU A 71 -14.30 4.02 7.69
C GLU A 71 -14.57 3.13 6.49
N GLU A 72 -13.87 3.40 5.39
CA GLU A 72 -14.04 2.61 4.17
C GLU A 72 -13.43 1.22 4.32
N GLY A 73 -12.28 1.16 5.01
CA GLY A 73 -11.62 -0.11 5.21
C GLY A 73 -10.36 0.03 6.05
N VAL A 74 -9.21 -0.17 5.43
CA VAL A 74 -7.93 -0.07 6.12
C VAL A 74 -6.88 0.61 5.24
N ILE A 75 -5.72 0.87 5.83
CA ILE A 75 -4.63 1.52 5.09
C ILE A 75 -3.28 1.05 5.62
N SER A 76 -2.52 0.36 4.78
CA SER A 76 -1.21 -0.14 5.15
C SER A 76 -0.12 0.86 4.77
N THR A 77 0.44 1.53 5.78
CA THR A 77 1.48 2.52 5.56
C THR A 77 2.86 1.92 5.83
N LEU A 78 3.80 2.19 4.93
CA LEU A 78 5.16 1.69 5.08
C LEU A 78 6.17 2.82 5.10
N THR A 79 6.74 3.09 6.27
CA THR A 79 7.73 4.16 6.42
C THR A 79 9.13 3.66 6.14
N ILE A 80 9.94 4.50 5.50
CA ILE A 80 11.32 4.15 5.17
C ILE A 80 12.30 5.15 5.76
N SER A 81 13.01 4.73 6.80
CA SER A 81 13.99 5.59 7.45
C SER A 81 15.18 5.86 6.53
N ASN A 82 15.66 7.10 6.54
CA ASN A 82 16.79 7.48 5.71
C ASN A 82 16.72 6.81 4.34
N ILE A 83 15.60 6.99 3.65
CA ILE A 83 15.41 6.41 2.34
C ILE A 83 16.58 6.69 1.42
N VAL A 84 16.83 5.81 0.46
CA VAL A 84 17.92 5.96 -0.48
C VAL A 84 17.45 5.80 -1.92
N ARG A 85 18.13 6.47 -2.84
CA ARG A 85 17.77 6.39 -4.26
C ARG A 85 17.30 4.98 -4.62
N ALA A 86 18.02 3.99 -4.16
CA ALA A 86 17.67 2.59 -4.43
C ALA A 86 16.19 2.34 -4.23
N ASP A 87 15.66 2.83 -3.11
CA ASP A 87 14.25 2.65 -2.80
C ASP A 87 13.39 2.90 -4.03
N PHE A 88 13.84 3.79 -4.90
CA PHE A 88 13.12 4.11 -6.13
C PHE A 88 13.24 2.98 -7.15
N GLN A 89 14.45 2.43 -7.26
CA GLN A 89 14.70 1.35 -8.21
C GLN A 89 14.03 0.06 -7.75
N THR A 90 13.89 -0.09 -6.43
CA THR A 90 13.26 -1.28 -5.86
C THR A 90 11.75 -1.25 -6.06
N ILE A 91 11.18 -2.42 -6.32
CA ILE A 91 9.73 -2.53 -6.54
C ILE A 91 9.02 -2.91 -5.25
N TYR A 92 8.02 -2.13 -4.88
CA TYR A 92 7.25 -2.40 -3.66
C TYR A 92 5.95 -3.14 -3.99
N ASN A 93 5.53 -3.99 -3.06
CA ASN A 93 4.31 -4.77 -3.25
C ASN A 93 3.65 -5.07 -1.90
N CYS A 94 2.37 -4.76 -1.79
CA CYS A 94 1.61 -4.99 -0.56
C CYS A 94 0.64 -6.15 -0.73
N THR A 95 0.82 -7.18 0.09
CA THR A 95 -0.05 -8.36 0.03
C THR A 95 -0.78 -8.57 1.35
N ALA A 96 -2.09 -8.75 1.27
CA ALA A 96 -2.90 -8.96 2.46
C ALA A 96 -3.43 -10.40 2.51
N TRP A 97 -4.11 -10.73 3.60
CA TRP A 97 -4.67 -12.07 3.77
C TRP A 97 -5.91 -12.04 4.65
N ASN A 98 -7.05 -12.39 4.06
CA ASN A 98 -8.32 -12.39 4.79
C ASN A 98 -9.00 -13.75 4.67
N SER A 99 -9.74 -14.12 5.71
CA SER A 99 -10.45 -15.40 5.73
C SER A 99 -11.11 -15.67 4.38
N PHE A 100 -11.39 -14.60 3.65
CA PHE A 100 -12.03 -14.72 2.34
C PHE A 100 -11.00 -15.07 1.26
N GLY A 101 -9.97 -14.24 1.16
CA GLY A 101 -8.93 -14.48 0.17
C GLY A 101 -7.71 -13.61 0.38
N SER A 102 -7.23 -12.99 -0.70
CA SER A 102 -6.06 -12.13 -0.62
C SER A 102 -5.86 -11.37 -1.94
N ASP A 103 -5.03 -10.34 -1.90
CA ASP A 103 -4.75 -9.53 -3.08
C ASP A 103 -3.34 -8.93 -3.01
N THR A 104 -2.95 -8.24 -4.08
CA THR A 104 -1.63 -7.63 -4.15
C THR A 104 -1.61 -6.48 -5.15
N GLU A 105 -0.67 -5.56 -4.98
CA GLU A 105 -0.55 -4.42 -5.87
C GLU A 105 0.91 -3.96 -5.98
N ILE A 106 1.26 -3.42 -7.14
CA ILE A 106 2.62 -2.94 -7.37
C ILE A 106 2.71 -1.43 -7.26
N ILE A 107 3.80 -0.94 -6.68
CA ILE A 107 4.00 0.49 -6.51
C ILE A 107 5.47 0.86 -6.65
N ARG A 108 5.74 1.90 -7.44
CA ARG A 108 7.10 2.35 -7.67
C ARG A 108 7.27 3.80 -7.23
N LEU A 109 8.23 4.03 -6.34
CA LEU A 109 8.51 5.38 -5.84
C LEU A 109 9.54 6.09 -6.70
N LYS A 110 9.18 7.27 -7.19
CA LYS A 110 10.09 8.05 -8.02
C LYS A 110 10.39 9.40 -7.38
N GLU A 111 11.45 10.06 -7.85
CA GLU A 111 11.84 11.36 -7.31
C GLU A 111 10.62 12.24 -7.07
N GLN A 112 10.75 13.18 -6.15
CA GLN A 112 9.66 14.09 -5.82
C GLN A 112 8.89 14.47 -7.08
N GLY A 113 9.59 14.56 -8.20
CA GLY A 113 8.96 14.92 -9.45
C GLY A 113 9.50 14.13 -10.63
N SER A 114 8.61 13.76 -11.55
CA SER A 114 9.00 12.99 -12.73
C SER A 114 8.65 13.74 -14.01
N GLU A 115 9.55 14.62 -14.45
CA GLU A 115 9.33 15.40 -15.66
C GLU A 115 10.16 14.84 -16.82
N MET A 116 9.56 14.82 -18.01
CA MET A 116 10.25 14.33 -19.20
C MET A 116 11.71 14.78 -19.22
N SER A 117 12.62 13.81 -19.27
CA SER A 117 14.04 14.11 -19.29
C SER A 117 14.74 13.39 -20.44
N GLY A 118 14.13 13.44 -21.62
CA GLY A 118 14.71 12.78 -22.78
C GLY A 118 13.80 11.69 -23.33
N PRO A 119 14.41 10.73 -24.04
CA PRO A 119 13.67 9.61 -24.64
C PRO A 119 13.15 8.63 -23.58
N SER A 120 11.83 8.60 -23.41
CA SER A 120 11.21 7.71 -22.44
C SER A 120 10.97 6.33 -23.03
N SER A 121 10.47 6.31 -24.27
CA SER A 121 10.18 5.05 -24.95
C SER A 121 11.43 4.18 -25.03
N GLY A 122 11.23 2.87 -25.01
CA GLY A 122 12.36 1.95 -25.09
C GLY A 122 12.21 0.77 -24.15
N GLY A 1 -48.27 -6.76 1.45
CA GLY A 1 -48.02 -8.18 1.21
C GLY A 1 -47.05 -8.39 0.05
N SER A 2 -45.95 -7.65 0.06
CA SER A 2 -44.95 -7.77 -0.99
C SER A 2 -43.56 -7.41 -0.46
N SER A 3 -42.53 -7.77 -1.22
CA SER A 3 -41.15 -7.49 -0.83
C SER A 3 -40.71 -6.13 -1.35
N GLY A 4 -39.92 -5.43 -0.55
CA GLY A 4 -39.44 -4.11 -0.93
C GLY A 4 -37.93 -3.99 -0.80
N SER A 5 -37.44 -2.74 -0.71
CA SER A 5 -36.02 -2.49 -0.58
C SER A 5 -35.77 -1.11 0.02
N SER A 6 -35.27 -1.09 1.25
CA SER A 6 -34.99 0.16 1.94
C SER A 6 -34.13 -0.07 3.17
N GLY A 7 -32.98 0.61 3.23
CA GLY A 7 -32.08 0.45 4.36
C GLY A 7 -30.69 0.96 4.06
N THR A 8 -29.69 0.13 4.34
CA THR A 8 -28.30 0.49 4.09
C THR A 8 -27.66 -0.40 3.03
N LEU A 9 -26.46 -0.04 2.61
CA LEU A 9 -25.75 -0.81 1.60
C LEU A 9 -24.36 -1.21 2.08
N THR A 10 -23.98 -2.45 1.81
CA THR A 10 -22.68 -2.96 2.23
C THR A 10 -22.41 -4.35 1.64
N VAL A 11 -21.14 -4.68 1.46
CA VAL A 11 -20.76 -5.97 0.92
C VAL A 11 -19.53 -6.53 1.62
N ASN A 12 -19.44 -7.85 1.70
CA ASN A 12 -18.31 -8.50 2.35
C ASN A 12 -17.58 -9.43 1.38
N GLY A 13 -16.26 -9.42 1.44
CA GLY A 13 -15.47 -10.27 0.57
C GLY A 13 -13.98 -10.17 0.85
N PRO A 14 -13.16 -10.55 -0.16
CA PRO A 14 -11.70 -10.50 -0.03
C PRO A 14 -11.16 -9.08 0.01
N PRO A 15 -9.89 -8.94 0.39
CA PRO A 15 -9.23 -7.63 0.48
C PRO A 15 -8.98 -7.01 -0.89
N ILE A 16 -9.52 -5.81 -1.10
CA ILE A 16 -9.37 -5.12 -2.37
C ILE A 16 -8.27 -4.06 -2.28
N ILE A 17 -7.27 -4.19 -3.14
CA ILE A 17 -6.15 -3.26 -3.17
C ILE A 17 -6.19 -2.39 -4.41
N SER A 18 -6.51 -1.11 -4.24
CA SER A 18 -6.59 -0.18 -5.35
C SER A 18 -5.20 0.39 -5.68
N SER A 19 -4.70 1.24 -4.80
CA SER A 19 -3.39 1.86 -4.99
C SER A 19 -2.95 2.59 -3.73
N THR A 20 -1.72 3.12 -3.76
CA THR A 20 -1.18 3.85 -2.62
C THR A 20 -1.08 5.34 -2.92
N GLN A 21 -0.65 6.11 -1.92
CA GLN A 21 -0.50 7.55 -2.07
C GLN A 21 0.97 7.94 -2.21
N THR A 22 1.71 7.14 -2.96
CA THR A 22 3.14 7.40 -3.17
C THR A 22 3.41 8.90 -3.28
N GLN A 23 4.63 9.30 -2.94
CA GLN A 23 5.02 10.71 -3.00
C GLN A 23 6.52 10.84 -3.24
N HIS A 24 6.94 12.04 -3.64
CA HIS A 24 8.35 12.31 -3.90
C HIS A 24 9.13 12.46 -2.60
N ALA A 25 9.58 11.33 -2.05
CA ALA A 25 10.34 11.34 -0.80
C ALA A 25 11.78 11.75 -1.04
N LEU A 26 12.26 12.70 -0.24
CA LEU A 26 13.63 13.19 -0.37
C LEU A 26 14.57 12.39 0.53
N HIS A 27 15.83 12.29 0.11
CA HIS A 27 16.83 11.56 0.88
C HIS A 27 16.59 11.71 2.38
N GLY A 28 16.78 12.92 2.89
CA GLY A 28 16.58 13.18 4.30
C GLY A 28 15.31 12.52 4.83
N GLU A 29 14.16 13.09 4.49
CA GLU A 29 12.88 12.56 4.93
C GLU A 29 12.82 11.06 4.73
N LYS A 30 11.79 10.43 5.29
CA LYS A 30 11.60 8.99 5.17
C LYS A 30 10.60 8.65 4.08
N GLY A 31 10.82 7.52 3.41
CA GLY A 31 9.93 7.10 2.34
C GLY A 31 8.67 6.44 2.87
N GLN A 32 7.56 7.18 2.86
CA GLN A 32 6.29 6.66 3.33
C GLN A 32 5.41 6.23 2.17
N ILE A 33 4.68 5.12 2.36
CA ILE A 33 3.80 4.61 1.32
C ILE A 33 2.55 3.97 1.93
N LYS A 34 1.41 4.62 1.75
CA LYS A 34 0.15 4.11 2.28
C LYS A 34 -0.70 3.52 1.17
N CYS A 35 -1.05 2.24 1.31
CA CYS A 35 -1.87 1.57 0.32
C CYS A 35 -3.34 1.62 0.70
N PHE A 36 -4.15 2.25 -0.14
CA PHE A 36 -5.58 2.38 0.10
C PHE A 36 -6.27 1.02 0.02
N ILE A 37 -6.27 0.30 1.13
CA ILE A 37 -6.89 -1.02 1.18
C ILE A 37 -8.37 -0.91 1.55
N ARG A 38 -9.23 -1.10 0.56
CA ARG A 38 -10.67 -1.03 0.77
C ARG A 38 -11.24 -2.40 1.13
N SER A 39 -10.56 -3.09 2.05
CA SER A 39 -11.00 -4.42 2.47
C SER A 39 -12.15 -4.32 3.47
N THR A 40 -13.15 -5.18 3.29
CA THR A 40 -14.31 -5.18 4.19
C THR A 40 -14.96 -6.56 4.22
N PRO A 41 -14.75 -7.29 5.32
CA PRO A 41 -13.94 -6.82 6.44
C PRO A 41 -12.45 -6.75 6.09
N PRO A 42 -11.66 -6.14 6.98
CA PRO A 42 -10.22 -5.99 6.78
C PRO A 42 -9.47 -7.31 6.88
N PRO A 43 -8.26 -7.36 6.31
CA PRO A 43 -7.43 -8.57 6.32
C PRO A 43 -6.89 -8.87 7.72
N ASP A 44 -6.67 -10.16 7.99
CA ASP A 44 -6.14 -10.58 9.29
C ASP A 44 -4.63 -10.50 9.31
N ARG A 45 -4.02 -10.45 8.14
CA ARG A 45 -2.57 -10.38 8.02
C ARG A 45 -2.15 -9.63 6.77
N ILE A 46 -0.97 -9.03 6.80
CA ILE A 46 -0.45 -8.27 5.66
C ILE A 46 1.07 -8.33 5.60
N ALA A 47 1.60 -8.43 4.39
CA ALA A 47 3.04 -8.49 4.20
C ALA A 47 3.50 -7.50 3.14
N TRP A 48 4.62 -6.84 3.40
CA TRP A 48 5.16 -5.85 2.47
C TRP A 48 6.52 -6.29 1.93
N SER A 49 6.51 -6.89 0.75
CA SER A 49 7.74 -7.37 0.12
C SER A 49 7.96 -6.69 -1.23
N TRP A 50 9.18 -6.22 -1.46
CA TRP A 50 9.52 -5.56 -2.72
C TRP A 50 10.27 -6.51 -3.65
N LYS A 51 11.48 -6.90 -3.23
CA LYS A 51 12.30 -7.79 -4.03
C LYS A 51 12.43 -9.15 -3.35
N GLU A 52 13.22 -9.20 -2.27
CA GLU A 52 13.43 -10.43 -1.53
C GLU A 52 13.10 -10.25 -0.06
N ASN A 53 13.02 -8.99 0.37
CA ASN A 53 12.70 -8.67 1.76
C ASN A 53 11.20 -8.64 1.99
N VAL A 54 10.76 -9.12 3.15
CA VAL A 54 9.35 -9.14 3.50
C VAL A 54 9.12 -8.61 4.91
N LEU A 55 8.25 -7.61 5.01
CA LEU A 55 7.93 -7.00 6.30
C LEU A 55 6.43 -7.07 6.59
N GLU A 56 6.06 -7.90 7.56
CA GLU A 56 4.65 -8.05 7.93
C GLU A 56 4.23 -6.98 8.93
N SER A 57 5.09 -6.73 9.92
CA SER A 57 4.80 -5.74 10.94
C SER A 57 6.02 -5.49 11.82
N GLY A 58 6.17 -4.26 12.30
CA GLY A 58 7.29 -3.92 13.15
C GLY A 58 8.25 -2.96 12.47
N THR A 59 9.53 -3.02 12.86
CA THR A 59 10.55 -2.15 12.29
C THR A 59 11.76 -2.95 11.83
N SER A 60 12.02 -2.94 10.53
CA SER A 60 13.15 -3.66 9.98
C SER A 60 14.22 -2.70 9.47
N GLY A 61 15.26 -3.25 8.83
CA GLY A 61 16.32 -2.43 8.30
C GLY A 61 15.81 -1.22 7.55
N ARG A 62 15.60 -0.12 8.26
CA ARG A 62 15.10 1.11 7.65
C ARG A 62 13.69 0.90 7.09
N TYR A 63 12.87 0.13 7.81
CA TYR A 63 11.51 -0.14 7.38
C TYR A 63 10.57 -0.22 8.58
N THR A 64 9.30 0.11 8.35
CA THR A 64 8.30 0.08 9.41
C THR A 64 6.89 -0.01 8.83
N VAL A 65 6.25 -1.16 9.03
CA VAL A 65 4.89 -1.36 8.54
C VAL A 65 3.85 -1.01 9.59
N GLU A 66 2.81 -0.31 9.18
CA GLU A 66 1.74 0.09 10.10
C GLU A 66 0.40 0.12 9.39
N THR A 67 -0.58 -0.58 9.95
CA THR A 67 -1.91 -0.64 9.38
C THR A 67 -2.90 0.22 10.17
N ILE A 68 -3.79 0.90 9.44
CA ILE A 68 -4.78 1.76 10.07
C ILE A 68 -6.19 1.43 9.58
N SER A 69 -7.18 1.81 10.37
CA SER A 69 -8.58 1.57 10.01
C SER A 69 -9.26 2.85 9.56
N THR A 70 -9.70 2.86 8.31
CA THR A 70 -10.38 4.03 7.75
C THR A 70 -11.83 3.72 7.40
N GLU A 71 -12.53 4.71 6.88
CA GLU A 71 -13.94 4.54 6.50
C GLU A 71 -14.07 3.51 5.38
N GLU A 72 -13.23 3.63 4.36
CA GLU A 72 -13.26 2.69 3.24
C GLU A 72 -12.87 1.29 3.68
N GLY A 73 -11.96 1.21 4.65
CA GLY A 73 -11.52 -0.08 5.14
C GLY A 73 -10.28 0.02 6.01
N VAL A 74 -9.11 -0.01 5.37
CA VAL A 74 -7.85 0.08 6.10
C VAL A 74 -6.75 0.65 5.21
N ILE A 75 -5.62 0.98 5.82
CA ILE A 75 -4.48 1.54 5.09
C ILE A 75 -3.16 1.15 5.73
N SER A 76 -2.34 0.42 4.98
CA SER A 76 -1.04 -0.02 5.47
C SER A 76 0.07 0.91 5.00
N THR A 77 0.55 1.74 5.91
CA THR A 77 1.62 2.69 5.59
C THR A 77 2.99 2.11 5.93
N LEU A 78 3.92 2.20 4.99
CA LEU A 78 5.26 1.70 5.18
C LEU A 78 6.30 2.83 5.14
N THR A 79 7.01 3.00 6.25
CA THR A 79 8.01 4.05 6.35
C THR A 79 9.40 3.50 6.04
N ILE A 80 10.27 4.36 5.49
CA ILE A 80 11.62 3.96 5.15
C ILE A 80 12.63 5.04 5.54
N SER A 81 13.45 4.74 6.54
CA SER A 81 14.46 5.68 7.02
C SER A 81 15.68 5.67 6.12
N ASN A 82 16.55 6.66 6.28
CA ASN A 82 17.76 6.76 5.48
C ASN A 82 17.52 6.26 4.06
N ILE A 83 16.39 6.66 3.49
CA ILE A 83 16.04 6.27 2.13
C ILE A 83 17.18 6.57 1.16
N VAL A 84 17.27 5.76 0.10
CA VAL A 84 18.32 5.93 -0.90
C VAL A 84 17.73 5.90 -2.32
N ARG A 85 18.50 6.37 -3.28
CA ARG A 85 18.07 6.39 -4.67
C ARG A 85 17.46 5.04 -5.08
N ALA A 86 18.08 3.97 -4.59
CA ALA A 86 17.61 2.62 -4.89
C ALA A 86 16.16 2.42 -4.44
N ASP A 87 15.82 3.05 -3.32
CA ASP A 87 14.46 2.95 -2.78
C ASP A 87 13.43 3.23 -3.85
N PHE A 88 13.80 4.05 -4.83
CA PHE A 88 12.89 4.41 -5.92
C PHE A 88 12.92 3.34 -7.02
N GLN A 89 14.12 2.93 -7.41
CA GLN A 89 14.29 1.92 -8.45
C GLN A 89 13.69 0.59 -8.01
N THR A 90 13.69 0.34 -6.70
CA THR A 90 13.15 -0.89 -6.16
C THR A 90 11.64 -0.94 -6.28
N ILE A 91 11.11 -2.12 -6.59
CA ILE A 91 9.67 -2.30 -6.74
C ILE A 91 9.04 -2.79 -5.44
N TYR A 92 7.99 -2.11 -5.01
CA TYR A 92 7.30 -2.48 -3.78
C TYR A 92 6.00 -3.22 -4.09
N ASN A 93 5.54 -4.02 -3.13
CA ASN A 93 4.30 -4.79 -3.30
C ASN A 93 3.64 -5.06 -1.96
N CYS A 94 2.33 -4.83 -1.88
CA CYS A 94 1.58 -5.05 -0.66
C CYS A 94 0.63 -6.22 -0.80
N THR A 95 0.71 -7.18 0.12
CA THR A 95 -0.15 -8.35 0.09
C THR A 95 -0.93 -8.49 1.39
N ALA A 96 -2.21 -8.83 1.27
CA ALA A 96 -3.07 -9.01 2.44
C ALA A 96 -3.64 -10.42 2.50
N TRP A 97 -4.25 -10.76 3.62
CA TRP A 97 -4.83 -12.08 3.81
C TRP A 97 -6.06 -12.02 4.70
N ASN A 98 -7.23 -12.32 4.13
CA ASN A 98 -8.48 -12.29 4.87
C ASN A 98 -9.20 -13.62 4.76
N SER A 99 -10.05 -13.91 5.75
CA SER A 99 -10.81 -15.16 5.77
C SER A 99 -11.48 -15.41 4.43
N PHE A 100 -11.63 -14.35 3.64
CA PHE A 100 -12.26 -14.44 2.34
C PHE A 100 -11.26 -14.89 1.28
N GLY A 101 -10.20 -14.10 1.10
CA GLY A 101 -9.19 -14.43 0.12
C GLY A 101 -7.92 -13.62 0.31
N SER A 102 -7.36 -13.14 -0.79
CA SER A 102 -6.13 -12.35 -0.74
C SER A 102 -5.99 -11.49 -1.99
N ASP A 103 -4.98 -10.62 -2.00
CA ASP A 103 -4.73 -9.74 -3.13
C ASP A 103 -3.34 -9.13 -3.06
N THR A 104 -2.95 -8.42 -4.11
CA THR A 104 -1.64 -7.79 -4.16
C THR A 104 -1.62 -6.65 -5.17
N GLU A 105 -0.58 -5.82 -5.10
CA GLU A 105 -0.44 -4.69 -6.02
C GLU A 105 1.01 -4.22 -6.09
N ILE A 106 1.41 -3.73 -7.26
CA ILE A 106 2.77 -3.23 -7.45
C ILE A 106 2.83 -1.72 -7.33
N ILE A 107 3.88 -1.23 -6.68
CA ILE A 107 4.06 0.21 -6.50
C ILE A 107 5.54 0.59 -6.59
N ARG A 108 5.81 1.69 -7.28
CA ARG A 108 7.18 2.16 -7.44
C ARG A 108 7.34 3.57 -6.89
N LEU A 109 8.39 3.80 -6.12
CA LEU A 109 8.65 5.10 -5.52
C LEU A 109 9.55 5.93 -6.42
N LYS A 110 9.51 7.25 -6.24
CA LYS A 110 10.32 8.16 -7.04
C LYS A 110 11.01 9.19 -6.15
N GLU A 111 11.86 10.02 -6.75
CA GLU A 111 12.58 11.05 -6.01
C GLU A 111 12.08 12.45 -6.40
N GLN A 112 12.42 13.44 -5.57
CA GLN A 112 12.01 14.81 -5.83
C GLN A 112 13.10 15.59 -6.55
N GLY A 113 13.00 15.67 -7.87
CA GLY A 113 13.98 16.38 -8.66
C GLY A 113 14.93 15.44 -9.39
N SER A 114 14.40 14.72 -10.37
CA SER A 114 15.20 13.79 -11.14
C SER A 114 14.94 13.96 -12.65
N GLU A 115 16.01 14.05 -13.42
CA GLU A 115 15.90 14.20 -14.86
C GLU A 115 17.04 13.49 -15.59
N MET A 116 16.67 12.61 -16.50
CA MET A 116 17.66 11.85 -17.27
C MET A 116 18.71 11.25 -16.34
N SER A 117 18.27 10.71 -15.21
CA SER A 117 19.17 10.10 -14.25
C SER A 117 19.63 8.72 -14.72
N GLY A 118 20.91 8.62 -15.05
CA GLY A 118 21.46 7.36 -15.52
C GLY A 118 22.31 6.67 -14.46
N PRO A 119 22.52 5.36 -14.63
CA PRO A 119 23.31 4.55 -13.70
C PRO A 119 24.80 4.90 -13.76
N SER A 120 25.16 5.82 -14.66
CA SER A 120 26.54 6.24 -14.83
C SER A 120 27.18 6.54 -13.47
N SER A 121 28.49 6.72 -13.47
CA SER A 121 29.23 7.02 -12.25
C SER A 121 28.89 8.41 -11.73
N GLY A 122 28.96 8.58 -10.41
CA GLY A 122 28.65 9.86 -9.81
C GLY A 122 27.32 9.86 -9.08
N GLY A 1 -26.42 -10.06 -3.64
CA GLY A 1 -27.52 -9.37 -4.29
C GLY A 1 -28.84 -10.10 -4.10
N SER A 2 -29.34 -10.10 -2.87
CA SER A 2 -30.60 -10.77 -2.55
C SER A 2 -31.78 -9.99 -3.12
N SER A 3 -32.96 -10.60 -3.09
CA SER A 3 -34.17 -9.97 -3.60
C SER A 3 -34.70 -8.93 -2.61
N GLY A 4 -34.35 -7.66 -2.86
CA GLY A 4 -34.79 -6.59 -1.99
C GLY A 4 -34.52 -6.89 -0.53
N SER A 5 -33.42 -6.37 -0.01
CA SER A 5 -33.05 -6.58 1.39
C SER A 5 -33.29 -5.31 2.21
N SER A 6 -33.04 -5.41 3.51
CA SER A 6 -33.23 -4.27 4.41
C SER A 6 -32.18 -4.29 5.52
N GLY A 7 -31.88 -3.10 6.05
CA GLY A 7 -30.90 -3.00 7.12
C GLY A 7 -29.66 -2.25 6.69
N THR A 8 -28.64 -2.27 7.54
CA THR A 8 -27.38 -1.59 7.23
C THR A 8 -26.76 -2.11 5.94
N LEU A 9 -26.39 -1.19 5.06
CA LEU A 9 -25.79 -1.56 3.78
C LEU A 9 -24.33 -1.96 3.96
N THR A 10 -24.00 -3.20 3.62
CA THR A 10 -22.65 -3.70 3.75
C THR A 10 -22.31 -4.68 2.64
N VAL A 11 -21.02 -4.81 2.32
CA VAL A 11 -20.58 -5.72 1.27
C VAL A 11 -19.47 -6.63 1.78
N ASN A 12 -19.64 -7.93 1.56
CA ASN A 12 -18.64 -8.91 1.99
C ASN A 12 -17.81 -9.40 0.81
N GLY A 13 -16.56 -9.76 1.08
CA GLY A 13 -15.68 -10.24 0.02
C GLY A 13 -14.21 -10.09 0.38
N PRO A 14 -13.33 -10.49 -0.55
CA PRO A 14 -11.88 -10.40 -0.35
C PRO A 14 -11.38 -8.97 -0.34
N PRO A 15 -10.13 -8.77 0.14
CA PRO A 15 -9.51 -7.45 0.21
C PRO A 15 -9.17 -6.89 -1.17
N ILE A 16 -9.41 -5.59 -1.35
CA ILE A 16 -9.13 -4.94 -2.62
C ILE A 16 -8.16 -3.78 -2.44
N ILE A 17 -7.13 -3.74 -3.27
CA ILE A 17 -6.13 -2.68 -3.19
C ILE A 17 -6.15 -1.82 -4.46
N SER A 18 -6.63 -0.58 -4.33
CA SER A 18 -6.70 0.33 -5.46
C SER A 18 -5.31 0.88 -5.81
N SER A 19 -4.75 1.66 -4.90
CA SER A 19 -3.44 2.25 -5.10
C SER A 19 -2.98 3.01 -3.86
N THR A 20 -1.84 3.68 -3.97
CA THR A 20 -1.28 4.44 -2.85
C THR A 20 -1.47 5.93 -3.07
N GLN A 21 -1.07 6.73 -2.07
CA GLN A 21 -1.20 8.18 -2.15
C GLN A 21 0.16 8.83 -2.37
N THR A 22 1.09 8.59 -1.45
CA THR A 22 2.42 9.16 -1.54
C THR A 22 3.09 8.77 -2.85
N GLN A 23 3.93 9.66 -3.37
CA GLN A 23 4.65 9.40 -4.62
C GLN A 23 5.96 10.20 -4.67
N HIS A 24 6.90 9.70 -5.47
CA HIS A 24 8.19 10.36 -5.61
C HIS A 24 8.76 10.75 -4.25
N ALA A 25 8.76 9.80 -3.32
CA ALA A 25 9.28 10.05 -1.98
C ALA A 25 10.62 10.78 -2.03
N LEU A 26 10.73 11.83 -1.23
CA LEU A 26 11.96 12.63 -1.19
C LEU A 26 13.09 11.85 -0.52
N HIS A 27 14.31 12.03 -1.02
CA HIS A 27 15.48 11.34 -0.48
C HIS A 27 15.71 11.75 0.98
N GLY A 28 15.47 13.02 1.29
CA GLY A 28 15.67 13.51 2.63
C GLY A 28 14.62 12.98 3.59
N GLU A 29 13.37 13.31 3.34
CA GLU A 29 12.27 12.87 4.19
C GLU A 29 12.18 11.35 4.22
N LYS A 30 11.19 10.83 4.93
CA LYS A 30 10.99 9.39 5.04
C LYS A 30 10.10 8.88 3.91
N GLY A 31 10.51 7.77 3.30
CA GLY A 31 9.74 7.19 2.21
C GLY A 31 8.49 6.48 2.70
N GLN A 32 7.42 7.24 2.87
CA GLN A 32 6.15 6.67 3.34
C GLN A 32 5.25 6.33 2.17
N ILE A 33 4.49 5.24 2.31
CA ILE A 33 3.59 4.80 1.26
C ILE A 33 2.25 4.36 1.84
N LYS A 34 1.23 5.19 1.66
CA LYS A 34 -0.11 4.88 2.16
C LYS A 34 -0.92 4.12 1.13
N CYS A 35 -1.11 2.82 1.37
CA CYS A 35 -1.87 1.97 0.46
C CYS A 35 -3.35 2.02 0.79
N PHE A 36 -4.17 2.37 -0.20
CA PHE A 36 -5.61 2.46 -0.02
C PHE A 36 -6.25 1.09 -0.19
N ILE A 37 -6.52 0.42 0.94
CA ILE A 37 -7.14 -0.90 0.91
C ILE A 37 -8.64 -0.80 1.18
N ARG A 38 -9.44 -1.18 0.18
CA ARG A 38 -10.89 -1.13 0.31
C ARG A 38 -11.45 -2.51 0.67
N SER A 39 -10.80 -3.18 1.62
CA SER A 39 -11.23 -4.50 2.05
C SER A 39 -12.39 -4.41 3.04
N THR A 40 -13.29 -5.38 2.98
CA THR A 40 -14.44 -5.41 3.86
C THR A 40 -15.08 -6.80 3.89
N PRO A 41 -14.86 -7.53 4.99
CA PRO A 41 -14.04 -7.05 6.11
C PRO A 41 -12.56 -6.94 5.75
N PRO A 42 -11.79 -6.31 6.63
CA PRO A 42 -10.34 -6.13 6.44
C PRO A 42 -9.57 -7.43 6.56
N PRO A 43 -8.33 -7.45 6.05
CA PRO A 43 -7.47 -8.62 6.08
C PRO A 43 -6.99 -8.94 7.49
N ASP A 44 -6.74 -10.22 7.76
CA ASP A 44 -6.27 -10.66 9.06
C ASP A 44 -4.76 -10.52 9.17
N ARG A 45 -4.06 -10.62 8.04
CA ARG A 45 -2.62 -10.51 8.02
C ARG A 45 -2.15 -9.73 6.79
N ILE A 46 -0.97 -9.12 6.89
CA ILE A 46 -0.42 -8.35 5.79
C ILE A 46 1.10 -8.42 5.77
N ALA A 47 1.68 -8.42 4.58
CA ALA A 47 3.13 -8.48 4.43
C ALA A 47 3.60 -7.54 3.33
N TRP A 48 4.67 -6.79 3.61
CA TRP A 48 5.22 -5.85 2.64
C TRP A 48 6.50 -6.40 2.04
N SER A 49 6.39 -7.00 0.85
CA SER A 49 7.55 -7.56 0.16
C SER A 49 7.79 -6.85 -1.16
N TRP A 50 9.04 -6.46 -1.40
CA TRP A 50 9.41 -5.77 -2.63
C TRP A 50 10.11 -6.71 -3.59
N LYS A 51 11.37 -7.02 -3.30
CA LYS A 51 12.16 -7.92 -4.13
C LYS A 51 12.18 -9.33 -3.55
N GLU A 52 12.94 -9.51 -2.48
CA GLU A 52 13.06 -10.82 -1.83
C GLU A 52 12.81 -10.70 -0.33
N ASN A 53 12.69 -9.46 0.15
CA ASN A 53 12.45 -9.21 1.56
C ASN A 53 10.96 -9.19 1.87
N VAL A 54 10.61 -9.31 3.15
CA VAL A 54 9.23 -9.30 3.57
C VAL A 54 9.09 -8.80 5.00
N LEU A 55 8.30 -7.74 5.19
CA LEU A 55 8.09 -7.17 6.51
C LEU A 55 6.60 -7.18 6.87
N GLU A 56 6.20 -8.10 7.73
CA GLU A 56 4.81 -8.20 8.15
C GLU A 56 4.45 -7.06 9.09
N SER A 57 5.38 -6.70 9.98
CA SER A 57 5.15 -5.62 10.93
C SER A 57 6.42 -5.30 11.69
N GLY A 58 6.49 -4.09 12.25
CA GLY A 58 7.66 -3.68 13.00
C GLY A 58 8.59 -2.80 12.19
N THR A 59 9.85 -2.71 12.61
CA THR A 59 10.83 -1.89 11.92
C THR A 59 12.06 -2.71 11.54
N SER A 60 12.27 -2.90 10.24
CA SER A 60 13.42 -3.67 9.76
C SER A 60 14.44 -2.76 9.11
N GLY A 61 15.35 -2.23 9.91
CA GLY A 61 16.38 -1.34 9.39
C GLY A 61 15.82 0.00 8.98
N ARG A 62 15.44 0.13 7.72
CA ARG A 62 14.89 1.38 7.20
C ARG A 62 13.49 1.17 6.64
N TYR A 63 12.75 0.25 7.25
CA TYR A 63 11.39 -0.06 6.82
C TYR A 63 10.47 -0.30 8.01
N THR A 64 9.44 0.53 8.13
CA THR A 64 8.49 0.41 9.23
C THR A 64 7.07 0.22 8.71
N VAL A 65 6.53 -0.98 8.92
CA VAL A 65 5.17 -1.30 8.47
C VAL A 65 4.15 -0.95 9.55
N GLU A 66 3.07 -0.29 9.15
CA GLU A 66 2.01 0.10 10.07
C GLU A 66 0.66 0.11 9.37
N THR A 67 -0.25 -0.76 9.83
CA THR A 67 -1.58 -0.84 9.25
C THR A 67 -2.57 0.04 10.01
N ILE A 68 -3.62 0.48 9.32
CA ILE A 68 -4.63 1.33 9.94
C ILE A 68 -6.03 0.89 9.51
N SER A 69 -7.04 1.35 10.26
CA SER A 69 -8.42 1.01 9.97
C SER A 69 -9.23 2.26 9.65
N THR A 70 -9.77 2.30 8.43
CA THR A 70 -10.57 3.44 7.99
C THR A 70 -12.02 3.04 7.74
N GLU A 71 -12.89 4.03 7.58
CA GLU A 71 -14.30 3.77 7.32
C GLU A 71 -14.48 2.92 6.08
N GLU A 72 -13.71 3.22 5.04
CA GLU A 72 -13.78 2.48 3.78
C GLU A 72 -13.22 1.08 3.95
N GLY A 73 -12.20 0.95 4.80
CA GLY A 73 -11.59 -0.35 5.02
C GLY A 73 -10.32 -0.25 5.87
N VAL A 74 -9.18 -0.49 5.24
CA VAL A 74 -7.90 -0.44 5.94
C VAL A 74 -6.84 0.27 5.09
N ILE A 75 -5.69 0.54 5.69
CA ILE A 75 -4.61 1.21 4.99
C ILE A 75 -3.25 0.82 5.58
N SER A 76 -2.35 0.36 4.71
CA SER A 76 -1.02 -0.04 5.14
C SER A 76 0.02 1.01 4.79
N THR A 77 0.59 1.65 5.81
CA THR A 77 1.60 2.68 5.60
C THR A 77 2.99 2.15 5.93
N LEU A 78 3.89 2.27 4.96
CA LEU A 78 5.27 1.81 5.14
C LEU A 78 6.24 2.99 5.13
N THR A 79 6.76 3.34 6.31
CA THR A 79 7.70 4.43 6.43
C THR A 79 9.13 3.96 6.25
N ILE A 80 9.89 4.67 5.41
CA ILE A 80 11.29 4.33 5.15
C ILE A 80 12.23 5.42 5.63
N SER A 81 12.92 5.15 6.73
CA SER A 81 13.86 6.11 7.30
C SER A 81 15.04 6.33 6.37
N ASN A 82 15.53 7.57 6.31
CA ASN A 82 16.66 7.91 5.46
C ASN A 82 16.64 7.08 4.17
N ILE A 83 15.53 7.16 3.45
CA ILE A 83 15.38 6.43 2.20
C ILE A 83 16.60 6.62 1.31
N VAL A 84 16.83 5.65 0.42
CA VAL A 84 17.97 5.71 -0.50
C VAL A 84 17.51 5.55 -1.94
N ARG A 85 18.21 6.21 -2.85
CA ARG A 85 17.88 6.14 -4.27
C ARG A 85 17.42 4.75 -4.65
N ALA A 86 18.05 3.73 -4.06
CA ALA A 86 17.70 2.35 -4.34
C ALA A 86 16.22 2.09 -4.06
N ASP A 87 15.74 2.57 -2.92
CA ASP A 87 14.35 2.39 -2.53
C ASP A 87 13.41 2.66 -3.71
N PHE A 88 13.86 3.55 -4.60
CA PHE A 88 13.07 3.90 -5.78
C PHE A 88 13.15 2.80 -6.85
N GLN A 89 14.37 2.33 -7.11
CA GLN A 89 14.58 1.29 -8.09
C GLN A 89 13.89 0.00 -7.69
N THR A 90 13.73 -0.19 -6.38
CA THR A 90 13.08 -1.39 -5.86
C THR A 90 11.57 -1.22 -5.83
N ILE A 91 10.86 -2.18 -6.43
CA ILE A 91 9.40 -2.14 -6.47
C ILE A 91 8.80 -2.66 -5.17
N TYR A 92 7.74 -2.01 -4.71
CA TYR A 92 7.07 -2.40 -3.48
C TYR A 92 5.75 -3.10 -3.78
N ASN A 93 5.44 -4.11 -2.98
CA ASN A 93 4.19 -4.88 -3.15
C ASN A 93 3.59 -5.23 -1.80
N CYS A 94 2.33 -4.85 -1.62
CA CYS A 94 1.61 -5.12 -0.37
C CYS A 94 0.62 -6.26 -0.55
N THR A 95 0.88 -7.38 0.11
CA THR A 95 0.01 -8.55 0.01
C THR A 95 -0.83 -8.69 1.28
N ALA A 96 -2.14 -8.88 1.08
CA ALA A 96 -3.06 -9.04 2.21
C ALA A 96 -3.65 -10.44 2.24
N TRP A 97 -4.23 -10.82 3.38
CA TRP A 97 -4.83 -12.14 3.53
C TRP A 97 -6.06 -12.07 4.42
N ASN A 98 -7.21 -12.44 3.87
CA ASN A 98 -8.46 -12.43 4.62
C ASN A 98 -9.19 -13.77 4.51
N SER A 99 -10.07 -14.04 5.46
CA SER A 99 -10.83 -15.29 5.46
C SER A 99 -11.45 -15.54 4.10
N PHE A 100 -11.61 -14.49 3.32
CA PHE A 100 -12.20 -14.59 1.99
C PHE A 100 -11.16 -15.02 0.96
N GLY A 101 -10.02 -14.34 0.97
CA GLY A 101 -8.95 -14.67 0.03
C GLY A 101 -7.71 -13.84 0.26
N SER A 102 -7.18 -13.24 -0.81
CA SER A 102 -5.98 -12.43 -0.72
C SER A 102 -5.97 -11.36 -1.81
N ASP A 103 -4.87 -10.62 -1.88
CA ASP A 103 -4.74 -9.55 -2.88
C ASP A 103 -3.30 -9.02 -2.91
N THR A 104 -2.97 -8.31 -3.98
CA THR A 104 -1.64 -7.75 -4.14
C THR A 104 -1.64 -6.59 -5.13
N GLU A 105 -0.77 -5.61 -4.89
CA GLU A 105 -0.67 -4.45 -5.76
C GLU A 105 0.77 -3.94 -5.85
N ILE A 106 1.13 -3.41 -7.01
CA ILE A 106 2.49 -2.89 -7.21
C ILE A 106 2.52 -1.37 -7.04
N ILE A 107 3.60 -0.89 -6.44
CA ILE A 107 3.76 0.55 -6.22
C ILE A 107 5.19 1.00 -6.52
N ARG A 108 5.33 1.90 -7.48
CA ARG A 108 6.65 2.41 -7.87
C ARG A 108 6.93 3.74 -7.17
N LEU A 109 8.02 3.79 -6.42
CA LEU A 109 8.42 4.99 -5.71
C LEU A 109 9.52 5.74 -6.47
N LYS A 110 9.52 5.61 -7.79
CA LYS A 110 10.52 6.26 -8.62
C LYS A 110 10.94 7.59 -8.01
N GLU A 111 12.21 7.96 -8.20
CA GLU A 111 12.75 9.20 -7.67
C GLU A 111 11.94 10.40 -8.18
N GLN A 112 11.74 11.38 -7.31
CA GLN A 112 10.99 12.58 -7.68
C GLN A 112 11.61 13.26 -8.90
N GLY A 113 11.02 14.38 -9.30
CA GLY A 113 11.54 15.11 -10.45
C GLY A 113 10.78 14.78 -11.73
N SER A 114 9.63 15.40 -11.90
CA SER A 114 8.81 15.17 -13.09
C SER A 114 8.72 16.42 -13.95
N GLU A 115 9.82 17.17 -14.01
CA GLU A 115 9.88 18.39 -14.80
C GLU A 115 9.27 18.17 -16.18
N MET A 116 9.55 17.01 -16.77
CA MET A 116 9.04 16.68 -18.09
C MET A 116 7.51 16.79 -18.11
N SER A 117 6.98 17.31 -19.22
CA SER A 117 5.53 17.48 -19.37
C SER A 117 4.97 16.45 -20.33
N GLY A 118 3.85 15.83 -19.95
CA GLY A 118 3.24 14.83 -20.80
C GLY A 118 3.14 15.26 -22.24
N PRO A 119 3.39 14.32 -23.16
CA PRO A 119 3.33 14.59 -24.60
C PRO A 119 1.92 14.85 -25.09
N SER A 120 1.81 15.54 -26.23
CA SER A 120 0.50 15.86 -26.80
C SER A 120 -0.26 14.58 -27.15
N SER A 121 0.45 13.60 -27.69
CA SER A 121 -0.16 12.33 -28.07
C SER A 121 0.90 11.27 -28.35
N GLY A 122 0.92 10.23 -27.53
CA GLY A 122 1.89 9.16 -27.71
C GLY A 122 2.87 9.08 -26.56
N GLY A 1 -36.03 -2.69 23.48
CA GLY A 1 -36.68 -3.58 22.55
C GLY A 1 -36.84 -2.97 21.18
N SER A 2 -35.73 -2.60 20.55
CA SER A 2 -35.74 -1.99 19.23
C SER A 2 -34.46 -2.30 18.46
N SER A 3 -34.44 -1.94 17.18
CA SER A 3 -33.28 -2.19 16.33
C SER A 3 -33.10 -1.07 15.32
N GLY A 4 -31.92 -0.47 15.30
CA GLY A 4 -31.64 0.61 14.37
C GLY A 4 -31.63 0.15 12.93
N SER A 5 -31.44 1.09 12.01
CA SER A 5 -31.41 0.77 10.59
C SER A 5 -30.59 1.80 9.82
N SER A 6 -29.47 1.34 9.25
CA SER A 6 -28.59 2.22 8.48
C SER A 6 -29.01 2.28 7.02
N GLY A 7 -28.93 3.47 6.43
CA GLY A 7 -29.31 3.62 5.04
C GLY A 7 -28.11 3.56 4.10
N THR A 8 -27.35 2.47 4.20
CA THR A 8 -26.17 2.29 3.36
C THR A 8 -26.04 0.83 2.91
N LEU A 9 -25.04 0.57 2.07
CA LEU A 9 -24.81 -0.78 1.57
C LEU A 9 -23.41 -1.27 1.94
N THR A 10 -23.33 -2.50 2.44
CA THR A 10 -22.06 -3.08 2.84
C THR A 10 -21.94 -4.53 2.37
N VAL A 11 -20.71 -4.96 2.13
CA VAL A 11 -20.46 -6.33 1.67
C VAL A 11 -19.23 -6.91 2.35
N ASN A 12 -19.11 -8.24 2.29
CA ASN A 12 -17.97 -8.93 2.90
C ASN A 12 -17.29 -9.85 1.90
N GLY A 13 -15.97 -9.76 1.81
CA GLY A 13 -15.23 -10.58 0.88
C GLY A 13 -13.73 -10.42 1.02
N PRO A 14 -12.98 -10.72 -0.05
CA PRO A 14 -11.52 -10.60 -0.07
C PRO A 14 -11.06 -9.15 -0.03
N PRO A 15 -9.77 -8.95 0.27
CA PRO A 15 -9.17 -7.62 0.34
C PRO A 15 -9.04 -6.96 -1.03
N ILE A 16 -9.26 -5.65 -1.08
CA ILE A 16 -9.17 -4.91 -2.33
C ILE A 16 -8.23 -3.72 -2.20
N ILE A 17 -7.01 -3.88 -2.69
CA ILE A 17 -6.01 -2.82 -2.62
C ILE A 17 -6.23 -1.79 -3.73
N SER A 18 -6.92 -0.71 -3.41
CA SER A 18 -7.19 0.34 -4.39
C SER A 18 -5.90 0.88 -4.99
N SER A 19 -5.13 1.59 -4.17
CA SER A 19 -3.87 2.16 -4.63
C SER A 19 -3.11 2.80 -3.46
N THR A 20 -1.86 3.17 -3.71
CA THR A 20 -1.03 3.79 -2.68
C THR A 20 -0.77 5.26 -3.00
N GLN A 21 -0.83 6.09 -1.96
CA GLN A 21 -0.59 7.52 -2.12
C GLN A 21 0.90 7.83 -2.24
N THR A 22 1.59 7.07 -3.06
CA THR A 22 3.02 7.25 -3.27
C THR A 22 3.39 8.72 -3.21
N GLN A 23 4.59 9.01 -2.69
CA GLN A 23 5.07 10.38 -2.58
C GLN A 23 6.54 10.48 -2.93
N HIS A 24 7.05 11.71 -3.04
CA HIS A 24 8.45 11.93 -3.36
C HIS A 24 9.32 11.87 -2.11
N ALA A 25 10.05 10.78 -1.95
CA ALA A 25 10.92 10.60 -0.80
C ALA A 25 12.28 11.24 -1.04
N LEU A 26 12.39 12.53 -0.72
CA LEU A 26 13.64 13.26 -0.90
C LEU A 26 14.83 12.46 -0.33
N HIS A 27 16.03 12.98 -0.56
CA HIS A 27 17.24 12.32 -0.08
C HIS A 27 17.45 12.62 1.41
N GLY A 28 16.42 12.37 2.22
CA GLY A 28 16.52 12.62 3.64
C GLY A 28 15.21 12.36 4.36
N GLU A 29 14.10 12.69 3.70
CA GLU A 29 12.78 12.50 4.28
C GLU A 29 12.43 11.01 4.37
N LYS A 30 11.29 10.71 4.99
CA LYS A 30 10.84 9.33 5.13
C LYS A 30 9.87 8.96 4.01
N GLY A 31 10.23 7.93 3.25
CA GLY A 31 9.39 7.48 2.16
C GLY A 31 8.12 6.80 2.65
N GLN A 32 7.09 7.60 2.92
CA GLN A 32 5.82 7.07 3.40
C GLN A 32 4.92 6.67 2.23
N ILE A 33 4.26 5.52 2.36
CA ILE A 33 3.37 5.03 1.31
C ILE A 33 2.06 4.52 1.91
N LYS A 34 1.01 5.34 1.81
CA LYS A 34 -0.29 4.98 2.33
C LYS A 34 -1.07 4.14 1.31
N CYS A 35 -1.14 2.84 1.59
CA CYS A 35 -1.85 1.91 0.71
C CYS A 35 -3.35 1.92 1.00
N PHE A 36 -4.11 2.62 0.14
CA PHE A 36 -5.56 2.71 0.31
C PHE A 36 -6.21 1.34 0.13
N ILE A 37 -6.27 0.57 1.22
CA ILE A 37 -6.87 -0.76 1.17
C ILE A 37 -8.36 -0.69 1.49
N ARG A 38 -9.19 -0.93 0.48
CA ARG A 38 -10.63 -0.90 0.65
C ARG A 38 -11.15 -2.28 1.06
N SER A 39 -10.37 -2.99 1.86
CA SER A 39 -10.76 -4.32 2.32
C SER A 39 -11.89 -4.23 3.34
N THR A 40 -12.92 -5.05 3.15
CA THR A 40 -14.07 -5.07 4.05
C THR A 40 -14.78 -6.41 3.99
N PRO A 41 -14.59 -7.23 5.04
CA PRO A 41 -13.73 -6.87 6.17
C PRO A 41 -12.26 -6.84 5.80
N PRO A 42 -11.42 -6.31 6.71
CA PRO A 42 -9.98 -6.22 6.50
C PRO A 42 -9.29 -7.58 6.51
N PRO A 43 -8.07 -7.63 5.95
CA PRO A 43 -7.29 -8.87 5.89
C PRO A 43 -6.79 -9.32 7.25
N ASP A 44 -6.67 -10.63 7.43
CA ASP A 44 -6.20 -11.18 8.70
C ASP A 44 -4.69 -11.02 8.84
N ARG A 45 -4.01 -10.84 7.71
CA ARG A 45 -2.56 -10.67 7.70
C ARG A 45 -2.13 -9.80 6.53
N ILE A 46 -0.96 -9.16 6.68
CA ILE A 46 -0.43 -8.29 5.64
C ILE A 46 1.09 -8.25 5.68
N ALA A 47 1.71 -8.22 4.51
CA ALA A 47 3.16 -8.17 4.40
C ALA A 47 3.61 -7.22 3.30
N TRP A 48 4.76 -6.60 3.49
CA TRP A 48 5.30 -5.67 2.50
C TRP A 48 6.61 -6.19 1.92
N SER A 49 6.51 -6.87 0.78
CA SER A 49 7.69 -7.43 0.12
C SER A 49 7.91 -6.77 -1.25
N TRP A 50 9.16 -6.45 -1.54
CA TRP A 50 9.52 -5.82 -2.80
C TRP A 50 10.29 -6.78 -3.70
N LYS A 51 11.49 -7.14 -3.26
CA LYS A 51 12.34 -8.06 -4.02
C LYS A 51 12.42 -9.42 -3.34
N GLU A 52 13.18 -9.49 -2.25
CA GLU A 52 13.34 -10.73 -1.50
C GLU A 52 12.98 -10.53 -0.03
N ASN A 53 12.85 -9.28 0.37
CA ASN A 53 12.51 -8.95 1.76
C ASN A 53 11.00 -8.92 1.96
N VAL A 54 10.57 -9.28 3.17
CA VAL A 54 9.15 -9.30 3.50
C VAL A 54 8.91 -8.80 4.92
N LEU A 55 8.35 -7.60 5.04
CA LEU A 55 8.06 -7.01 6.34
C LEU A 55 6.58 -7.12 6.68
N GLU A 56 6.26 -7.96 7.66
CA GLU A 56 4.87 -8.14 8.07
C GLU A 56 4.42 -7.01 8.99
N SER A 57 5.28 -6.63 9.93
CA SER A 57 4.98 -5.57 10.88
C SER A 57 6.19 -5.24 11.74
N GLY A 58 6.14 -4.08 12.39
CA GLY A 58 7.25 -3.67 13.25
C GLY A 58 8.23 -2.77 12.53
N THR A 59 9.50 -2.85 12.92
CA THR A 59 10.54 -2.03 12.32
C THR A 59 11.77 -2.86 11.99
N SER A 60 12.09 -2.96 10.70
CA SER A 60 13.23 -3.73 10.25
C SER A 60 14.27 -2.83 9.58
N GLY A 61 15.51 -2.88 10.07
CA GLY A 61 16.57 -2.07 9.51
C GLY A 61 16.15 -0.61 9.34
N ARG A 62 15.67 -0.27 8.15
CA ARG A 62 15.24 1.09 7.86
C ARG A 62 13.81 1.11 7.31
N TYR A 63 12.97 0.24 7.86
CA TYR A 63 11.58 0.16 7.43
C TYR A 63 10.64 0.06 8.62
N THR A 64 9.41 0.54 8.45
CA THR A 64 8.42 0.50 9.51
C THR A 64 7.01 0.34 8.93
N VAL A 65 6.44 -0.85 9.09
CA VAL A 65 5.10 -1.12 8.60
C VAL A 65 4.04 -0.79 9.65
N GLU A 66 2.98 -0.12 9.22
CA GLU A 66 1.90 0.26 10.13
C GLU A 66 0.55 0.21 9.42
N THR A 67 -0.39 -0.53 10.00
CA THR A 67 -1.72 -0.67 9.41
C THR A 67 -2.75 0.08 10.24
N ILE A 68 -3.74 0.65 9.58
CA ILE A 68 -4.80 1.39 10.25
C ILE A 68 -6.18 0.97 9.75
N SER A 69 -7.21 1.29 10.53
CA SER A 69 -8.58 0.94 10.16
C SER A 69 -9.37 2.18 9.77
N THR A 70 -9.81 2.21 8.51
CA THR A 70 -10.58 3.34 8.01
C THR A 70 -11.99 2.91 7.62
N GLU A 71 -12.80 3.88 7.19
CA GLU A 71 -14.17 3.61 6.79
C GLU A 71 -14.21 2.69 5.56
N GLU A 72 -13.37 3.00 4.58
CA GLU A 72 -13.31 2.21 3.35
C GLU A 72 -12.76 0.82 3.64
N GLY A 73 -12.01 0.69 4.72
CA GLY A 73 -11.45 -0.60 5.09
C GLY A 73 -10.24 -0.46 6.00
N VAL A 74 -9.06 -0.41 5.41
CA VAL A 74 -7.82 -0.27 6.17
C VAL A 74 -6.75 0.47 5.37
N ILE A 75 -5.66 0.82 6.04
CA ILE A 75 -4.56 1.52 5.38
C ILE A 75 -3.21 1.05 5.93
N SER A 76 -2.39 0.51 5.04
CA SER A 76 -1.06 0.02 5.42
C SER A 76 0.03 1.00 4.99
N THR A 77 0.46 1.85 5.93
CA THR A 77 1.50 2.82 5.66
C THR A 77 2.88 2.28 5.98
N LEU A 78 3.83 2.50 5.08
CA LEU A 78 5.19 2.03 5.28
C LEU A 78 6.18 3.19 5.27
N THR A 79 6.83 3.42 6.40
CA THR A 79 7.80 4.50 6.52
C THR A 79 9.22 4.00 6.26
N ILE A 80 10.08 4.89 5.77
CA ILE A 80 11.47 4.54 5.49
C ILE A 80 12.42 5.55 6.10
N SER A 81 12.90 5.26 7.31
CA SER A 81 13.83 6.15 8.00
C SER A 81 14.76 6.84 7.01
N ASN A 82 15.72 6.09 6.50
CA ASN A 82 16.68 6.62 5.54
C ASN A 82 16.53 5.95 4.17
N ILE A 83 15.72 6.55 3.30
CA ILE A 83 15.49 6.01 1.98
C ILE A 83 16.71 6.23 1.08
N VAL A 84 16.87 5.35 0.08
CA VAL A 84 17.98 5.46 -0.85
C VAL A 84 17.51 5.34 -2.29
N ARG A 85 18.25 5.96 -3.20
CA ARG A 85 17.89 5.92 -4.62
C ARG A 85 17.43 4.53 -5.03
N ALA A 86 18.02 3.51 -4.42
CA ALA A 86 17.66 2.13 -4.71
C ALA A 86 16.19 1.86 -4.42
N ASP A 87 15.72 2.40 -3.30
CA ASP A 87 14.32 2.21 -2.90
C ASP A 87 13.38 2.54 -4.06
N PHE A 88 13.79 3.49 -4.90
CA PHE A 88 12.99 3.89 -6.04
C PHE A 88 13.02 2.83 -7.14
N GLN A 89 14.21 2.33 -7.43
CA GLN A 89 14.39 1.31 -8.45
C GLN A 89 13.71 0.00 -8.04
N THR A 90 13.66 -0.24 -6.73
CA THR A 90 13.03 -1.45 -6.21
C THR A 90 11.51 -1.35 -6.24
N ILE A 91 10.87 -2.43 -6.68
CA ILE A 91 9.42 -2.47 -6.76
C ILE A 91 8.80 -2.94 -5.45
N TYR A 92 7.83 -2.18 -4.95
CA TYR A 92 7.16 -2.52 -3.70
C TYR A 92 5.83 -3.22 -3.96
N ASN A 93 5.55 -4.26 -3.18
CA ASN A 93 4.32 -5.01 -3.32
C ASN A 93 3.66 -5.24 -1.97
N CYS A 94 2.37 -4.88 -1.87
CA CYS A 94 1.62 -5.05 -0.63
C CYS A 94 0.65 -6.21 -0.74
N THR A 95 1.05 -7.37 -0.23
CA THR A 95 0.21 -8.56 -0.27
C THR A 95 -0.56 -8.73 1.03
N ALA A 96 -1.87 -8.99 0.92
CA ALA A 96 -2.71 -9.19 2.09
C ALA A 96 -3.37 -10.55 2.07
N TRP A 97 -3.97 -10.94 3.19
CA TRP A 97 -4.64 -12.21 3.30
C TRP A 97 -5.90 -12.11 4.16
N ASN A 98 -7.01 -12.64 3.66
CA ASN A 98 -8.27 -12.59 4.38
C ASN A 98 -9.00 -13.93 4.29
N SER A 99 -9.82 -14.23 5.29
CA SER A 99 -10.57 -15.48 5.31
C SER A 99 -11.23 -15.75 3.97
N PHE A 100 -11.40 -14.69 3.18
CA PHE A 100 -12.02 -14.81 1.86
C PHE A 100 -11.00 -15.24 0.81
N GLY A 101 -9.93 -14.46 0.70
CA GLY A 101 -8.89 -14.77 -0.27
C GLY A 101 -7.63 -13.94 -0.06
N SER A 102 -7.19 -13.27 -1.10
CA SER A 102 -5.98 -12.45 -1.03
C SER A 102 -5.84 -11.57 -2.27
N ASP A 103 -4.94 -10.59 -2.20
CA ASP A 103 -4.71 -9.68 -3.32
C ASP A 103 -3.30 -9.11 -3.27
N THR A 104 -2.93 -8.39 -4.32
CA THR A 104 -1.59 -7.79 -4.41
C THR A 104 -1.59 -6.60 -5.35
N GLU A 105 -0.78 -5.59 -5.01
CA GLU A 105 -0.69 -4.39 -5.82
C GLU A 105 0.77 -3.95 -5.99
N ILE A 106 1.15 -3.67 -7.23
CA ILE A 106 2.52 -3.24 -7.53
C ILE A 106 2.67 -1.73 -7.39
N ILE A 107 3.81 -1.29 -6.89
CA ILE A 107 4.08 0.13 -6.71
C ILE A 107 5.56 0.45 -6.97
N ARG A 108 5.82 1.25 -7.99
CA ARG A 108 7.18 1.63 -8.35
C ARG A 108 7.50 3.04 -7.84
N LEU A 109 7.90 3.13 -6.58
CA LEU A 109 8.24 4.41 -5.97
C LEU A 109 9.22 5.18 -6.83
N LYS A 110 8.98 6.47 -6.98
CA LYS A 110 9.84 7.33 -7.78
C LYS A 110 10.35 8.52 -6.97
N GLU A 111 11.45 9.11 -7.41
CA GLU A 111 12.04 10.25 -6.72
C GLU A 111 11.53 11.56 -7.31
N GLN A 112 11.54 12.62 -6.50
CA GLN A 112 11.09 13.92 -6.94
C GLN A 112 11.52 14.19 -8.38
N GLY A 113 12.82 14.08 -8.63
CA GLY A 113 13.34 14.31 -9.97
C GLY A 113 14.59 13.51 -10.25
N SER A 114 14.99 13.48 -11.53
CA SER A 114 16.18 12.74 -11.93
C SER A 114 16.56 13.07 -13.37
N GLU A 115 17.76 13.60 -13.55
CA GLU A 115 18.25 13.96 -14.87
C GLU A 115 18.26 12.75 -15.80
N MET A 116 18.27 11.56 -15.21
CA MET A 116 18.26 10.33 -15.99
C MET A 116 16.94 9.60 -15.84
N SER A 117 16.29 9.32 -16.97
CA SER A 117 15.01 8.63 -16.97
C SER A 117 15.18 7.16 -16.56
N GLY A 118 16.15 6.49 -17.17
CA GLY A 118 16.39 5.10 -16.86
C GLY A 118 16.99 4.33 -18.02
N PRO A 119 17.07 3.00 -17.89
CA PRO A 119 17.63 2.13 -18.92
C PRO A 119 16.72 2.05 -20.15
N SER A 120 17.12 2.72 -21.22
CA SER A 120 16.35 2.72 -22.46
C SER A 120 17.08 1.96 -23.56
N SER A 121 16.32 1.45 -24.53
CA SER A 121 16.89 0.70 -25.64
C SER A 121 17.72 1.61 -26.54
N GLY A 122 17.12 2.71 -26.97
CA GLY A 122 17.82 3.65 -27.83
C GLY A 122 18.14 4.95 -27.14
N GLY A 1 -41.40 -22.23 -6.34
CA GLY A 1 -40.63 -21.57 -5.30
C GLY A 1 -40.57 -20.06 -5.49
N SER A 2 -39.75 -19.62 -6.43
CA SER A 2 -39.60 -18.19 -6.70
C SER A 2 -39.67 -17.38 -5.40
N SER A 3 -39.02 -17.88 -4.35
CA SER A 3 -39.01 -17.21 -3.07
C SER A 3 -38.66 -15.74 -3.22
N GLY A 4 -38.71 -15.01 -2.11
CA GLY A 4 -38.39 -13.59 -2.14
C GLY A 4 -37.01 -13.29 -1.61
N SER A 5 -36.61 -12.03 -1.68
CA SER A 5 -35.30 -11.60 -1.21
C SER A 5 -35.32 -10.16 -0.74
N SER A 6 -35.27 -9.97 0.57
CA SER A 6 -35.29 -8.63 1.16
C SER A 6 -34.20 -8.48 2.21
N GLY A 7 -33.44 -7.40 2.12
CA GLY A 7 -32.37 -7.15 3.08
C GLY A 7 -31.86 -5.73 3.03
N THR A 8 -30.75 -5.47 3.71
CA THR A 8 -30.16 -4.14 3.74
C THR A 8 -28.92 -4.06 2.86
N LEU A 9 -28.28 -2.90 2.85
CA LEU A 9 -27.09 -2.69 2.04
C LEU A 9 -25.84 -3.23 2.76
N THR A 10 -25.12 -4.12 2.10
CA THR A 10 -23.91 -4.71 2.66
C THR A 10 -23.06 -5.36 1.59
N VAL A 11 -21.75 -5.36 1.80
CA VAL A 11 -20.82 -5.96 0.85
C VAL A 11 -19.76 -6.80 1.55
N ASN A 12 -19.29 -7.85 0.90
CA ASN A 12 -18.28 -8.73 1.47
C ASN A 12 -17.39 -9.31 0.37
N GLY A 13 -16.24 -9.85 0.79
CA GLY A 13 -15.32 -10.43 -0.17
C GLY A 13 -13.87 -10.22 0.22
N PRO A 14 -12.95 -10.57 -0.69
CA PRO A 14 -11.51 -10.41 -0.46
C PRO A 14 -11.07 -8.96 -0.43
N PRO A 15 -9.84 -8.72 0.01
CA PRO A 15 -9.27 -7.37 0.10
C PRO A 15 -9.00 -6.77 -1.27
N ILE A 16 -9.45 -5.53 -1.47
CA ILE A 16 -9.25 -4.84 -2.74
C ILE A 16 -8.32 -3.65 -2.58
N ILE A 17 -7.03 -3.87 -2.83
CA ILE A 17 -6.03 -2.82 -2.71
C ILE A 17 -6.25 -1.74 -3.77
N SER A 18 -7.00 -0.70 -3.43
CA SER A 18 -7.29 0.38 -4.35
C SER A 18 -6.00 0.93 -4.95
N SER A 19 -5.23 1.66 -4.16
CA SER A 19 -3.98 2.24 -4.62
C SER A 19 -3.21 2.86 -3.46
N THR A 20 -2.00 3.35 -3.75
CA THR A 20 -1.16 3.96 -2.72
C THR A 20 -1.02 5.46 -2.97
N GLN A 21 -0.48 6.17 -1.99
CA GLN A 21 -0.28 7.61 -2.09
C GLN A 21 1.19 7.95 -2.29
N THR A 22 1.83 7.25 -3.22
CA THR A 22 3.24 7.48 -3.51
C THR A 22 3.54 8.97 -3.62
N GLN A 23 4.81 9.33 -3.39
CA GLN A 23 5.22 10.72 -3.46
C GLN A 23 6.73 10.82 -3.67
N HIS A 24 7.23 12.05 -3.80
CA HIS A 24 8.65 12.28 -4.01
C HIS A 24 9.42 12.16 -2.70
N ALA A 25 10.02 10.99 -2.48
CA ALA A 25 10.78 10.75 -1.26
C ALA A 25 12.24 11.18 -1.43
N LEU A 26 12.70 12.05 -0.54
CA LEU A 26 14.07 12.54 -0.60
C LEU A 26 14.93 11.89 0.48
N HIS A 27 16.20 11.69 0.18
CA HIS A 27 17.13 11.07 1.12
C HIS A 27 16.85 11.53 2.54
N GLY A 28 16.29 12.74 2.66
CA GLY A 28 15.99 13.29 3.97
C GLY A 28 14.69 12.75 4.54
N GLU A 29 13.57 13.32 4.09
CA GLU A 29 12.25 12.89 4.55
C GLU A 29 12.15 11.37 4.58
N LYS A 30 11.08 10.86 5.17
CA LYS A 30 10.85 9.42 5.25
C LYS A 30 9.89 8.96 4.16
N GLY A 31 10.35 8.02 3.32
CA GLY A 31 9.52 7.51 2.25
C GLY A 31 8.30 6.79 2.77
N GLN A 32 7.20 7.54 2.93
CA GLN A 32 5.95 6.97 3.41
C GLN A 32 5.04 6.58 2.26
N ILE A 33 4.46 5.39 2.34
CA ILE A 33 3.56 4.91 1.31
C ILE A 33 2.22 4.46 1.89
N LYS A 34 1.23 5.34 1.83
CA LYS A 34 -0.10 5.04 2.35
C LYS A 34 -0.94 4.28 1.32
N CYS A 35 -1.32 3.06 1.66
CA CYS A 35 -2.12 2.23 0.77
C CYS A 35 -3.60 2.40 1.05
N PHE A 36 -4.42 2.20 0.02
CA PHE A 36 -5.87 2.34 0.16
C PHE A 36 -6.56 0.97 0.04
N ILE A 37 -6.55 0.22 1.12
CA ILE A 37 -7.19 -1.10 1.14
C ILE A 37 -8.69 -0.99 1.35
N ARG A 38 -9.44 -1.12 0.27
CA ARG A 38 -10.90 -1.03 0.33
C ARG A 38 -11.51 -2.40 0.65
N SER A 39 -10.96 -3.07 1.66
CA SER A 39 -11.44 -4.38 2.06
C SER A 39 -12.57 -4.27 3.08
N THR A 40 -13.50 -5.22 3.04
CA THR A 40 -14.63 -5.21 3.96
C THR A 40 -15.27 -6.60 4.04
N PRO A 41 -15.01 -7.30 5.16
CA PRO A 41 -14.16 -6.79 6.24
C PRO A 41 -12.70 -6.71 5.84
N PRO A 42 -11.89 -6.05 6.69
CA PRO A 42 -10.46 -5.90 6.44
C PRO A 42 -9.69 -7.21 6.57
N PRO A 43 -8.46 -7.23 6.03
CA PRO A 43 -7.60 -8.42 6.08
C PRO A 43 -7.10 -8.73 7.48
N ASP A 44 -6.71 -9.98 7.71
CA ASP A 44 -6.20 -10.40 9.00
C ASP A 44 -4.67 -10.48 9.00
N ARG A 45 -4.10 -10.57 7.81
CA ARG A 45 -2.65 -10.65 7.67
C ARG A 45 -2.17 -9.82 6.47
N ILE A 46 -1.00 -9.22 6.62
CA ILE A 46 -0.43 -8.40 5.55
C ILE A 46 1.09 -8.44 5.58
N ALA A 47 1.71 -8.47 4.40
CA ALA A 47 3.16 -8.51 4.29
C ALA A 47 3.65 -7.51 3.25
N TRP A 48 4.76 -6.83 3.57
CA TRP A 48 5.33 -5.85 2.66
C TRP A 48 6.60 -6.40 1.99
N SER A 49 6.43 -6.97 0.81
CA SER A 49 7.55 -7.55 0.07
C SER A 49 7.77 -6.80 -1.24
N TRP A 50 9.03 -6.51 -1.55
CA TRP A 50 9.38 -5.81 -2.78
C TRP A 50 10.06 -6.74 -3.77
N LYS A 51 11.27 -7.16 -3.43
CA LYS A 51 12.03 -8.07 -4.29
C LYS A 51 12.11 -9.46 -3.68
N GLU A 52 12.89 -9.60 -2.62
CA GLU A 52 13.05 -10.87 -1.95
C GLU A 52 12.72 -10.76 -0.46
N ASN A 53 12.83 -9.54 0.07
CA ASN A 53 12.55 -9.30 1.47
C ASN A 53 11.06 -9.25 1.74
N VAL A 54 10.67 -9.24 3.01
CA VAL A 54 9.27 -9.20 3.39
C VAL A 54 9.09 -8.65 4.80
N LEU A 55 8.33 -7.57 4.92
CA LEU A 55 8.09 -6.95 6.21
C LEU A 55 6.61 -7.03 6.58
N GLU A 56 6.29 -7.87 7.56
CA GLU A 56 4.92 -8.04 8.01
C GLU A 56 4.55 -6.97 9.04
N SER A 57 5.46 -6.72 9.98
CA SER A 57 5.23 -5.73 11.02
C SER A 57 6.51 -5.46 11.80
N GLY A 58 6.76 -4.18 12.09
CA GLY A 58 7.95 -3.80 12.82
C GLY A 58 8.88 -2.92 12.01
N THR A 59 10.09 -2.72 12.51
CA THR A 59 11.07 -1.89 11.82
C THR A 59 12.26 -2.73 11.34
N SER A 60 12.28 -3.00 10.04
CA SER A 60 13.36 -3.79 9.45
C SER A 60 13.86 -3.15 8.16
N GLY A 61 15.17 -3.27 7.93
CA GLY A 61 15.76 -2.69 6.72
C GLY A 61 15.30 -1.27 6.48
N ARG A 62 15.22 -0.49 7.54
CA ARG A 62 14.79 0.91 7.44
C ARG A 62 13.36 0.99 6.92
N TYR A 63 12.54 0.00 7.27
CA TYR A 63 11.16 -0.04 6.84
C TYR A 63 10.22 -0.29 8.02
N THR A 64 9.32 0.64 8.26
CA THR A 64 8.36 0.52 9.36
C THR A 64 6.94 0.34 8.85
N VAL A 65 6.44 -0.88 8.90
CA VAL A 65 5.09 -1.19 8.44
C VAL A 65 4.06 -0.87 9.52
N GLU A 66 2.93 -0.29 9.10
CA GLU A 66 1.87 0.07 10.03
C GLU A 66 0.52 0.06 9.33
N THR A 67 -0.43 -0.71 9.87
CA THR A 67 -1.76 -0.79 9.30
C THR A 67 -2.79 -0.13 10.20
N ILE A 68 -3.77 0.52 9.59
CA ILE A 68 -4.83 1.21 10.34
C ILE A 68 -6.20 0.88 9.77
N SER A 69 -7.24 1.19 10.54
CA SER A 69 -8.61 0.93 10.12
C SER A 69 -9.35 2.23 9.86
N THR A 70 -9.82 2.40 8.62
CA THR A 70 -10.55 3.61 8.24
C THR A 70 -11.99 3.28 7.88
N GLU A 71 -12.77 4.32 7.60
CA GLU A 71 -14.17 4.15 7.23
C GLU A 71 -14.30 3.34 5.94
N GLU A 72 -13.41 3.61 4.99
CA GLU A 72 -13.44 2.91 3.71
C GLU A 72 -12.93 1.48 3.86
N GLY A 73 -12.29 1.20 4.99
CA GLY A 73 -11.77 -0.13 5.24
C GLY A 73 -10.50 -0.11 6.07
N VAL A 74 -9.35 -0.14 5.40
CA VAL A 74 -8.06 -0.12 6.09
C VAL A 74 -7.01 0.61 5.27
N ILE A 75 -5.85 0.84 5.87
CA ILE A 75 -4.76 1.53 5.20
C ILE A 75 -3.40 1.04 5.70
N SER A 76 -2.58 0.56 4.78
CA SER A 76 -1.25 0.06 5.13
C SER A 76 -0.18 1.06 4.74
N THR A 77 0.38 1.74 5.74
CA THR A 77 1.42 2.73 5.50
C THR A 77 2.80 2.18 5.86
N LEU A 78 3.79 2.48 5.03
CA LEU A 78 5.15 2.01 5.27
C LEU A 78 6.13 3.17 5.23
N THR A 79 6.65 3.54 6.40
CA THR A 79 7.61 4.64 6.51
C THR A 79 9.04 4.13 6.36
N ILE A 80 9.91 4.98 5.82
CA ILE A 80 11.31 4.63 5.63
C ILE A 80 12.24 5.66 6.28
N SER A 81 12.76 5.31 7.45
CA SER A 81 13.65 6.20 8.17
C SER A 81 14.60 6.92 7.21
N ASN A 82 15.58 6.20 6.70
CA ASN A 82 16.55 6.77 5.77
C ASN A 82 16.45 6.11 4.41
N ILE A 83 15.65 6.70 3.52
CA ILE A 83 15.46 6.17 2.18
C ILE A 83 16.67 6.47 1.29
N VAL A 84 16.94 5.59 0.34
CA VAL A 84 18.06 5.77 -0.58
C VAL A 84 17.61 5.67 -2.02
N ARG A 85 18.56 5.80 -2.94
CA ARG A 85 18.25 5.74 -4.37
C ARG A 85 17.76 4.35 -4.75
N ALA A 86 18.23 3.33 -4.03
CA ALA A 86 17.85 1.95 -4.29
C ALA A 86 16.35 1.75 -4.02
N ASP A 87 15.83 2.47 -3.04
CA ASP A 87 14.42 2.37 -2.69
C ASP A 87 13.53 2.68 -3.90
N PHE A 88 14.02 3.55 -4.78
CA PHE A 88 13.28 3.93 -5.97
C PHE A 88 13.32 2.83 -7.02
N GLN A 89 14.50 2.24 -7.20
CA GLN A 89 14.68 1.18 -8.18
C GLN A 89 13.91 -0.08 -7.77
N THR A 90 13.86 -0.32 -6.46
CA THR A 90 13.16 -1.49 -5.94
C THR A 90 11.65 -1.30 -6.03
N ILE A 91 10.95 -2.33 -6.51
CA ILE A 91 9.51 -2.29 -6.65
C ILE A 91 8.82 -2.87 -5.42
N TYR A 92 7.99 -2.05 -4.77
CA TYR A 92 7.28 -2.49 -3.57
C TYR A 92 6.00 -3.24 -3.95
N ASN A 93 5.51 -4.06 -3.03
CA ASN A 93 4.30 -4.82 -3.26
C ASN A 93 3.63 -5.19 -1.94
N CYS A 94 2.37 -4.77 -1.80
CA CYS A 94 1.61 -5.04 -0.57
C CYS A 94 0.69 -6.24 -0.77
N THR A 95 0.86 -7.26 0.07
CA THR A 95 0.05 -8.47 0.00
C THR A 95 -0.73 -8.70 1.28
N ALA A 96 -2.03 -8.89 1.15
CA ALA A 96 -2.90 -9.12 2.31
C ALA A 96 -3.42 -10.56 2.33
N TRP A 97 -4.06 -10.93 3.42
CA TRP A 97 -4.60 -12.28 3.56
C TRP A 97 -5.79 -12.28 4.52
N ASN A 98 -6.98 -12.50 3.97
CA ASN A 98 -8.20 -12.53 4.77
C ASN A 98 -8.95 -13.84 4.58
N SER A 99 -9.99 -14.06 5.38
CA SER A 99 -10.78 -15.27 5.30
C SER A 99 -11.50 -15.37 3.97
N PHE A 100 -11.65 -14.22 3.30
CA PHE A 100 -12.32 -14.17 2.00
C PHE A 100 -11.37 -14.55 0.87
N GLY A 101 -10.16 -13.98 0.91
CA GLY A 101 -9.18 -14.28 -0.12
C GLY A 101 -7.88 -13.52 0.10
N SER A 102 -7.38 -12.92 -0.98
CA SER A 102 -6.13 -12.16 -0.91
C SER A 102 -5.96 -11.28 -2.14
N ASP A 103 -4.99 -10.38 -2.10
CA ASP A 103 -4.72 -9.47 -3.21
C ASP A 103 -3.33 -8.87 -3.09
N THR A 104 -2.82 -8.35 -4.21
CA THR A 104 -1.49 -7.75 -4.24
C THR A 104 -1.43 -6.61 -5.25
N GLU A 105 -0.68 -5.56 -4.91
CA GLU A 105 -0.54 -4.41 -5.79
C GLU A 105 0.94 -4.02 -5.95
N ILE A 106 1.32 -3.65 -7.17
CA ILE A 106 2.69 -3.26 -7.45
C ILE A 106 2.87 -1.75 -7.29
N ILE A 107 3.77 -1.36 -6.39
CA ILE A 107 4.05 0.05 -6.15
C ILE A 107 5.53 0.36 -6.29
N ARG A 108 5.89 1.05 -7.35
CA ARG A 108 7.28 1.42 -7.60
C ARG A 108 7.52 2.89 -7.29
N LEU A 109 8.25 3.14 -6.21
CA LEU A 109 8.57 4.51 -5.80
C LEU A 109 9.60 5.14 -6.73
N LYS A 110 9.37 6.40 -7.10
CA LYS A 110 10.29 7.12 -7.99
C LYS A 110 10.78 8.40 -7.33
N GLU A 111 11.94 8.87 -7.77
CA GLU A 111 12.52 10.09 -7.23
C GLU A 111 11.80 11.32 -7.76
N GLN A 112 11.99 12.45 -7.09
CA GLN A 112 11.35 13.70 -7.50
C GLN A 112 11.34 13.84 -9.02
N GLY A 113 12.53 13.86 -9.61
CA GLY A 113 12.63 13.99 -11.06
C GLY A 113 12.68 15.43 -11.51
N SER A 114 11.79 16.25 -10.97
CA SER A 114 11.73 17.67 -11.32
C SER A 114 12.85 18.44 -10.65
N GLU A 115 13.96 18.62 -11.35
CA GLU A 115 15.10 19.35 -10.81
C GLU A 115 15.91 19.99 -11.92
N MET A 116 16.36 21.23 -11.69
CA MET A 116 17.15 21.96 -12.68
C MET A 116 16.49 21.89 -14.05
N SER A 117 15.18 22.03 -14.08
CA SER A 117 14.43 21.99 -15.33
C SER A 117 13.85 23.36 -15.67
N GLY A 118 13.11 23.94 -14.73
CA GLY A 118 12.51 25.24 -14.95
C GLY A 118 13.54 26.35 -14.96
N PRO A 119 13.14 27.53 -15.46
CA PRO A 119 14.02 28.70 -15.54
C PRO A 119 14.34 29.28 -14.17
N SER A 120 15.58 29.71 -13.98
CA SER A 120 16.01 30.28 -12.71
C SER A 120 15.95 31.80 -12.75
N SER A 121 16.58 32.39 -13.76
CA SER A 121 16.59 33.84 -13.92
C SER A 121 15.78 34.26 -15.13
N GLY A 122 15.37 35.53 -15.15
CA GLY A 122 14.59 36.04 -16.27
C GLY A 122 13.14 35.62 -16.20
N GLY A 1 -41.77 12.33 2.24
CA GLY A 1 -41.24 13.05 1.10
C GLY A 1 -39.99 13.81 1.44
N SER A 2 -38.84 13.15 1.35
CA SER A 2 -37.56 13.78 1.64
C SER A 2 -36.43 13.10 0.88
N SER A 3 -35.67 13.89 0.13
CA SER A 3 -34.56 13.38 -0.66
C SER A 3 -33.35 13.08 0.22
N GLY A 4 -32.73 11.93 0.02
CA GLY A 4 -31.58 11.54 0.80
C GLY A 4 -31.09 10.14 0.49
N SER A 5 -31.22 9.25 1.46
CA SER A 5 -30.80 7.87 1.29
C SER A 5 -31.85 6.90 1.82
N SER A 6 -32.21 5.93 0.99
CA SER A 6 -33.22 4.93 1.38
C SER A 6 -32.63 3.53 1.37
N GLY A 7 -32.34 3.00 2.55
CA GLY A 7 -31.77 1.67 2.66
C GLY A 7 -30.26 1.67 2.52
N THR A 8 -29.63 0.58 2.93
CA THR A 8 -28.18 0.46 2.86
C THR A 8 -27.77 -0.85 2.20
N LEU A 9 -26.50 -0.97 1.83
CA LEU A 9 -25.98 -2.16 1.19
C LEU A 9 -24.57 -2.46 1.65
N THR A 10 -24.34 -3.67 2.14
CA THR A 10 -23.03 -4.09 2.62
C THR A 10 -22.48 -5.22 1.78
N VAL A 11 -21.15 -5.24 1.61
CA VAL A 11 -20.49 -6.27 0.83
C VAL A 11 -19.39 -6.95 1.63
N ASN A 12 -19.19 -8.24 1.38
CA ASN A 12 -18.17 -9.00 2.08
C ASN A 12 -17.37 -9.87 1.11
N GLY A 13 -16.05 -9.91 1.30
CA GLY A 13 -15.20 -10.69 0.42
C GLY A 13 -13.72 -10.42 0.67
N PRO A 14 -12.90 -10.69 -0.36
CA PRO A 14 -11.45 -10.49 -0.28
C PRO A 14 -11.07 -9.01 -0.23
N PRO A 15 -9.79 -8.73 0.05
CA PRO A 15 -9.28 -7.36 0.13
C PRO A 15 -9.22 -6.68 -1.24
N ILE A 16 -9.51 -5.38 -1.27
CA ILE A 16 -9.49 -4.62 -2.50
C ILE A 16 -8.51 -3.46 -2.42
N ILE A 17 -7.25 -3.73 -2.67
CA ILE A 17 -6.21 -2.70 -2.62
C ILE A 17 -6.45 -1.63 -3.67
N SER A 18 -6.92 -0.46 -3.23
CA SER A 18 -7.19 0.65 -4.13
C SER A 18 -5.90 1.19 -4.73
N SER A 19 -5.17 1.96 -3.93
CA SER A 19 -3.91 2.56 -4.38
C SER A 19 -3.23 3.30 -3.24
N THR A 20 -2.02 3.79 -3.51
CA THR A 20 -1.26 4.53 -2.51
C THR A 20 -0.98 5.95 -2.97
N GLN A 21 -0.48 6.79 -2.06
CA GLN A 21 -0.17 8.18 -2.37
C GLN A 21 1.32 8.36 -2.63
N THR A 22 1.90 7.46 -3.41
CA THR A 22 3.32 7.52 -3.74
C THR A 22 3.80 8.97 -3.85
N GLN A 23 4.62 9.39 -2.90
CA GLN A 23 5.15 10.75 -2.89
C GLN A 23 6.53 10.80 -3.53
N HIS A 24 6.85 11.95 -4.12
CA HIS A 24 8.15 12.13 -4.78
C HIS A 24 9.24 11.38 -4.03
N ALA A 25 9.17 11.41 -2.71
CA ALA A 25 10.17 10.73 -1.88
C ALA A 25 11.57 11.21 -2.18
N LEU A 26 11.76 12.53 -2.15
CA LEU A 26 13.06 13.12 -2.43
C LEU A 26 14.15 12.49 -1.57
N HIS A 27 15.39 12.80 -1.88
CA HIS A 27 16.52 12.27 -1.13
C HIS A 27 16.58 12.87 0.28
N GLY A 28 16.32 12.04 1.27
CA GLY A 28 16.34 12.50 2.65
C GLY A 28 15.07 12.16 3.41
N GLU A 29 13.97 12.78 3.01
CA GLU A 29 12.68 12.54 3.65
C GLU A 29 12.39 11.05 3.74
N LYS A 30 11.34 10.69 4.48
CA LYS A 30 10.96 9.29 4.64
C LYS A 30 9.95 8.88 3.57
N GLY A 31 10.27 7.80 2.85
CA GLY A 31 9.39 7.32 1.81
C GLY A 31 8.14 6.66 2.37
N GLN A 32 7.11 7.47 2.61
CA GLN A 32 5.86 6.95 3.14
C GLN A 32 4.91 6.54 2.02
N ILE A 33 4.34 5.35 2.13
CA ILE A 33 3.42 4.85 1.12
C ILE A 33 2.11 4.36 1.76
N LYS A 34 1.15 5.27 1.87
CA LYS A 34 -0.14 4.94 2.45
C LYS A 34 -1.06 4.29 1.42
N CYS A 35 -1.26 2.98 1.57
CA CYS A 35 -2.12 2.24 0.65
C CYS A 35 -3.58 2.35 1.04
N PHE A 36 -4.46 2.35 0.05
CA PHE A 36 -5.90 2.45 0.31
C PHE A 36 -6.58 1.09 0.16
N ILE A 37 -6.51 0.29 1.22
CA ILE A 37 -7.12 -1.03 1.22
C ILE A 37 -8.59 -0.95 1.60
N ARG A 38 -9.46 -1.04 0.59
CA ARG A 38 -10.90 -0.98 0.82
C ARG A 38 -11.46 -2.36 1.13
N SER A 39 -10.76 -3.10 1.98
CA SER A 39 -11.19 -4.44 2.36
C SER A 39 -12.29 -4.40 3.41
N THR A 40 -13.31 -5.22 3.23
CA THR A 40 -14.43 -5.28 4.16
C THR A 40 -15.13 -6.63 4.12
N PRO A 41 -14.88 -7.45 5.14
CA PRO A 41 -14.01 -7.09 6.26
C PRO A 41 -12.55 -7.02 5.85
N PRO A 42 -11.70 -6.47 6.74
CA PRO A 42 -10.27 -6.33 6.49
C PRO A 42 -9.55 -7.68 6.49
N PRO A 43 -8.31 -7.69 5.96
CA PRO A 43 -7.50 -8.90 5.89
C PRO A 43 -7.02 -9.37 7.27
N ASP A 44 -6.79 -10.67 7.40
CA ASP A 44 -6.34 -11.24 8.67
C ASP A 44 -4.83 -11.10 8.81
N ARG A 45 -4.14 -10.93 7.69
CA ARG A 45 -2.69 -10.77 7.70
C ARG A 45 -2.23 -9.91 6.53
N ILE A 46 -1.08 -9.25 6.70
CA ILE A 46 -0.53 -8.39 5.66
C ILE A 46 0.99 -8.41 5.69
N ALA A 47 1.60 -8.44 4.51
CA ALA A 47 3.05 -8.44 4.40
C ALA A 47 3.53 -7.50 3.30
N TRP A 48 4.55 -6.71 3.60
CA TRP A 48 5.09 -5.76 2.64
C TRP A 48 6.43 -6.24 2.10
N SER A 49 6.42 -6.81 0.90
CA SER A 49 7.63 -7.32 0.28
C SER A 49 7.88 -6.63 -1.06
N TRP A 50 9.15 -6.40 -1.37
CA TRP A 50 9.52 -5.75 -2.63
C TRP A 50 10.24 -6.73 -3.56
N LYS A 51 11.46 -7.10 -3.19
CA LYS A 51 12.25 -8.03 -3.99
C LYS A 51 12.31 -9.40 -3.32
N GLU A 52 13.09 -9.50 -2.25
CA GLU A 52 13.24 -10.75 -1.53
C GLU A 52 12.88 -10.57 -0.05
N ASN A 53 12.96 -9.33 0.42
CA ASN A 53 12.64 -9.02 1.81
C ASN A 53 11.13 -9.01 2.05
N VAL A 54 10.74 -9.16 3.31
CA VAL A 54 9.32 -9.17 3.67
C VAL A 54 9.11 -8.61 5.08
N LEU A 55 8.41 -7.49 5.16
CA LEU A 55 8.13 -6.87 6.45
C LEU A 55 6.63 -6.86 6.74
N GLU A 56 6.24 -7.55 7.81
CA GLU A 56 4.84 -7.62 8.20
C GLU A 56 4.47 -6.47 9.13
N SER A 57 5.17 -6.37 10.25
CA SER A 57 4.92 -5.32 11.23
C SER A 57 6.15 -5.06 12.08
N GLY A 58 6.49 -3.78 12.26
CA GLY A 58 7.64 -3.42 13.05
C GLY A 58 8.77 -2.85 12.21
N THR A 59 9.76 -2.26 12.87
CA THR A 59 10.90 -1.67 12.19
C THR A 59 12.07 -2.65 12.09
N SER A 60 12.34 -3.14 10.89
CA SER A 60 13.41 -4.09 10.67
C SER A 60 14.68 -3.38 10.21
N GLY A 61 14.67 -2.88 8.98
CA GLY A 61 15.82 -2.18 8.44
C GLY A 61 15.43 -1.07 7.48
N ARG A 62 15.26 0.14 8.03
CA ARG A 62 14.87 1.28 7.21
C ARG A 62 13.47 1.11 6.64
N TYR A 63 12.65 0.31 7.32
CA TYR A 63 11.29 0.06 6.87
C TYR A 63 10.36 -0.16 8.07
N THR A 64 9.39 0.74 8.22
CA THR A 64 8.43 0.65 9.32
C THR A 64 7.01 0.49 8.79
N VAL A 65 6.52 -0.75 8.82
CA VAL A 65 5.17 -1.04 8.35
C VAL A 65 4.13 -0.75 9.43
N GLU A 66 3.01 -0.17 9.02
CA GLU A 66 1.95 0.16 9.95
C GLU A 66 0.58 0.06 9.28
N THR A 67 -0.33 -0.68 9.92
CA THR A 67 -1.67 -0.86 9.38
C THR A 67 -2.72 -0.21 10.26
N ILE A 68 -3.76 0.34 9.65
CA ILE A 68 -4.82 1.00 10.38
C ILE A 68 -6.20 0.58 9.86
N SER A 69 -7.23 0.85 10.65
CA SER A 69 -8.59 0.49 10.27
C SER A 69 -9.46 1.74 10.09
N THR A 70 -9.93 1.95 8.86
CA THR A 70 -10.77 3.10 8.56
C THR A 70 -12.20 2.69 8.30
N GLU A 71 -13.08 3.68 8.08
CA GLU A 71 -14.48 3.42 7.81
C GLU A 71 -14.66 2.67 6.49
N GLU A 72 -13.74 2.92 5.57
CA GLU A 72 -13.79 2.27 4.26
C GLU A 72 -13.13 0.90 4.30
N GLY A 73 -12.17 0.73 5.20
CA GLY A 73 -11.47 -0.53 5.32
C GLY A 73 -10.22 -0.42 6.18
N VAL A 74 -9.06 -0.50 5.52
CA VAL A 74 -7.79 -0.41 6.23
C VAL A 74 -6.77 0.38 5.42
N ILE A 75 -5.67 0.76 6.07
CA ILE A 75 -4.62 1.52 5.41
C ILE A 75 -3.24 1.08 5.88
N SER A 76 -2.52 0.38 5.01
CA SER A 76 -1.19 -0.11 5.34
C SER A 76 -0.12 0.88 4.88
N THR A 77 0.32 1.73 5.80
CA THR A 77 1.34 2.74 5.49
C THR A 77 2.73 2.21 5.82
N LEU A 78 3.66 2.45 4.90
CA LEU A 78 5.04 2.01 5.09
C LEU A 78 6.00 3.19 5.09
N THR A 79 6.65 3.43 6.23
CA THR A 79 7.59 4.53 6.36
C THR A 79 9.03 4.04 6.19
N ILE A 80 9.74 4.67 5.25
CA ILE A 80 11.13 4.30 4.97
C ILE A 80 12.08 5.32 5.58
N SER A 81 12.97 4.85 6.45
CA SER A 81 13.95 5.72 7.09
C SER A 81 15.14 5.96 6.19
N ASN A 82 15.65 7.19 6.20
CA ASN A 82 16.80 7.55 5.38
C ASN A 82 16.77 6.80 4.05
N ILE A 83 15.66 6.92 3.33
CA ILE A 83 15.50 6.26 2.04
C ILE A 83 16.73 6.50 1.15
N VAL A 84 17.05 5.51 0.33
CA VAL A 84 18.18 5.62 -0.58
C VAL A 84 17.74 5.51 -2.04
N ARG A 85 18.67 5.77 -2.95
CA ARG A 85 18.38 5.72 -4.38
C ARG A 85 17.85 4.34 -4.76
N ALA A 86 18.38 3.31 -4.13
CA ALA A 86 17.96 1.94 -4.40
C ALA A 86 16.45 1.79 -4.27
N ASP A 87 15.89 2.37 -3.22
CA ASP A 87 14.45 2.30 -2.97
C ASP A 87 13.67 2.60 -4.25
N PHE A 88 14.16 3.56 -5.02
CA PHE A 88 13.52 3.95 -6.27
C PHE A 88 13.58 2.80 -7.29
N GLN A 89 14.71 2.15 -7.36
CA GLN A 89 14.90 1.03 -8.29
C GLN A 89 14.14 -0.20 -7.82
N THR A 90 14.02 -0.35 -6.51
CA THR A 90 13.31 -1.48 -5.94
C THR A 90 11.80 -1.32 -6.06
N ILE A 91 11.10 -2.41 -6.36
CA ILE A 91 9.65 -2.38 -6.50
C ILE A 91 8.96 -2.97 -5.27
N TYR A 92 8.00 -2.24 -4.74
CA TYR A 92 7.27 -2.68 -3.56
C TYR A 92 6.01 -3.44 -3.95
N ASN A 93 5.48 -4.24 -3.03
CA ASN A 93 4.27 -5.01 -3.29
C ASN A 93 3.54 -5.32 -1.99
N CYS A 94 2.32 -4.81 -1.87
CA CYS A 94 1.51 -5.03 -0.67
C CYS A 94 0.55 -6.20 -0.88
N THR A 95 0.82 -7.31 -0.18
CA THR A 95 -0.02 -8.49 -0.29
C THR A 95 -0.83 -8.71 0.98
N ALA A 96 -2.15 -8.81 0.83
CA ALA A 96 -3.04 -9.02 1.97
C ALA A 96 -3.62 -10.43 1.95
N TRP A 97 -4.14 -10.86 3.09
CA TRP A 97 -4.74 -12.19 3.22
C TRP A 97 -6.00 -12.15 4.07
N ASN A 98 -7.14 -12.41 3.43
CA ASN A 98 -8.42 -12.40 4.13
C ASN A 98 -9.11 -13.75 4.03
N SER A 99 -9.85 -14.12 5.07
CA SER A 99 -10.55 -15.39 5.11
C SER A 99 -11.37 -15.59 3.83
N PHE A 100 -11.62 -14.50 3.11
CA PHE A 100 -12.39 -14.55 1.88
C PHE A 100 -11.48 -14.78 0.68
N GLY A 101 -10.29 -14.20 0.73
CA GLY A 101 -9.34 -14.36 -0.36
C GLY A 101 -8.04 -13.61 -0.11
N SER A 102 -7.52 -12.96 -1.15
CA SER A 102 -6.26 -12.22 -1.04
C SER A 102 -6.03 -11.36 -2.28
N ASP A 103 -5.16 -10.38 -2.14
CA ASP A 103 -4.84 -9.48 -3.26
C ASP A 103 -3.40 -8.99 -3.17
N THR A 104 -2.98 -8.23 -4.17
CA THR A 104 -1.61 -7.70 -4.21
C THR A 104 -1.49 -6.58 -5.24
N GLU A 105 -0.76 -5.53 -4.87
CA GLU A 105 -0.56 -4.40 -5.76
C GLU A 105 0.92 -4.08 -5.93
N ILE A 106 1.29 -3.55 -7.09
CA ILE A 106 2.67 -3.21 -7.36
C ILE A 106 2.93 -1.72 -7.14
N ILE A 107 3.82 -1.42 -6.21
CA ILE A 107 4.16 -0.04 -5.90
C ILE A 107 5.64 0.25 -6.15
N ARG A 108 5.93 0.90 -7.26
CA ARG A 108 7.31 1.23 -7.62
C ARG A 108 7.59 2.71 -7.39
N LEU A 109 8.42 3.00 -6.39
CA LEU A 109 8.78 4.37 -6.07
C LEU A 109 9.82 4.92 -7.04
N LYS A 110 9.66 6.18 -7.43
CA LYS A 110 10.59 6.81 -8.36
C LYS A 110 11.00 8.20 -7.86
N GLU A 111 12.10 8.72 -8.41
CA GLU A 111 12.58 10.03 -8.00
C GLU A 111 11.62 11.13 -8.44
N GLN A 112 11.52 12.18 -7.63
CA GLN A 112 10.63 13.29 -7.91
C GLN A 112 10.61 13.60 -9.41
N GLY A 113 9.48 14.11 -9.90
CA GLY A 113 9.36 14.43 -11.30
C GLY A 113 7.95 14.20 -11.83
N SER A 114 7.73 14.56 -13.09
CA SER A 114 6.41 14.40 -13.70
C SER A 114 6.27 13.00 -14.29
N GLU A 115 5.06 12.69 -14.75
CA GLU A 115 4.78 11.38 -15.34
C GLU A 115 3.53 11.43 -16.22
N MET A 116 3.53 10.64 -17.28
CA MET A 116 2.40 10.59 -18.19
C MET A 116 1.08 10.53 -17.43
N SER A 117 -0.03 10.78 -18.13
CA SER A 117 -1.35 10.76 -17.51
C SER A 117 -2.31 9.89 -18.31
N GLY A 118 -3.30 9.33 -17.63
CA GLY A 118 -4.27 8.48 -18.30
C GLY A 118 -4.21 7.04 -17.83
N PRO A 119 -5.02 6.18 -18.45
CA PRO A 119 -5.08 4.76 -18.11
C PRO A 119 -3.81 4.01 -18.52
N SER A 120 -3.13 3.41 -17.55
CA SER A 120 -1.91 2.67 -17.82
C SER A 120 -2.12 1.17 -17.62
N SER A 121 -1.36 0.37 -18.37
CA SER A 121 -1.48 -1.08 -18.29
C SER A 121 -0.17 -1.75 -18.71
N GLY A 122 0.25 -2.74 -17.92
CA GLY A 122 1.49 -3.44 -18.22
C GLY A 122 1.98 -4.28 -17.05
N GLY A 1 -49.01 -11.80 8.54
CA GLY A 1 -47.90 -11.23 9.29
C GLY A 1 -47.22 -10.10 8.56
N SER A 2 -46.44 -9.31 9.28
CA SER A 2 -45.73 -8.18 8.69
C SER A 2 -44.79 -7.54 9.71
N SER A 3 -43.55 -7.29 9.29
CA SER A 3 -42.56 -6.68 10.17
C SER A 3 -41.98 -5.42 9.53
N GLY A 4 -41.89 -4.36 10.33
CA GLY A 4 -41.36 -3.10 9.83
C GLY A 4 -39.84 -3.09 9.80
N SER A 5 -39.28 -3.32 8.62
CA SER A 5 -37.83 -3.35 8.45
C SER A 5 -37.33 -2.03 7.88
N SER A 6 -36.03 -1.76 8.04
CA SER A 6 -35.43 -0.54 7.53
C SER A 6 -34.49 -0.83 6.37
N GLY A 7 -33.61 -1.80 6.56
CA GLY A 7 -32.66 -2.17 5.52
C GLY A 7 -31.25 -1.71 5.84
N THR A 8 -30.37 -2.67 6.12
CA THR A 8 -28.98 -2.36 6.44
C THR A 8 -28.12 -2.36 5.19
N LEU A 9 -26.88 -1.90 5.32
CA LEU A 9 -25.95 -1.84 4.21
C LEU A 9 -24.56 -2.28 4.63
N THR A 10 -24.06 -3.34 4.01
CA THR A 10 -22.74 -3.87 4.32
C THR A 10 -22.31 -4.94 3.32
N VAL A 11 -21.01 -5.05 3.08
CA VAL A 11 -20.48 -6.03 2.15
C VAL A 11 -19.33 -6.82 2.78
N ASN A 12 -19.25 -8.10 2.44
CA ASN A 12 -18.22 -8.96 2.97
C ASN A 12 -17.54 -9.76 1.85
N GLY A 13 -16.23 -9.57 1.70
CA GLY A 13 -15.50 -10.26 0.67
C GLY A 13 -14.00 -10.14 0.83
N PRO A 14 -13.25 -10.50 -0.22
CA PRO A 14 -11.79 -10.43 -0.21
C PRO A 14 -11.28 -8.99 -0.22
N PRO A 15 -9.97 -8.82 0.04
CA PRO A 15 -9.33 -7.50 0.06
C PRO A 15 -9.24 -6.88 -1.33
N ILE A 16 -9.56 -5.59 -1.41
CA ILE A 16 -9.51 -4.88 -2.68
C ILE A 16 -8.53 -3.72 -2.62
N ILE A 17 -7.35 -3.92 -3.18
CA ILE A 17 -6.31 -2.88 -3.19
C ILE A 17 -6.41 -2.01 -4.45
N SER A 18 -6.67 -0.72 -4.24
CA SER A 18 -6.78 0.21 -5.36
C SER A 18 -5.42 0.80 -5.73
N SER A 19 -4.79 1.47 -4.78
CA SER A 19 -3.49 2.08 -5.00
C SER A 19 -2.93 2.66 -3.72
N THR A 20 -1.76 3.30 -3.82
CA THR A 20 -1.12 3.91 -2.66
C THR A 20 -0.77 5.36 -2.93
N GLN A 21 -0.80 6.18 -1.88
CA GLN A 21 -0.48 7.59 -1.99
C GLN A 21 1.02 7.83 -1.88
N THR A 22 1.73 7.64 -2.98
CA THR A 22 3.17 7.83 -3.01
C THR A 22 3.52 9.31 -3.09
N GLN A 23 4.82 9.61 -3.05
CA GLN A 23 5.29 10.98 -3.11
C GLN A 23 6.79 11.04 -3.36
N HIS A 24 7.28 12.20 -3.78
CA HIS A 24 8.70 12.38 -4.05
C HIS A 24 9.51 12.35 -2.75
N ALA A 25 9.77 11.14 -2.26
CA ALA A 25 10.53 10.97 -1.03
C ALA A 25 11.82 11.77 -1.07
N LEU A 26 12.43 11.97 0.10
CA LEU A 26 13.68 12.73 0.20
C LEU A 26 14.60 12.12 1.25
N HIS A 27 15.89 12.12 0.97
CA HIS A 27 16.88 11.58 1.90
C HIS A 27 16.56 11.98 3.34
N GLY A 28 16.18 13.24 3.52
CA GLY A 28 15.84 13.73 4.84
C GLY A 28 14.55 13.15 5.37
N GLU A 29 13.49 13.25 4.58
CA GLU A 29 12.19 12.72 4.97
C GLU A 29 12.17 11.21 4.88
N LYS A 30 11.10 10.60 5.41
CA LYS A 30 10.95 9.16 5.38
C LYS A 30 10.01 8.72 4.26
N GLY A 31 10.29 7.56 3.68
CA GLY A 31 9.46 7.05 2.59
C GLY A 31 8.15 6.48 3.10
N GLN A 32 7.13 7.32 3.15
CA GLN A 32 5.82 6.89 3.62
C GLN A 32 4.93 6.45 2.45
N ILE A 33 4.51 5.19 2.47
CA ILE A 33 3.68 4.66 1.41
C ILE A 33 2.43 4.00 1.98
N LYS A 34 1.29 4.67 1.85
CA LYS A 34 0.02 4.15 2.35
C LYS A 34 -0.84 3.60 1.21
N CYS A 35 -1.36 2.41 1.39
CA CYS A 35 -2.20 1.78 0.37
C CYS A 35 -3.68 1.85 0.77
N PHE A 36 -4.49 2.41 -0.12
CA PHE A 36 -5.92 2.54 0.13
C PHE A 36 -6.63 1.19 -0.03
N ILE A 37 -6.51 0.35 0.99
CA ILE A 37 -7.14 -0.97 0.97
C ILE A 37 -8.60 -0.88 1.37
N ARG A 38 -9.49 -1.15 0.42
CA ARG A 38 -10.92 -1.11 0.68
C ARG A 38 -11.45 -2.49 1.06
N SER A 39 -10.66 -3.23 1.84
CA SER A 39 -11.06 -4.56 2.27
C SER A 39 -12.11 -4.50 3.37
N THR A 40 -13.22 -5.21 3.16
CA THR A 40 -14.31 -5.24 4.12
C THR A 40 -15.00 -6.59 4.13
N PRO A 41 -14.74 -7.39 5.19
CA PRO A 41 -13.85 -6.99 6.27
C PRO A 41 -12.39 -6.94 5.83
N PRO A 42 -11.53 -6.38 6.69
CA PRO A 42 -10.09 -6.26 6.42
C PRO A 42 -9.39 -7.61 6.43
N PRO A 43 -8.16 -7.63 5.88
CA PRO A 43 -7.35 -8.85 5.82
C PRO A 43 -6.86 -9.29 7.19
N ASP A 44 -6.76 -10.61 7.40
CA ASP A 44 -6.30 -11.15 8.67
C ASP A 44 -4.79 -10.99 8.81
N ARG A 45 -4.09 -10.93 7.68
CA ARG A 45 -2.64 -10.78 7.68
C ARG A 45 -2.19 -9.91 6.51
N ILE A 46 -1.06 -9.23 6.68
CA ILE A 46 -0.52 -8.37 5.64
C ILE A 46 1.01 -8.36 5.68
N ALA A 47 1.63 -8.38 4.51
CA ALA A 47 3.08 -8.35 4.41
C ALA A 47 3.55 -7.37 3.34
N TRP A 48 4.68 -6.72 3.60
CA TRP A 48 5.23 -5.75 2.66
C TRP A 48 6.57 -6.23 2.10
N SER A 49 6.53 -6.88 0.95
CA SER A 49 7.75 -7.39 0.32
C SER A 49 7.97 -6.72 -1.03
N TRP A 50 9.24 -6.46 -1.35
CA TRP A 50 9.59 -5.83 -2.61
C TRP A 50 10.32 -6.81 -3.53
N LYS A 51 11.51 -7.22 -3.12
CA LYS A 51 12.31 -8.16 -3.89
C LYS A 51 12.36 -9.52 -3.22
N GLU A 52 13.05 -9.61 -2.10
CA GLU A 52 13.17 -10.87 -1.36
C GLU A 52 12.75 -10.67 0.10
N ASN A 53 12.88 -9.45 0.60
CA ASN A 53 12.52 -9.14 1.97
C ASN A 53 11.01 -9.06 2.13
N VAL A 54 10.52 -9.50 3.28
CA VAL A 54 9.09 -9.48 3.55
C VAL A 54 8.81 -8.97 4.96
N LEU A 55 8.49 -7.68 5.06
CA LEU A 55 8.21 -7.07 6.36
C LEU A 55 6.72 -7.14 6.68
N GLU A 56 6.38 -7.95 7.70
CA GLU A 56 4.99 -8.11 8.11
C GLU A 56 4.56 -6.97 9.03
N SER A 57 5.40 -6.65 10.00
CA SER A 57 5.10 -5.59 10.96
C SER A 57 6.31 -5.29 11.83
N GLY A 58 6.51 -4.01 12.15
CA GLY A 58 7.62 -3.62 12.98
C GLY A 58 8.64 -2.79 12.22
N THR A 59 9.80 -2.55 12.84
CA THR A 59 10.84 -1.76 12.23
C THR A 59 12.06 -2.62 11.91
N SER A 60 12.27 -2.90 10.63
CA SER A 60 13.40 -3.72 10.19
C SER A 60 13.93 -3.24 8.84
N GLY A 61 15.24 -3.03 8.77
CA GLY A 61 15.85 -2.57 7.54
C GLY A 61 15.38 -1.19 7.13
N ARG A 62 15.39 -0.27 8.09
CA ARG A 62 14.96 1.10 7.83
C ARG A 62 13.54 1.13 7.28
N TYR A 63 12.77 0.10 7.59
CA TYR A 63 11.39 0.00 7.12
C TYR A 63 10.43 -0.16 8.29
N THR A 64 9.42 0.70 8.34
CA THR A 64 8.42 0.65 9.40
C THR A 64 7.02 0.40 8.85
N VAL A 65 6.47 -0.77 9.14
CA VAL A 65 5.14 -1.12 8.66
C VAL A 65 4.08 -0.81 9.71
N GLU A 66 2.98 -0.20 9.27
CA GLU A 66 1.90 0.16 10.17
C GLU A 66 0.56 0.16 9.44
N THR A 67 -0.35 -0.71 9.86
CA THR A 67 -1.67 -0.81 9.25
C THR A 67 -2.72 -0.09 10.08
N ILE A 68 -3.56 0.69 9.40
CA ILE A 68 -4.62 1.44 10.08
C ILE A 68 -6.00 0.99 9.61
N SER A 69 -7.01 1.32 10.40
CA SER A 69 -8.39 0.94 10.08
C SER A 69 -9.21 2.17 9.72
N THR A 70 -9.78 2.15 8.51
CA THR A 70 -10.60 3.27 8.04
C THR A 70 -12.03 2.83 7.81
N GLU A 71 -12.93 3.81 7.66
CA GLU A 71 -14.35 3.52 7.44
C GLU A 71 -14.55 2.76 6.13
N GLU A 72 -13.69 3.05 5.14
CA GLU A 72 -13.78 2.39 3.85
C GLU A 72 -13.05 1.05 3.86
N GLY A 73 -12.26 0.82 4.92
CA GLY A 73 -11.51 -0.41 5.03
C GLY A 73 -10.28 -0.27 5.90
N VAL A 74 -9.12 -0.36 5.28
CA VAL A 74 -7.85 -0.23 6.00
C VAL A 74 -6.77 0.39 5.12
N ILE A 75 -5.65 0.75 5.74
CA ILE A 75 -4.54 1.35 5.01
C ILE A 75 -3.20 0.95 5.62
N SER A 76 -2.36 0.30 4.82
CA SER A 76 -1.05 -0.14 5.27
C SER A 76 0.03 0.86 4.87
N THR A 77 0.49 1.65 5.83
CA THR A 77 1.51 2.65 5.57
C THR A 77 2.90 2.11 5.91
N LEU A 78 3.87 2.38 5.02
CA LEU A 78 5.23 1.91 5.23
C LEU A 78 6.20 3.09 5.22
N THR A 79 6.80 3.36 6.38
CA THR A 79 7.76 4.46 6.50
C THR A 79 9.18 3.98 6.26
N ILE A 80 9.95 4.78 5.53
CA ILE A 80 11.33 4.43 5.22
C ILE A 80 12.29 5.50 5.73
N SER A 81 12.98 5.21 6.82
CA SER A 81 13.92 6.15 7.41
C SER A 81 15.07 6.44 6.44
N ASN A 82 15.48 7.70 6.38
CA ASN A 82 16.57 8.10 5.50
C ASN A 82 16.53 7.32 4.19
N ILE A 83 15.37 7.30 3.55
CA ILE A 83 15.20 6.58 2.29
C ILE A 83 16.38 6.85 1.35
N VAL A 84 16.72 5.84 0.54
CA VAL A 84 17.82 5.97 -0.39
C VAL A 84 17.32 5.99 -1.83
N ARG A 85 18.24 6.02 -2.79
CA ARG A 85 17.88 6.05 -4.20
C ARG A 85 17.35 4.69 -4.65
N ALA A 86 18.02 3.63 -4.22
CA ALA A 86 17.61 2.27 -4.58
C ALA A 86 16.12 2.07 -4.33
N ASP A 87 15.63 2.60 -3.21
CA ASP A 87 14.22 2.48 -2.86
C ASP A 87 13.33 2.73 -4.07
N PHE A 88 13.74 3.67 -4.91
CA PHE A 88 12.98 4.01 -6.11
C PHE A 88 13.12 2.92 -7.16
N GLN A 89 14.33 2.42 -7.33
CA GLN A 89 14.60 1.37 -8.31
C GLN A 89 13.94 0.06 -7.91
N THR A 90 13.78 -0.14 -6.59
CA THR A 90 13.16 -1.35 -6.08
C THR A 90 11.64 -1.27 -6.14
N ILE A 91 11.01 -2.39 -6.48
CA ILE A 91 9.55 -2.43 -6.58
C ILE A 91 8.94 -2.88 -5.27
N TYR A 92 7.88 -2.19 -4.85
CA TYR A 92 7.19 -2.52 -3.60
C TYR A 92 5.85 -3.21 -3.88
N ASN A 93 5.43 -4.04 -2.95
CA ASN A 93 4.18 -4.77 -3.09
C ASN A 93 3.55 -5.05 -1.72
N CYS A 94 2.29 -4.65 -1.56
CA CYS A 94 1.57 -4.85 -0.31
C CYS A 94 0.54 -5.97 -0.45
N THR A 95 0.95 -7.19 -0.12
CA THR A 95 0.06 -8.34 -0.21
C THR A 95 -0.78 -8.49 1.05
N ALA A 96 -2.08 -8.68 0.87
CA ALA A 96 -3.00 -8.84 1.99
C ALA A 96 -3.69 -10.20 1.96
N TRP A 97 -4.06 -10.70 3.13
CA TRP A 97 -4.72 -11.99 3.24
C TRP A 97 -5.99 -11.89 4.09
N ASN A 98 -7.12 -12.30 3.52
CA ASN A 98 -8.39 -12.25 4.23
C ASN A 98 -9.10 -13.59 4.15
N SER A 99 -9.87 -13.92 5.19
CA SER A 99 -10.60 -15.18 5.25
C SER A 99 -11.42 -15.38 3.98
N PHE A 100 -11.65 -14.29 3.25
CA PHE A 100 -12.42 -14.35 2.02
C PHE A 100 -11.53 -14.61 0.82
N GLY A 101 -10.30 -14.11 0.89
CA GLY A 101 -9.35 -14.31 -0.20
C GLY A 101 -8.03 -13.60 0.04
N SER A 102 -7.51 -12.97 -1.00
CA SER A 102 -6.24 -12.25 -0.91
C SER A 102 -5.99 -11.41 -2.16
N ASP A 103 -5.06 -10.47 -2.06
CA ASP A 103 -4.73 -9.60 -3.18
C ASP A 103 -3.30 -9.08 -3.05
N THR A 104 -2.85 -8.37 -4.08
CA THR A 104 -1.50 -7.81 -4.08
C THR A 104 -1.36 -6.69 -5.11
N GLU A 105 -0.84 -5.55 -4.69
CA GLU A 105 -0.66 -4.41 -5.58
C GLU A 105 0.83 -4.05 -5.70
N ILE A 106 1.19 -3.48 -6.84
CA ILE A 106 2.57 -3.07 -7.08
C ILE A 106 2.72 -1.56 -7.00
N ILE A 107 3.88 -1.11 -6.52
CA ILE A 107 4.16 0.33 -6.40
C ILE A 107 5.63 0.62 -6.66
N ARG A 108 5.88 1.44 -7.67
CA ARG A 108 7.24 1.81 -8.03
C ARG A 108 7.55 3.25 -7.62
N LEU A 109 7.95 3.43 -6.36
CA LEU A 109 8.26 4.75 -5.83
C LEU A 109 9.33 5.43 -6.68
N LYS A 110 9.19 6.73 -6.88
CA LYS A 110 10.15 7.51 -7.66
C LYS A 110 10.83 8.57 -6.80
N GLU A 111 11.66 9.38 -7.43
CA GLU A 111 12.37 10.45 -6.73
C GLU A 111 12.01 11.81 -7.31
N GLN A 112 12.29 12.86 -6.52
CA GLN A 112 12.00 14.23 -6.96
C GLN A 112 12.52 14.47 -8.36
N GLY A 113 11.69 15.09 -9.20
CA GLY A 113 12.09 15.38 -10.57
C GLY A 113 10.92 15.82 -11.43
N SER A 114 10.93 15.40 -12.69
CA SER A 114 9.86 15.75 -13.61
C SER A 114 8.87 14.61 -13.78
N GLU A 115 9.39 13.40 -13.94
CA GLU A 115 8.56 12.22 -14.12
C GLU A 115 7.31 12.55 -14.92
N MET A 116 7.46 13.38 -15.94
CA MET A 116 6.34 13.79 -16.78
C MET A 116 6.58 13.38 -18.23
N SER A 117 7.73 13.76 -18.77
CA SER A 117 8.07 13.44 -20.14
C SER A 117 9.03 12.25 -20.20
N GLY A 118 8.77 11.26 -19.36
CA GLY A 118 9.63 10.07 -19.33
C GLY A 118 10.77 10.21 -18.34
N PRO A 119 11.65 9.19 -18.31
CA PRO A 119 12.80 9.18 -17.41
C PRO A 119 13.86 10.20 -17.82
N SER A 120 14.89 10.33 -16.98
CA SER A 120 15.97 11.28 -17.26
C SER A 120 17.32 10.57 -17.31
N SER A 121 18.26 11.15 -18.05
CA SER A 121 19.58 10.57 -18.19
C SER A 121 20.62 11.65 -18.45
N GLY A 122 21.90 11.30 -18.31
CA GLY A 122 22.96 12.24 -18.53
C GLY A 122 23.49 12.84 -17.24
N GLY A 1 -37.13 1.43 -12.50
CA GLY A 1 -35.81 1.92 -12.86
C GLY A 1 -35.15 2.68 -11.72
N SER A 2 -34.73 1.96 -10.69
CA SER A 2 -34.08 2.57 -9.54
C SER A 2 -33.04 1.63 -8.93
N SER A 3 -32.32 2.12 -7.92
CA SER A 3 -31.30 1.32 -7.26
C SER A 3 -31.15 1.74 -5.80
N GLY A 4 -30.84 0.77 -4.94
CA GLY A 4 -30.68 1.06 -3.52
C GLY A 4 -31.99 1.05 -2.78
N SER A 5 -32.03 0.33 -1.66
CA SER A 5 -33.24 0.24 -0.85
C SER A 5 -32.95 0.63 0.60
N SER A 6 -31.88 0.08 1.15
CA SER A 6 -31.50 0.37 2.54
C SER A 6 -30.54 1.55 2.59
N GLY A 7 -30.63 2.33 3.67
CA GLY A 7 -29.76 3.47 3.83
C GLY A 7 -28.33 3.19 3.40
N THR A 8 -27.63 2.38 4.19
CA THR A 8 -26.24 2.04 3.88
C THR A 8 -26.13 0.57 3.48
N LEU A 9 -25.60 0.33 2.29
CA LEU A 9 -25.42 -1.03 1.78
C LEU A 9 -24.00 -1.53 2.02
N THR A 10 -23.87 -2.55 2.87
CA THR A 10 -22.57 -3.11 3.19
C THR A 10 -22.18 -4.19 2.17
N VAL A 11 -20.89 -4.46 2.09
CA VAL A 11 -20.37 -5.46 1.16
C VAL A 11 -19.26 -6.30 1.80
N ASN A 12 -19.23 -7.58 1.47
CA ASN A 12 -18.22 -8.49 2.02
C ASN A 12 -17.41 -9.14 0.90
N GLY A 13 -16.29 -9.74 1.26
CA GLY A 13 -15.45 -10.40 0.28
C GLY A 13 -13.97 -10.29 0.61
N PRO A 14 -13.12 -10.70 -0.34
CA PRO A 14 -11.66 -10.66 -0.17
C PRO A 14 -11.13 -9.23 -0.17
N PRO A 15 -9.86 -9.07 0.24
CA PRO A 15 -9.19 -7.76 0.28
C PRO A 15 -8.93 -7.19 -1.11
N ILE A 16 -9.27 -5.93 -1.30
CA ILE A 16 -9.06 -5.27 -2.58
C ILE A 16 -8.13 -4.07 -2.45
N ILE A 17 -6.96 -4.17 -3.06
CA ILE A 17 -5.98 -3.09 -3.01
C ILE A 17 -5.97 -2.29 -4.30
N SER A 18 -6.63 -1.15 -4.29
CA SER A 18 -6.70 -0.29 -5.47
C SER A 18 -5.32 0.29 -5.81
N SER A 19 -4.83 1.17 -4.95
CA SER A 19 -3.54 1.80 -5.15
C SER A 19 -3.14 2.64 -3.95
N THR A 20 -1.99 3.30 -4.05
CA THR A 20 -1.49 4.15 -2.97
C THR A 20 -1.71 5.63 -3.28
N GLN A 21 -1.40 6.48 -2.31
CA GLN A 21 -1.56 7.91 -2.48
C GLN A 21 -0.21 8.63 -2.42
N THR A 22 0.48 8.47 -1.30
CA THR A 22 1.79 9.10 -1.12
C THR A 22 2.55 9.16 -2.42
N GLN A 23 2.97 7.99 -2.92
CA GLN A 23 3.72 7.92 -4.17
C GLN A 23 4.66 9.12 -4.31
N HIS A 24 5.29 9.50 -3.21
CA HIS A 24 6.22 10.62 -3.22
C HIS A 24 7.03 10.67 -1.92
N ALA A 25 8.35 10.60 -2.07
CA ALA A 25 9.24 10.63 -0.91
C ALA A 25 10.34 11.68 -1.09
N LEU A 26 10.75 12.29 0.02
CA LEU A 26 11.79 13.31 -0.02
C LEU A 26 13.01 12.87 0.79
N HIS A 27 14.19 13.29 0.34
CA HIS A 27 15.44 12.94 1.01
C HIS A 27 15.47 13.51 2.42
N GLY A 28 16.38 13.01 3.25
CA GLY A 28 16.49 13.48 4.62
C GLY A 28 15.45 12.86 5.54
N GLU A 29 14.19 13.19 5.31
CA GLU A 29 13.10 12.65 6.13
C GLU A 29 12.80 11.21 5.76
N LYS A 30 11.88 10.59 6.49
CA LYS A 30 11.50 9.21 6.23
C LYS A 30 10.30 9.13 5.29
N GLY A 31 10.49 8.51 4.13
CA GLY A 31 9.42 8.39 3.17
C GLY A 31 8.20 7.71 3.75
N GLN A 32 7.27 7.31 2.87
CA GLN A 32 6.05 6.64 3.31
C GLN A 32 5.22 6.19 2.12
N ILE A 33 4.54 5.07 2.27
CA ILE A 33 3.71 4.53 1.20
C ILE A 33 2.31 4.19 1.70
N LYS A 34 1.37 5.10 1.48
CA LYS A 34 -0.01 4.91 1.91
C LYS A 34 -0.79 4.08 0.89
N CYS A 35 -1.25 2.91 1.30
CA CYS A 35 -2.01 2.03 0.43
C CYS A 35 -3.50 2.10 0.74
N PHE A 36 -4.30 2.42 -0.28
CA PHE A 36 -5.74 2.53 -0.11
C PHE A 36 -6.41 1.17 -0.24
N ILE A 37 -6.45 0.43 0.86
CA ILE A 37 -7.06 -0.90 0.87
C ILE A 37 -8.55 -0.82 1.19
N ARG A 38 -9.37 -1.28 0.26
CA ARG A 38 -10.82 -1.26 0.45
C ARG A 38 -11.32 -2.62 0.94
N SER A 39 -10.60 -3.20 1.90
CA SER A 39 -10.98 -4.49 2.46
C SER A 39 -12.09 -4.35 3.48
N THR A 40 -13.13 -5.17 3.34
CA THR A 40 -14.27 -5.13 4.25
C THR A 40 -14.96 -6.49 4.33
N PRO A 41 -14.73 -7.20 5.44
CA PRO A 41 -13.87 -6.72 6.54
C PRO A 41 -12.40 -6.68 6.15
N PRO A 42 -11.57 -6.07 7.01
CA PRO A 42 -10.13 -5.96 6.77
C PRO A 42 -9.41 -7.29 6.89
N PRO A 43 -8.21 -7.38 6.29
CA PRO A 43 -7.40 -8.61 6.32
C PRO A 43 -6.84 -8.89 7.71
N ASP A 44 -6.62 -10.16 8.00
CA ASP A 44 -6.08 -10.58 9.29
C ASP A 44 -4.56 -10.42 9.32
N ARG A 45 -3.92 -10.70 8.20
CA ARG A 45 -2.46 -10.59 8.10
C ARG A 45 -2.06 -9.78 6.87
N ILE A 46 -0.90 -9.13 6.95
CA ILE A 46 -0.41 -8.32 5.83
C ILE A 46 1.11 -8.37 5.76
N ALA A 47 1.64 -8.44 4.55
CA ALA A 47 3.08 -8.49 4.34
C ALA A 47 3.52 -7.47 3.30
N TRP A 48 4.61 -6.76 3.59
CA TRP A 48 5.12 -5.76 2.66
C TRP A 48 6.45 -6.21 2.06
N SER A 49 6.38 -6.81 0.87
CA SER A 49 7.57 -7.29 0.19
C SER A 49 7.79 -6.52 -1.11
N TRP A 50 9.07 -6.29 -1.44
CA TRP A 50 9.42 -5.57 -2.66
C TRP A 50 10.10 -6.49 -3.67
N LYS A 51 11.35 -6.85 -3.39
CA LYS A 51 12.11 -7.72 -4.27
C LYS A 51 12.16 -9.14 -3.72
N GLU A 52 12.85 -9.31 -2.60
CA GLU A 52 12.97 -10.62 -1.96
C GLU A 52 12.62 -10.54 -0.48
N ASN A 53 12.85 -9.38 0.12
CA ASN A 53 12.56 -9.18 1.53
C ASN A 53 11.06 -9.16 1.78
N VAL A 54 10.67 -9.29 3.04
CA VAL A 54 9.26 -9.28 3.40
C VAL A 54 9.05 -8.80 4.84
N LEU A 55 8.31 -7.72 4.99
CA LEU A 55 8.03 -7.15 6.32
C LEU A 55 6.56 -7.24 6.66
N GLU A 56 6.23 -8.11 7.62
CA GLU A 56 4.85 -8.29 8.04
C GLU A 56 4.42 -7.17 9.00
N SER A 57 5.27 -6.87 9.98
CA SER A 57 4.98 -5.83 10.95
C SER A 57 6.20 -5.53 11.80
N GLY A 58 6.19 -4.37 12.46
CA GLY A 58 7.30 -3.98 13.30
C GLY A 58 8.32 -3.13 12.57
N THR A 59 9.57 -3.20 13.00
CA THR A 59 10.64 -2.43 12.38
C THR A 59 11.84 -3.31 12.07
N SER A 60 12.18 -3.41 10.78
CA SER A 60 13.31 -4.22 10.35
C SER A 60 14.32 -3.38 9.56
N GLY A 61 15.56 -3.41 10.00
CA GLY A 61 16.60 -2.65 9.32
C GLY A 61 16.24 -1.18 9.17
N ARG A 62 15.72 -0.82 8.00
CA ARG A 62 15.33 0.56 7.74
C ARG A 62 13.90 0.63 7.20
N TYR A 63 13.02 -0.17 7.79
CA TYR A 63 11.63 -0.20 7.37
C TYR A 63 10.70 -0.38 8.57
N THR A 64 9.54 0.27 8.51
CA THR A 64 8.56 0.17 9.59
C THR A 64 7.14 0.08 9.05
N VAL A 65 6.54 -1.09 9.17
CA VAL A 65 5.18 -1.32 8.70
C VAL A 65 4.16 -0.96 9.77
N GLU A 66 3.05 -0.36 9.34
CA GLU A 66 1.99 0.03 10.27
C GLU A 66 0.63 0.05 9.57
N THR A 67 -0.19 -0.95 9.86
CA THR A 67 -1.51 -1.05 9.26
C THR A 67 -2.54 -0.21 10.04
N ILE A 68 -3.36 0.54 9.30
CA ILE A 68 -4.37 1.37 9.91
C ILE A 68 -5.76 1.07 9.35
N SER A 69 -6.79 1.59 10.01
CA SER A 69 -8.16 1.36 9.57
C SER A 69 -8.83 2.68 9.20
N THR A 70 -9.69 2.63 8.19
CA THR A 70 -10.41 3.81 7.73
C THR A 70 -11.88 3.51 7.46
N GLU A 71 -12.61 4.52 7.00
CA GLU A 71 -14.03 4.35 6.71
C GLU A 71 -14.23 3.41 5.52
N GLU A 72 -13.45 3.61 4.47
CA GLU A 72 -13.55 2.78 3.28
C GLU A 72 -13.06 1.35 3.57
N GLY A 73 -12.09 1.24 4.47
CA GLY A 73 -11.56 -0.06 4.82
C GLY A 73 -10.32 0.04 5.70
N VAL A 74 -9.15 -0.14 5.10
CA VAL A 74 -7.90 -0.07 5.84
C VAL A 74 -6.80 0.55 4.99
N ILE A 75 -5.71 0.95 5.64
CA ILE A 75 -4.58 1.55 4.94
C ILE A 75 -3.25 1.13 5.57
N SER A 76 -2.42 0.46 4.78
CA SER A 76 -1.12 0.01 5.27
C SER A 76 -0.03 1.00 4.90
N THR A 77 0.49 1.69 5.92
CA THR A 77 1.55 2.68 5.71
C THR A 77 2.91 2.12 6.10
N LEU A 78 3.90 2.34 5.25
CA LEU A 78 5.25 1.86 5.51
C LEU A 78 6.25 3.00 5.47
N THR A 79 6.91 3.25 6.60
CA THR A 79 7.91 4.31 6.70
C THR A 79 9.30 3.79 6.41
N ILE A 80 10.11 4.62 5.76
CA ILE A 80 11.48 4.24 5.43
C ILE A 80 12.49 5.25 5.98
N SER A 81 13.49 4.75 6.70
CA SER A 81 14.51 5.61 7.29
C SER A 81 15.63 5.89 6.28
N ASN A 82 16.26 7.05 6.42
CA ASN A 82 17.34 7.44 5.52
C ASN A 82 17.02 7.07 4.08
N ILE A 83 15.87 7.54 3.60
CA ILE A 83 15.44 7.27 2.24
C ILE A 83 16.59 7.42 1.25
N VAL A 84 16.46 6.81 0.08
CA VAL A 84 17.49 6.88 -0.94
C VAL A 84 16.91 6.61 -2.32
N ARG A 85 17.68 6.96 -3.36
CA ARG A 85 17.24 6.75 -4.73
C ARG A 85 16.90 5.30 -4.99
N ALA A 86 17.64 4.39 -4.35
CA ALA A 86 17.42 2.96 -4.50
C ALA A 86 15.95 2.61 -4.30
N ASP A 87 15.38 3.10 -3.20
CA ASP A 87 13.98 2.84 -2.90
C ASP A 87 13.13 2.88 -4.16
N PHE A 88 13.30 3.92 -4.95
CA PHE A 88 12.54 4.08 -6.20
C PHE A 88 12.86 2.95 -7.17
N GLN A 89 14.15 2.63 -7.30
CA GLN A 89 14.59 1.57 -8.20
C GLN A 89 14.01 0.23 -7.78
N THR A 90 13.74 0.07 -6.49
CA THR A 90 13.19 -1.17 -5.96
C THR A 90 11.67 -1.20 -6.13
N ILE A 91 11.15 -2.38 -6.48
CA ILE A 91 9.71 -2.54 -6.66
C ILE A 91 9.03 -2.97 -5.36
N TYR A 92 8.05 -2.18 -4.94
CA TYR A 92 7.31 -2.47 -3.71
C TYR A 92 6.02 -3.23 -4.01
N ASN A 93 5.58 -4.05 -3.06
CA ASN A 93 4.36 -4.82 -3.23
C ASN A 93 3.72 -5.12 -1.87
N CYS A 94 2.41 -4.92 -1.78
CA CYS A 94 1.69 -5.17 -0.55
C CYS A 94 0.69 -6.31 -0.71
N THR A 95 0.73 -7.27 0.20
CA THR A 95 -0.17 -8.42 0.15
C THR A 95 -1.01 -8.52 1.42
N ALA A 96 -2.32 -8.66 1.23
CA ALA A 96 -3.23 -8.77 2.37
C ALA A 96 -3.88 -10.15 2.42
N TRP A 97 -4.19 -10.62 3.62
CA TRP A 97 -4.82 -11.92 3.80
C TRP A 97 -6.06 -11.81 4.65
N ASN A 98 -7.15 -12.45 4.21
CA ASN A 98 -8.40 -12.43 4.95
C ASN A 98 -9.13 -13.77 4.83
N SER A 99 -10.03 -14.03 5.78
CA SER A 99 -10.78 -15.27 5.79
C SER A 99 -11.38 -15.56 4.42
N PHE A 100 -11.53 -14.51 3.61
CA PHE A 100 -12.09 -14.64 2.27
C PHE A 100 -11.01 -15.05 1.27
N GLY A 101 -9.95 -14.24 1.18
CA GLY A 101 -8.87 -14.54 0.26
C GLY A 101 -7.68 -13.63 0.47
N SER A 102 -7.13 -13.11 -0.63
CA SER A 102 -5.97 -12.23 -0.57
C SER A 102 -5.81 -11.45 -1.87
N ASP A 103 -4.89 -10.50 -1.86
CA ASP A 103 -4.63 -9.68 -3.05
C ASP A 103 -3.28 -8.97 -2.93
N THR A 104 -2.71 -8.61 -4.07
CA THR A 104 -1.43 -7.93 -4.11
C THR A 104 -1.43 -6.78 -5.11
N GLU A 105 -0.63 -5.76 -4.85
CA GLU A 105 -0.54 -4.60 -5.73
C GLU A 105 0.90 -4.14 -5.89
N ILE A 106 1.26 -3.75 -7.11
CA ILE A 106 2.61 -3.28 -7.39
C ILE A 106 2.70 -1.76 -7.32
N ILE A 107 3.71 -1.27 -6.60
CA ILE A 107 3.90 0.17 -6.46
C ILE A 107 5.35 0.56 -6.77
N ARG A 108 5.51 1.53 -7.66
CA ARG A 108 6.84 2.00 -8.05
C ARG A 108 7.10 3.40 -7.51
N LEU A 109 7.46 3.49 -6.23
CA LEU A 109 7.75 4.77 -5.60
C LEU A 109 8.71 5.60 -6.44
N LYS A 110 8.64 6.92 -6.30
CA LYS A 110 9.51 7.82 -7.04
C LYS A 110 9.60 9.18 -6.35
N GLU A 111 10.65 9.92 -6.66
CA GLU A 111 10.86 11.24 -6.07
C GLU A 111 9.76 12.20 -6.51
N GLN A 112 8.61 12.13 -5.84
CA GLN A 112 7.48 12.99 -6.16
C GLN A 112 7.41 13.26 -7.66
N GLY A 113 7.68 12.22 -8.46
CA GLY A 113 7.63 12.36 -9.90
C GLY A 113 6.54 13.31 -10.36
N SER A 114 6.83 14.06 -11.41
CA SER A 114 5.86 15.02 -11.95
C SER A 114 5.17 14.46 -13.19
N GLU A 115 5.97 14.00 -14.15
CA GLU A 115 5.44 13.44 -15.39
C GLU A 115 5.16 11.95 -15.23
N MET A 116 3.94 11.63 -14.82
CA MET A 116 3.54 10.23 -14.63
C MET A 116 2.05 10.13 -14.37
N SER A 117 1.41 9.15 -15.00
CA SER A 117 -0.03 8.94 -14.84
C SER A 117 -0.77 10.26 -14.89
N GLY A 118 -0.43 11.10 -15.86
CA GLY A 118 -1.08 12.39 -15.99
C GLY A 118 -2.28 12.34 -16.92
N PRO A 119 -3.30 13.15 -16.60
CA PRO A 119 -4.53 13.22 -17.41
C PRO A 119 -4.30 13.87 -18.76
N SER A 120 -3.15 14.50 -18.92
CA SER A 120 -2.81 15.17 -20.19
C SER A 120 -1.89 14.30 -21.02
N SER A 121 -2.10 14.31 -22.33
CA SER A 121 -1.28 13.53 -23.25
C SER A 121 0.13 14.08 -23.33
N GLY A 122 1.00 13.38 -24.07
CA GLY A 122 2.38 13.82 -24.20
C GLY A 122 3.37 12.72 -23.87
N GLY A 1 -44.29 -11.38 4.92
CA GLY A 1 -43.10 -10.82 5.52
C GLY A 1 -42.66 -9.54 4.83
N SER A 2 -43.60 -8.62 4.63
CA SER A 2 -43.30 -7.35 3.98
C SER A 2 -42.67 -6.38 4.96
N SER A 3 -41.34 -6.36 4.99
CA SER A 3 -40.61 -5.47 5.88
C SER A 3 -40.74 -4.02 5.43
N GLY A 4 -40.55 -3.79 4.15
CA GLY A 4 -40.65 -2.44 3.61
C GLY A 4 -39.34 -1.94 3.04
N SER A 5 -39.10 -0.64 3.16
CA SER A 5 -37.87 -0.04 2.65
C SER A 5 -36.65 -0.57 3.39
N SER A 6 -35.53 -0.64 2.70
CA SER A 6 -34.29 -1.15 3.28
C SER A 6 -33.37 0.00 3.67
N GLY A 7 -32.97 0.79 2.67
CA GLY A 7 -32.08 1.91 2.91
C GLY A 7 -30.71 1.73 2.29
N THR A 8 -29.81 1.12 3.04
CA THR A 8 -28.45 0.89 2.56
C THR A 8 -28.23 -0.59 2.24
N LEU A 9 -27.13 -0.88 1.54
CA LEU A 9 -26.81 -2.25 1.17
C LEU A 9 -25.33 -2.56 1.44
N THR A 10 -25.08 -3.44 2.40
CA THR A 10 -23.71 -3.82 2.75
C THR A 10 -23.19 -4.92 1.84
N VAL A 11 -21.89 -4.90 1.58
CA VAL A 11 -21.26 -5.90 0.72
C VAL A 11 -19.98 -6.44 1.35
N ASN A 12 -19.81 -7.76 1.29
CA ASN A 12 -18.62 -8.39 1.85
C ASN A 12 -17.85 -9.14 0.78
N GLY A 13 -16.51 -9.06 0.84
CA GLY A 13 -15.69 -9.73 -0.14
C GLY A 13 -14.21 -9.62 0.19
N PRO A 14 -13.36 -10.00 -0.77
CA PRO A 14 -11.90 -9.95 -0.61
C PRO A 14 -11.37 -8.52 -0.57
N PRO A 15 -10.11 -8.37 -0.13
CA PRO A 15 -9.45 -7.06 -0.03
C PRO A 15 -9.16 -6.46 -1.39
N ILE A 16 -9.66 -5.26 -1.63
CA ILE A 16 -9.44 -4.58 -2.91
C ILE A 16 -8.47 -3.42 -2.74
N ILE A 17 -7.20 -3.67 -3.03
CA ILE A 17 -6.17 -2.65 -2.92
C ILE A 17 -6.27 -1.64 -4.06
N SER A 18 -6.62 -0.40 -3.71
CA SER A 18 -6.76 0.67 -4.70
C SER A 18 -5.40 1.08 -5.23
N SER A 19 -4.66 1.84 -4.42
CA SER A 19 -3.33 2.32 -4.81
C SER A 19 -2.67 3.07 -3.66
N THR A 20 -1.49 3.64 -3.94
CA THR A 20 -0.75 4.37 -2.92
C THR A 20 -0.46 5.80 -3.39
N GLN A 21 0.14 6.59 -2.51
CA GLN A 21 0.48 7.98 -2.82
C GLN A 21 1.83 8.06 -3.54
N THR A 22 2.75 7.19 -3.14
CA THR A 22 4.08 7.16 -3.73
C THR A 22 4.53 8.57 -4.12
N GLN A 23 4.43 9.50 -3.18
CA GLN A 23 4.83 10.88 -3.43
C GLN A 23 6.24 10.94 -4.00
N HIS A 24 6.72 12.16 -4.27
CA HIS A 24 8.05 12.35 -4.82
C HIS A 24 9.10 12.33 -3.71
N ALA A 25 9.12 11.23 -2.95
CA ALA A 25 10.07 11.07 -1.86
C ALA A 25 11.44 11.66 -2.24
N LEU A 26 11.93 12.59 -1.41
CA LEU A 26 13.21 13.23 -1.66
C LEU A 26 14.34 12.46 -0.99
N HIS A 27 15.56 12.95 -1.14
CA HIS A 27 16.73 12.32 -0.54
C HIS A 27 16.87 12.70 0.93
N GLY A 28 17.23 11.72 1.76
CA GLY A 28 17.38 11.98 3.18
C GLY A 28 16.07 12.26 3.87
N GLU A 29 15.01 11.59 3.41
CA GLU A 29 13.69 11.77 4.00
C GLU A 29 12.99 10.44 4.21
N LYS A 30 11.77 10.48 4.71
CA LYS A 30 11.00 9.27 4.97
C LYS A 30 10.00 9.01 3.84
N GLY A 31 10.12 7.85 3.20
CA GLY A 31 9.22 7.50 2.12
C GLY A 31 8.00 6.75 2.60
N GLN A 32 7.02 7.48 3.12
CA GLN A 32 5.79 6.87 3.62
C GLN A 32 4.88 6.47 2.47
N ILE A 33 4.63 5.17 2.34
CA ILE A 33 3.77 4.66 1.28
C ILE A 33 2.46 4.12 1.85
N LYS A 34 1.42 4.94 1.79
CA LYS A 34 0.11 4.56 2.30
C LYS A 34 -0.68 3.80 1.23
N CYS A 35 -1.27 2.67 1.62
CA CYS A 35 -2.06 1.87 0.69
C CYS A 35 -3.55 1.98 1.00
N PHE A 36 -4.35 2.20 -0.04
CA PHE A 36 -5.79 2.34 0.12
C PHE A 36 -6.48 0.98 -0.03
N ILE A 37 -6.57 0.24 1.07
CA ILE A 37 -7.20 -1.07 1.06
C ILE A 37 -8.70 -0.95 1.34
N ARG A 38 -9.49 -1.00 0.27
CA ARG A 38 -10.94 -0.90 0.40
C ARG A 38 -11.54 -2.26 0.74
N SER A 39 -10.85 -3.02 1.57
CA SER A 39 -11.31 -4.35 1.97
C SER A 39 -12.48 -4.24 2.96
N THR A 40 -13.45 -5.14 2.84
CA THR A 40 -14.61 -5.14 3.70
C THR A 40 -15.29 -6.51 3.71
N PRO A 41 -15.10 -7.26 4.81
CA PRO A 41 -14.29 -6.82 5.94
C PRO A 41 -12.79 -6.76 5.60
N PRO A 42 -12.00 -6.16 6.51
CA PRO A 42 -10.56 -6.04 6.33
C PRO A 42 -9.83 -7.37 6.42
N PRO A 43 -8.59 -7.41 5.94
CA PRO A 43 -7.76 -8.63 5.96
C PRO A 43 -7.33 -9.00 7.37
N ASP A 44 -6.85 -10.24 7.53
CA ASP A 44 -6.41 -10.72 8.83
C ASP A 44 -4.89 -10.72 8.91
N ARG A 45 -4.24 -10.80 7.75
CA ARG A 45 -2.77 -10.80 7.70
C ARG A 45 -2.27 -9.99 6.51
N ILE A 46 -1.12 -9.35 6.69
CA ILE A 46 -0.54 -8.54 5.62
C ILE A 46 0.99 -8.61 5.65
N ALA A 47 1.60 -8.51 4.48
CA ALA A 47 3.05 -8.57 4.37
C ALA A 47 3.57 -7.55 3.36
N TRP A 48 4.74 -7.00 3.63
CA TRP A 48 5.34 -6.01 2.74
C TRP A 48 6.69 -6.50 2.21
N SER A 49 6.69 -7.06 1.01
CA SER A 49 7.91 -7.58 0.40
C SER A 49 8.12 -6.95 -0.97
N TRP A 50 9.38 -6.61 -1.27
CA TRP A 50 9.72 -6.01 -2.55
C TRP A 50 10.45 -7.00 -3.44
N LYS A 51 11.59 -7.49 -2.97
CA LYS A 51 12.38 -8.45 -3.73
C LYS A 51 12.51 -9.77 -2.97
N GLU A 52 13.35 -9.77 -1.94
CA GLU A 52 13.56 -10.96 -1.13
C GLU A 52 13.23 -10.69 0.34
N ASN A 53 13.13 -9.42 0.69
CA ASN A 53 12.84 -9.02 2.06
C ASN A 53 11.33 -8.91 2.28
N VAL A 54 10.86 -9.47 3.40
CA VAL A 54 9.44 -9.43 3.73
C VAL A 54 9.21 -8.85 5.12
N LEU A 55 8.37 -7.82 5.19
CA LEU A 55 8.06 -7.17 6.47
C LEU A 55 6.57 -7.18 6.73
N GLU A 56 6.15 -7.88 7.78
CA GLU A 56 4.75 -7.97 8.14
C GLU A 56 4.34 -6.79 9.03
N SER A 57 5.12 -6.56 10.08
CA SER A 57 4.83 -5.48 11.02
C SER A 57 6.06 -5.17 11.88
N GLY A 58 6.18 -3.92 12.30
CA GLY A 58 7.31 -3.52 13.14
C GLY A 58 8.31 -2.66 12.38
N THR A 59 9.49 -2.49 12.96
CA THR A 59 10.53 -1.69 12.34
C THR A 59 11.81 -2.51 12.12
N SER A 60 12.06 -2.87 10.88
CA SER A 60 13.25 -3.66 10.53
C SER A 60 14.23 -2.84 9.71
N GLY A 61 15.50 -2.88 10.10
CA GLY A 61 16.52 -2.13 9.39
C GLY A 61 16.13 -0.68 9.18
N ARG A 62 15.58 -0.38 8.01
CA ARG A 62 15.17 0.98 7.68
C ARG A 62 13.75 0.99 7.12
N TYR A 63 12.89 0.16 7.67
CA TYR A 63 11.50 0.07 7.22
C TYR A 63 10.55 -0.07 8.40
N THR A 64 9.43 0.63 8.34
CA THR A 64 8.43 0.58 9.40
C THR A 64 7.03 0.38 8.84
N VAL A 65 6.49 -0.82 9.02
CA VAL A 65 5.16 -1.15 8.53
C VAL A 65 4.10 -0.84 9.59
N GLU A 66 3.00 -0.23 9.16
CA GLU A 66 1.92 0.11 10.07
C GLU A 66 0.56 0.06 9.35
N THR A 67 -0.36 -0.71 9.89
CA THR A 67 -1.69 -0.84 9.31
C THR A 67 -2.75 -0.15 10.16
N ILE A 68 -3.67 0.54 9.51
CA ILE A 68 -4.74 1.24 10.22
C ILE A 68 -6.12 0.82 9.71
N SER A 69 -7.14 1.10 10.50
CA SER A 69 -8.50 0.75 10.13
C SER A 69 -9.33 2.00 9.82
N THR A 70 -9.79 2.10 8.58
CA THR A 70 -10.58 3.24 8.14
C THR A 70 -11.98 2.81 7.72
N GLU A 71 -12.92 3.75 7.74
CA GLU A 71 -14.30 3.46 7.37
C GLU A 71 -14.35 2.61 6.10
N GLU A 72 -13.65 3.07 5.06
CA GLU A 72 -13.62 2.34 3.79
C GLU A 72 -13.11 0.92 3.99
N GLY A 73 -12.19 0.75 4.94
CA GLY A 73 -11.64 -0.57 5.22
C GLY A 73 -10.37 -0.50 6.05
N VAL A 74 -9.23 -0.55 5.38
CA VAL A 74 -7.94 -0.50 6.07
C VAL A 74 -6.92 0.29 5.26
N ILE A 75 -5.74 0.49 5.83
CA ILE A 75 -4.67 1.23 5.16
C ILE A 75 -3.31 0.82 5.70
N SER A 76 -2.48 0.25 4.82
CA SER A 76 -1.14 -0.18 5.20
C SER A 76 -0.09 0.84 4.78
N THR A 77 0.44 1.56 5.76
CA THR A 77 1.45 2.58 5.49
C THR A 77 2.85 2.06 5.81
N LEU A 78 3.80 2.37 4.94
CA LEU A 78 5.18 1.94 5.13
C LEU A 78 6.13 3.12 5.09
N THR A 79 6.75 3.42 6.23
CA THR A 79 7.69 4.54 6.33
C THR A 79 9.13 4.04 6.33
N ILE A 80 10.04 4.89 5.87
CA ILE A 80 11.46 4.54 5.81
C ILE A 80 12.31 5.59 6.51
N SER A 81 13.33 5.12 7.23
CA SER A 81 14.22 6.01 7.95
C SER A 81 15.19 6.71 7.00
N ASN A 82 16.13 5.94 6.45
CA ASN A 82 17.11 6.48 5.52
C ASN A 82 16.87 5.96 4.10
N ILE A 83 15.86 6.52 3.45
CA ILE A 83 15.52 6.11 2.08
C ILE A 83 16.63 6.50 1.10
N VAL A 84 16.80 5.69 0.06
CA VAL A 84 17.82 5.95 -0.95
C VAL A 84 17.27 5.72 -2.35
N ARG A 85 18.05 6.11 -3.35
CA ARG A 85 17.65 5.95 -4.74
C ARG A 85 17.18 4.52 -5.01
N ALA A 86 17.88 3.56 -4.41
CA ALA A 86 17.53 2.15 -4.58
C ALA A 86 16.05 1.91 -4.30
N ASP A 87 15.46 2.78 -3.49
CA ASP A 87 14.05 2.65 -3.14
C ASP A 87 13.17 2.81 -4.38
N PHE A 88 13.62 3.62 -5.33
CA PHE A 88 12.88 3.85 -6.56
C PHE A 88 13.03 2.67 -7.52
N GLN A 89 14.27 2.27 -7.76
CA GLN A 89 14.54 1.16 -8.66
C GLN A 89 13.89 -0.12 -8.16
N THR A 90 13.78 -0.25 -6.84
CA THR A 90 13.17 -1.43 -6.24
C THR A 90 11.65 -1.37 -6.33
N ILE A 91 11.02 -2.53 -6.51
CA ILE A 91 9.57 -2.60 -6.61
C ILE A 91 8.96 -3.12 -5.31
N TYR A 92 7.97 -2.40 -4.81
CA TYR A 92 7.30 -2.77 -3.57
C TYR A 92 5.96 -3.45 -3.86
N ASN A 93 5.53 -4.31 -2.94
CA ASN A 93 4.26 -5.02 -3.10
C ASN A 93 3.61 -5.27 -1.75
N CYS A 94 2.34 -4.88 -1.63
CA CYS A 94 1.60 -5.07 -0.38
C CYS A 94 0.58 -6.19 -0.53
N THR A 95 0.93 -7.38 -0.04
CA THR A 95 0.05 -8.53 -0.12
C THR A 95 -0.76 -8.69 1.16
N ALA A 96 -2.04 -9.04 1.02
CA ALA A 96 -2.91 -9.23 2.17
C ALA A 96 -3.61 -10.58 2.12
N TRP A 97 -4.29 -10.94 3.20
CA TRP A 97 -4.99 -12.22 3.28
C TRP A 97 -6.23 -12.09 4.15
N ASN A 98 -7.39 -12.35 3.56
CA ASN A 98 -8.65 -12.28 4.29
C ASN A 98 -9.46 -13.56 4.12
N SER A 99 -10.37 -13.80 5.06
CA SER A 99 -11.19 -15.01 5.02
C SER A 99 -11.79 -15.21 3.63
N PHE A 100 -11.92 -14.13 2.88
CA PHE A 100 -12.47 -14.18 1.53
C PHE A 100 -11.40 -14.62 0.53
N GLY A 101 -10.33 -13.83 0.45
CA GLY A 101 -9.25 -14.14 -0.47
C GLY A 101 -7.98 -13.36 -0.17
N SER A 102 -7.42 -12.74 -1.20
CA SER A 102 -6.20 -11.96 -1.04
C SER A 102 -5.96 -11.07 -2.25
N ASP A 103 -4.96 -10.21 -2.15
CA ASP A 103 -4.62 -9.30 -3.25
C ASP A 103 -3.30 -8.58 -2.97
N THR A 104 -2.75 -7.94 -4.00
CA THR A 104 -1.49 -7.22 -3.87
C THR A 104 -1.41 -6.07 -4.88
N GLU A 105 -0.69 -5.02 -4.50
CA GLU A 105 -0.52 -3.87 -5.37
C GLU A 105 0.96 -3.54 -5.58
N ILE A 106 1.32 -3.26 -6.83
CA ILE A 106 2.70 -2.94 -7.16
C ILE A 106 2.96 -1.44 -7.04
N ILE A 107 4.02 -1.08 -6.32
CA ILE A 107 4.37 0.33 -6.14
C ILE A 107 5.86 0.56 -6.41
N ARG A 108 6.15 1.54 -7.25
CA ARG A 108 7.53 1.87 -7.60
C ARG A 108 7.85 3.32 -7.23
N LEU A 109 8.28 3.54 -6.01
CA LEU A 109 8.63 4.88 -5.54
C LEU A 109 9.57 5.57 -6.52
N LYS A 110 9.68 6.89 -6.38
CA LYS A 110 10.55 7.67 -7.26
C LYS A 110 10.80 9.05 -6.66
N GLU A 111 11.84 9.72 -7.15
CA GLU A 111 12.19 11.05 -6.68
C GLU A 111 11.50 12.13 -7.51
N GLN A 112 11.44 13.34 -6.98
CA GLN A 112 10.80 14.45 -7.67
C GLN A 112 11.52 14.75 -8.99
N GLY A 113 10.73 14.83 -10.06
CA GLY A 113 11.31 15.10 -11.37
C GLY A 113 11.37 13.87 -12.25
N SER A 114 10.21 13.36 -12.63
CA SER A 114 10.14 12.18 -13.47
C SER A 114 9.93 12.56 -14.94
N GLU A 115 10.51 11.76 -15.83
CA GLU A 115 10.40 12.02 -17.27
C GLU A 115 10.04 10.74 -18.02
N MET A 116 9.19 10.88 -19.03
CA MET A 116 8.76 9.74 -19.83
C MET A 116 9.90 9.23 -20.72
N SER A 117 10.56 10.16 -21.40
CA SER A 117 11.67 9.81 -22.28
C SER A 117 12.85 9.25 -21.48
N GLY A 118 13.33 8.08 -21.89
CA GLY A 118 14.45 7.46 -21.20
C GLY A 118 14.98 6.26 -21.94
N PRO A 119 16.29 6.01 -21.81
CA PRO A 119 16.96 4.87 -22.46
C PRO A 119 16.54 3.53 -21.87
N SER A 120 16.44 2.51 -22.72
CA SER A 120 16.05 1.19 -22.28
C SER A 120 17.03 0.13 -22.79
N SER A 121 17.30 -0.87 -21.96
CA SER A 121 18.23 -1.93 -22.33
C SER A 121 17.76 -2.65 -23.60
N GLY A 122 18.69 -2.95 -24.47
CA GLY A 122 18.36 -3.63 -25.72
C GLY A 122 18.22 -2.67 -26.88
N GLY A 1 -33.18 -2.13 -15.82
CA GLY A 1 -32.30 -2.95 -15.01
C GLY A 1 -32.91 -3.29 -13.66
N SER A 2 -32.07 -3.30 -12.62
CA SER A 2 -32.53 -3.62 -11.28
C SER A 2 -32.53 -2.37 -10.40
N SER A 3 -33.71 -2.01 -9.91
CA SER A 3 -33.85 -0.83 -9.06
C SER A 3 -33.78 -1.21 -7.58
N GLY A 4 -33.10 -0.38 -6.80
CA GLY A 4 -32.96 -0.66 -5.38
C GLY A 4 -32.88 0.61 -4.55
N SER A 5 -31.67 1.13 -4.37
CA SER A 5 -31.47 2.35 -3.59
C SER A 5 -32.32 2.32 -2.32
N SER A 6 -32.36 1.17 -1.67
CA SER A 6 -33.13 1.01 -0.44
C SER A 6 -32.27 0.44 0.67
N GLY A 7 -32.27 1.14 1.82
CA GLY A 7 -31.48 0.68 2.95
C GLY A 7 -29.99 0.78 2.70
N THR A 8 -29.19 0.61 3.75
CA THR A 8 -27.74 0.69 3.64
C THR A 8 -27.18 -0.55 2.94
N LEU A 9 -26.76 -0.38 1.69
CA LEU A 9 -26.20 -1.47 0.91
C LEU A 9 -24.75 -1.73 1.30
N THR A 10 -24.40 -3.01 1.42
CA THR A 10 -23.04 -3.39 1.79
C THR A 10 -22.57 -4.59 0.98
N VAL A 11 -21.25 -4.70 0.80
CA VAL A 11 -20.67 -5.79 0.04
C VAL A 11 -19.40 -6.31 0.70
N ASN A 12 -19.28 -7.63 0.78
CA ASN A 12 -18.11 -8.26 1.40
C ASN A 12 -17.31 -9.05 0.36
N GLY A 13 -16.17 -9.58 0.79
CA GLY A 13 -15.32 -10.35 -0.11
C GLY A 13 -13.86 -10.24 0.25
N PRO A 14 -12.98 -10.59 -0.71
CA PRO A 14 -11.53 -10.54 -0.52
C PRO A 14 -11.01 -9.11 -0.40
N PRO A 15 -9.74 -8.99 0.03
CA PRO A 15 -9.09 -7.68 0.20
C PRO A 15 -8.81 -7.00 -1.13
N ILE A 16 -9.25 -5.75 -1.26
CA ILE A 16 -9.05 -5.00 -2.49
C ILE A 16 -8.07 -3.86 -2.27
N ILE A 17 -7.06 -3.78 -3.13
CA ILE A 17 -6.04 -2.72 -3.03
C ILE A 17 -6.04 -1.85 -4.28
N SER A 18 -6.69 -0.69 -4.18
CA SER A 18 -6.77 0.24 -5.29
C SER A 18 -5.37 0.74 -5.68
N SER A 19 -4.77 1.53 -4.81
CA SER A 19 -3.44 2.08 -5.07
C SER A 19 -2.83 2.65 -3.79
N THR A 20 -1.64 3.23 -3.91
CA THR A 20 -0.96 3.82 -2.77
C THR A 20 -0.82 5.34 -2.93
N GLN A 21 -0.85 5.79 -4.18
CA GLN A 21 -0.73 7.22 -4.46
C GLN A 21 0.46 7.82 -3.73
N THR A 22 1.59 7.13 -3.78
CA THR A 22 2.80 7.59 -3.12
C THR A 22 3.07 9.06 -3.42
N GLN A 23 4.09 9.62 -2.77
CA GLN A 23 4.43 11.02 -2.97
C GLN A 23 5.84 11.16 -3.57
N HIS A 24 6.30 12.39 -3.74
CA HIS A 24 7.62 12.64 -4.29
C HIS A 24 8.69 12.61 -3.21
N ALA A 25 9.22 11.41 -2.95
CA ALA A 25 10.25 11.24 -1.93
C ALA A 25 11.45 12.13 -2.21
N LEU A 26 11.91 12.85 -1.19
CA LEU A 26 13.06 13.74 -1.32
C LEU A 26 14.26 13.20 -0.55
N HIS A 27 15.43 13.76 -0.84
CA HIS A 27 16.66 13.34 -0.17
C HIS A 27 16.81 14.02 1.18
N GLY A 28 15.70 14.10 1.91
CA GLY A 28 15.73 14.73 3.23
C GLY A 28 14.48 14.45 4.03
N GLU A 29 13.99 13.21 3.95
CA GLU A 29 12.79 12.81 4.67
C GLU A 29 12.55 11.31 4.54
N LYS A 30 11.52 10.82 5.25
CA LYS A 30 11.19 9.41 5.22
C LYS A 30 10.11 9.13 4.16
N GLY A 31 10.45 8.32 3.17
CA GLY A 31 9.50 7.98 2.12
C GLY A 31 8.36 7.12 2.63
N GLN A 32 7.19 7.73 2.80
CA GLN A 32 6.02 7.02 3.29
C GLN A 32 5.18 6.50 2.12
N ILE A 33 4.57 5.34 2.31
CA ILE A 33 3.73 4.73 1.28
C ILE A 33 2.38 4.30 1.85
N LYS A 34 1.38 5.16 1.70
CA LYS A 34 0.04 4.87 2.19
C LYS A 34 -0.74 4.05 1.17
N CYS A 35 -1.13 2.85 1.55
CA CYS A 35 -1.89 1.96 0.67
C CYS A 35 -3.37 2.02 1.00
N PHE A 36 -4.17 2.51 0.05
CA PHE A 36 -5.61 2.62 0.23
C PHE A 36 -6.28 1.26 0.06
N ILE A 37 -6.23 0.44 1.10
CA ILE A 37 -6.84 -0.89 1.05
C ILE A 37 -8.34 -0.82 1.34
N ARG A 38 -9.14 -0.98 0.29
CA ARG A 38 -10.59 -0.93 0.43
C ARG A 38 -11.14 -2.30 0.80
N SER A 39 -10.52 -2.94 1.79
CA SER A 39 -10.94 -4.26 2.23
C SER A 39 -12.13 -4.15 3.19
N THR A 40 -13.10 -5.04 3.02
CA THR A 40 -14.29 -5.05 3.86
C THR A 40 -14.99 -6.40 3.83
N PRO A 41 -14.83 -7.17 4.91
CA PRO A 41 -14.04 -6.76 6.08
C PRO A 41 -12.55 -6.71 5.77
N PRO A 42 -11.77 -6.15 6.71
CA PRO A 42 -10.31 -6.03 6.56
C PRO A 42 -9.61 -7.38 6.65
N PRO A 43 -8.38 -7.45 6.12
CA PRO A 43 -7.58 -8.67 6.13
C PRO A 43 -7.10 -9.04 7.53
N ASP A 44 -6.70 -10.30 7.70
CA ASP A 44 -6.22 -10.78 8.99
C ASP A 44 -4.71 -10.67 9.08
N ARG A 45 -4.05 -10.63 7.93
CA ARG A 45 -2.59 -10.53 7.87
C ARG A 45 -2.15 -9.72 6.66
N ILE A 46 -0.97 -9.13 6.74
CA ILE A 46 -0.42 -8.33 5.65
C ILE A 46 1.10 -8.33 5.67
N ALA A 47 1.69 -8.38 4.48
CA ALA A 47 3.15 -8.38 4.35
C ALA A 47 3.61 -7.39 3.29
N TRP A 48 4.67 -6.65 3.59
CA TRP A 48 5.21 -5.67 2.66
C TRP A 48 6.55 -6.14 2.10
N SER A 49 6.50 -6.78 0.93
CA SER A 49 7.71 -7.28 0.29
C SER A 49 7.91 -6.63 -1.08
N TRP A 50 9.17 -6.38 -1.43
CA TRP A 50 9.49 -5.76 -2.72
C TRP A 50 10.26 -6.73 -3.61
N LYS A 51 11.48 -7.04 -3.23
CA LYS A 51 12.31 -7.96 -3.99
C LYS A 51 12.46 -9.30 -3.28
N GLU A 52 13.15 -9.29 -2.14
CA GLU A 52 13.36 -10.50 -1.36
C GLU A 52 12.95 -10.28 0.09
N ASN A 53 13.05 -9.05 0.56
CA ASN A 53 12.68 -8.71 1.93
C ASN A 53 11.17 -8.73 2.11
N VAL A 54 10.73 -9.14 3.31
CA VAL A 54 9.30 -9.20 3.61
C VAL A 54 9.02 -8.74 5.03
N LEU A 55 8.45 -7.55 5.16
CA LEU A 55 8.13 -6.99 6.46
C LEU A 55 6.64 -7.14 6.76
N GLU A 56 6.31 -8.06 7.67
CA GLU A 56 4.93 -8.29 8.05
C GLU A 56 4.43 -7.22 9.03
N SER A 57 5.26 -6.91 10.02
CA SER A 57 4.91 -5.91 11.02
C SER A 57 6.11 -5.58 11.89
N GLY A 58 6.21 -4.32 12.31
CA GLY A 58 7.32 -3.89 13.13
C GLY A 58 8.32 -3.03 12.38
N THR A 59 9.55 -2.99 12.87
CA THR A 59 10.60 -2.21 12.24
C THR A 59 11.83 -3.06 11.96
N SER A 60 12.22 -3.14 10.69
CA SER A 60 13.38 -3.93 10.31
C SER A 60 14.37 -3.08 9.50
N GLY A 61 15.55 -2.87 10.07
CA GLY A 61 16.56 -2.08 9.39
C GLY A 61 16.11 -0.65 9.14
N ARG A 62 15.61 -0.39 7.93
CA ARG A 62 15.15 0.94 7.56
C ARG A 62 13.72 0.88 7.02
N TYR A 63 12.86 0.15 7.72
CA TYR A 63 11.47 0.01 7.31
C TYR A 63 10.55 -0.13 8.52
N THR A 64 9.31 0.33 8.37
CA THR A 64 8.34 0.26 9.45
C THR A 64 6.92 0.17 8.91
N VAL A 65 6.31 -1.00 9.07
CA VAL A 65 4.94 -1.21 8.59
C VAL A 65 3.93 -0.87 9.67
N GLU A 66 2.85 -0.20 9.27
CA GLU A 66 1.80 0.19 10.21
C GLU A 66 0.44 0.24 9.52
N THR A 67 -0.45 -0.68 9.89
CA THR A 67 -1.78 -0.74 9.30
C THR A 67 -2.79 0.02 10.15
N ILE A 68 -3.81 0.58 9.49
CA ILE A 68 -4.85 1.33 10.19
C ILE A 68 -6.24 0.96 9.68
N SER A 69 -7.26 1.33 10.44
CA SER A 69 -8.64 1.04 10.06
C SER A 69 -9.39 2.32 9.71
N THR A 70 -9.85 2.40 8.47
CA THR A 70 -10.59 3.57 8.01
C THR A 70 -12.05 3.24 7.76
N GLU A 71 -12.85 4.26 7.45
CA GLU A 71 -14.27 4.08 7.19
C GLU A 71 -14.49 3.35 5.87
N GLU A 72 -13.49 3.41 4.99
CA GLU A 72 -13.58 2.76 3.69
C GLU A 72 -12.94 1.38 3.73
N GLY A 73 -12.14 1.13 4.76
CA GLY A 73 -11.48 -0.15 4.89
C GLY A 73 -10.27 -0.09 5.79
N VAL A 74 -9.08 -0.16 5.20
CA VAL A 74 -7.84 -0.12 5.95
C VAL A 74 -6.73 0.57 5.16
N ILE A 75 -5.64 0.91 5.84
CA ILE A 75 -4.51 1.57 5.19
C ILE A 75 -3.19 1.09 5.78
N SER A 76 -2.34 0.52 4.93
CA SER A 76 -1.04 0.01 5.37
C SER A 76 0.07 0.97 4.96
N THR A 77 0.48 1.83 5.90
CA THR A 77 1.53 2.80 5.65
C THR A 77 2.91 2.20 5.93
N LEU A 78 3.83 2.39 5.00
CA LEU A 78 5.19 1.87 5.16
C LEU A 78 6.22 3.00 5.14
N THR A 79 6.77 3.32 6.31
CA THR A 79 7.76 4.37 6.42
C THR A 79 9.17 3.84 6.21
N ILE A 80 9.94 4.51 5.36
CA ILE A 80 11.31 4.09 5.08
C ILE A 80 12.31 5.12 5.60
N SER A 81 13.07 4.72 6.62
CA SER A 81 14.07 5.61 7.21
C SER A 81 15.24 5.83 6.26
N ASN A 82 15.77 7.04 6.26
CA ASN A 82 16.90 7.39 5.40
C ASN A 82 16.77 6.67 4.05
N ILE A 83 15.64 6.86 3.38
CA ILE A 83 15.40 6.24 2.09
C ILE A 83 16.58 6.48 1.15
N VAL A 84 16.82 5.53 0.26
CA VAL A 84 17.90 5.63 -0.71
C VAL A 84 17.39 5.49 -2.14
N ARG A 85 18.05 6.19 -3.06
CA ARG A 85 17.66 6.14 -4.47
C ARG A 85 17.15 4.75 -4.85
N ALA A 86 17.84 3.72 -4.36
CA ALA A 86 17.46 2.35 -4.64
C ALA A 86 15.97 2.13 -4.42
N ASP A 87 15.48 2.57 -3.27
CA ASP A 87 14.06 2.43 -2.94
C ASP A 87 13.18 2.71 -4.16
N PHE A 88 13.60 3.68 -4.96
CA PHE A 88 12.85 4.05 -6.16
C PHE A 88 12.97 2.96 -7.23
N GLN A 89 14.19 2.49 -7.45
CA GLN A 89 14.44 1.46 -8.45
C GLN A 89 13.75 0.15 -8.07
N THR A 90 13.71 -0.13 -6.77
CA THR A 90 13.08 -1.34 -6.28
C THR A 90 11.55 -1.24 -6.34
N ILE A 91 10.90 -2.33 -6.72
CA ILE A 91 9.45 -2.36 -6.82
C ILE A 91 8.82 -2.87 -5.53
N TYR A 92 7.88 -2.10 -4.98
CA TYR A 92 7.21 -2.47 -3.75
C TYR A 92 5.91 -3.22 -4.04
N ASN A 93 5.55 -4.13 -3.14
CA ASN A 93 4.33 -4.92 -3.30
C ASN A 93 3.68 -5.19 -1.95
N CYS A 94 2.41 -4.84 -1.83
CA CYS A 94 1.66 -5.06 -0.60
C CYS A 94 0.70 -6.24 -0.73
N THR A 95 0.99 -7.31 -0.01
CA THR A 95 0.15 -8.50 -0.05
C THR A 95 -0.71 -8.62 1.21
N ALA A 96 -1.97 -8.98 1.03
CA ALA A 96 -2.89 -9.13 2.16
C ALA A 96 -3.47 -10.54 2.20
N TRP A 97 -4.12 -10.86 3.31
CA TRP A 97 -4.72 -12.18 3.50
C TRP A 97 -5.97 -12.10 4.37
N ASN A 98 -7.12 -12.38 3.77
CA ASN A 98 -8.39 -12.33 4.50
C ASN A 98 -9.11 -13.67 4.41
N SER A 99 -10.02 -13.91 5.35
CA SER A 99 -10.78 -15.15 5.38
C SER A 99 -11.31 -15.51 4.00
N PHE A 100 -11.50 -14.48 3.16
CA PHE A 100 -12.01 -14.67 1.81
C PHE A 100 -10.90 -15.15 0.88
N GLY A 101 -9.84 -14.35 0.76
CA GLY A 101 -8.74 -14.70 -0.11
C GLY A 101 -7.52 -13.83 0.14
N SER A 102 -7.12 -13.07 -0.89
CA SER A 102 -5.97 -12.19 -0.78
C SER A 102 -5.81 -11.34 -2.04
N ASP A 103 -4.90 -10.37 -1.98
CA ASP A 103 -4.65 -9.50 -3.12
C ASP A 103 -3.27 -8.85 -3.01
N THR A 104 -2.71 -8.47 -4.16
CA THR A 104 -1.40 -7.85 -4.19
C THR A 104 -1.36 -6.72 -5.22
N GLU A 105 -0.76 -5.60 -4.84
CA GLU A 105 -0.66 -4.44 -5.73
C GLU A 105 0.80 -4.01 -5.88
N ILE A 106 1.17 -3.64 -7.10
CA ILE A 106 2.53 -3.20 -7.39
C ILE A 106 2.65 -1.68 -7.26
N ILE A 107 3.75 -1.23 -6.67
CA ILE A 107 3.99 0.20 -6.51
C ILE A 107 5.47 0.54 -6.72
N ARG A 108 5.72 1.60 -7.48
CA ARG A 108 7.08 2.03 -7.76
C ARG A 108 7.28 3.49 -7.36
N LEU A 109 7.97 3.69 -6.24
CA LEU A 109 8.24 5.03 -5.75
C LEU A 109 9.28 5.74 -6.61
N LYS A 110 9.16 7.06 -6.70
CA LYS A 110 10.09 7.86 -7.50
C LYS A 110 10.40 9.18 -6.81
N GLU A 111 11.52 9.80 -7.19
CA GLU A 111 11.93 11.06 -6.61
C GLU A 111 11.31 12.24 -7.36
N GLN A 112 11.22 13.39 -6.69
CA GLN A 112 10.65 14.58 -7.30
C GLN A 112 11.06 14.69 -8.76
N GLY A 113 10.07 14.81 -9.64
CA GLY A 113 10.34 14.93 -11.05
C GLY A 113 10.63 13.60 -11.70
N SER A 114 10.57 13.55 -13.03
CA SER A 114 10.84 12.32 -13.76
C SER A 114 12.03 12.49 -14.70
N GLU A 115 13.20 12.04 -14.25
CA GLU A 115 14.42 12.15 -15.04
C GLU A 115 14.52 10.98 -16.02
N MET A 116 14.09 9.80 -15.59
CA MET A 116 14.14 8.62 -16.42
C MET A 116 13.40 8.85 -17.75
N SER A 117 12.14 9.23 -17.66
CA SER A 117 11.33 9.49 -18.85
C SER A 117 10.12 10.36 -18.50
N GLY A 118 9.70 11.17 -19.46
CA GLY A 118 8.57 12.05 -19.25
C GLY A 118 7.25 11.29 -19.18
N PRO A 119 6.25 11.89 -18.52
CA PRO A 119 4.93 11.29 -18.37
C PRO A 119 4.16 11.22 -19.69
N SER A 120 4.24 10.08 -20.35
CA SER A 120 3.55 9.89 -21.63
C SER A 120 2.22 9.19 -21.43
N SER A 121 1.17 9.75 -22.01
CA SER A 121 -0.17 9.17 -21.90
C SER A 121 -0.49 8.28 -23.10
N GLY A 122 -0.19 8.77 -24.29
CA GLY A 122 -0.45 8.02 -25.50
C GLY A 122 0.81 7.39 -26.07
N GLY A 1 -44.72 6.16 -13.81
CA GLY A 1 -44.81 4.75 -13.48
C GLY A 1 -43.57 3.97 -13.84
N SER A 2 -42.63 3.87 -12.92
CA SER A 2 -41.39 3.16 -13.15
C SER A 2 -40.89 2.49 -11.88
N SER A 3 -40.33 1.29 -12.02
CA SER A 3 -39.82 0.55 -10.87
C SER A 3 -38.51 1.16 -10.36
N GLY A 4 -38.13 0.78 -9.15
CA GLY A 4 -36.92 1.31 -8.56
C GLY A 4 -36.57 0.64 -7.24
N SER A 5 -35.55 1.16 -6.57
CA SER A 5 -35.12 0.60 -5.29
C SER A 5 -34.50 1.69 -4.41
N SER A 6 -34.46 1.43 -3.11
CA SER A 6 -33.90 2.38 -2.16
C SER A 6 -33.40 1.67 -0.90
N GLY A 7 -32.65 2.39 -0.08
CA GLY A 7 -32.11 1.81 1.14
C GLY A 7 -30.60 1.75 1.15
N THR A 8 -30.05 1.01 2.10
CA THR A 8 -28.60 0.87 2.21
C THR A 8 -28.12 -0.42 1.55
N LEU A 9 -27.06 -0.31 0.75
CA LEU A 9 -26.50 -1.46 0.06
C LEU A 9 -25.19 -1.90 0.69
N THR A 10 -25.06 -3.19 0.95
CA THR A 10 -23.84 -3.74 1.56
C THR A 10 -23.04 -4.56 0.56
N VAL A 11 -21.75 -4.68 0.79
CA VAL A 11 -20.87 -5.44 -0.08
C VAL A 11 -19.83 -6.22 0.71
N ASN A 12 -19.60 -7.46 0.31
CA ASN A 12 -18.63 -8.31 0.98
C ASN A 12 -17.72 -9.01 -0.03
N GLY A 13 -16.55 -9.45 0.42
CA GLY A 13 -15.61 -10.13 -0.45
C GLY A 13 -14.17 -9.96 0.00
N PRO A 14 -13.23 -10.36 -0.87
CA PRO A 14 -11.80 -10.27 -0.58
C PRO A 14 -11.31 -8.82 -0.56
N PRO A 15 -10.06 -8.63 -0.08
CA PRO A 15 -9.46 -7.30 0.00
C PRO A 15 -9.12 -6.72 -1.37
N ILE A 16 -9.62 -5.53 -1.64
CA ILE A 16 -9.38 -4.86 -2.92
C ILE A 16 -8.41 -3.70 -2.76
N ILE A 17 -7.15 -3.93 -3.12
CA ILE A 17 -6.12 -2.90 -3.01
C ILE A 17 -6.14 -1.98 -4.23
N SER A 18 -6.86 -0.86 -4.11
CA SER A 18 -6.97 0.09 -5.20
C SER A 18 -5.58 0.58 -5.63
N SER A 19 -4.91 1.30 -4.73
CA SER A 19 -3.58 1.83 -5.01
C SER A 19 -2.99 2.50 -3.77
N THR A 20 -1.81 3.10 -3.94
CA THR A 20 -1.14 3.77 -2.83
C THR A 20 -0.97 5.26 -3.13
N GLN A 21 -0.61 6.02 -2.09
CA GLN A 21 -0.42 7.46 -2.24
C GLN A 21 1.05 7.83 -2.05
N THR A 22 1.92 7.19 -2.81
CA THR A 22 3.35 7.45 -2.72
C THR A 22 3.64 8.95 -2.78
N GLN A 23 4.85 9.33 -2.34
CA GLN A 23 5.25 10.73 -2.35
C GLN A 23 6.64 10.89 -2.95
N HIS A 24 7.07 12.15 -3.10
CA HIS A 24 8.39 12.44 -3.64
C HIS A 24 9.46 12.35 -2.57
N ALA A 25 9.95 11.13 -2.32
CA ALA A 25 10.98 10.91 -1.31
C ALA A 25 12.23 11.73 -1.62
N LEU A 26 12.87 12.24 -0.58
CA LEU A 26 14.09 13.04 -0.73
C LEU A 26 15.10 12.70 0.36
N HIS A 27 16.31 13.25 0.22
CA HIS A 27 17.36 13.02 1.20
C HIS A 27 17.08 13.78 2.49
N GLY A 28 16.62 13.05 3.51
CA GLY A 28 16.32 13.67 4.78
C GLY A 28 14.97 13.23 5.34
N GLU A 29 13.98 13.12 4.46
CA GLU A 29 12.65 12.71 4.86
C GLU A 29 12.51 11.19 4.82
N LYS A 30 11.37 10.70 5.30
CA LYS A 30 11.11 9.26 5.30
C LYS A 30 10.12 8.87 4.20
N GLY A 31 10.54 7.95 3.34
CA GLY A 31 9.69 7.51 2.26
C GLY A 31 8.49 6.73 2.75
N GLN A 32 7.35 7.39 2.85
CA GLN A 32 6.12 6.74 3.31
C GLN A 32 5.24 6.35 2.13
N ILE A 33 4.59 5.19 2.25
CA ILE A 33 3.72 4.70 1.19
C ILE A 33 2.38 4.21 1.76
N LYS A 34 1.36 5.06 1.65
CA LYS A 34 0.03 4.73 2.15
C LYS A 34 -0.74 3.92 1.12
N CYS A 35 -1.35 2.83 1.58
CA CYS A 35 -2.13 1.95 0.70
C CYS A 35 -3.62 2.05 1.02
N PHE A 36 -4.43 2.24 0.00
CA PHE A 36 -5.87 2.36 0.17
C PHE A 36 -6.54 0.99 0.07
N ILE A 37 -6.65 0.31 1.21
CA ILE A 37 -7.26 -1.01 1.25
C ILE A 37 -8.77 -0.91 1.43
N ARG A 38 -9.51 -1.17 0.35
CA ARG A 38 -10.96 -1.10 0.38
C ARG A 38 -11.56 -2.45 0.76
N SER A 39 -10.83 -3.22 1.56
CA SER A 39 -11.27 -4.54 1.98
C SER A 39 -12.41 -4.42 2.99
N THR A 40 -13.48 -5.17 2.75
CA THR A 40 -14.64 -5.14 3.65
C THR A 40 -15.34 -6.49 3.67
N PRO A 41 -15.14 -7.24 4.77
CA PRO A 41 -14.31 -6.79 5.89
C PRO A 41 -12.83 -6.75 5.53
N PRO A 42 -12.02 -6.16 6.42
CA PRO A 42 -10.57 -6.04 6.22
C PRO A 42 -9.86 -7.38 6.34
N PRO A 43 -8.60 -7.43 5.86
CA PRO A 43 -7.80 -8.65 5.90
C PRO A 43 -7.38 -9.03 7.31
N ASP A 44 -7.04 -10.30 7.51
CA ASP A 44 -6.61 -10.78 8.82
C ASP A 44 -5.10 -10.63 9.00
N ARG A 45 -4.39 -10.51 7.89
CA ARG A 45 -2.95 -10.35 7.92
C ARG A 45 -2.45 -9.58 6.69
N ILE A 46 -1.32 -8.91 6.85
CA ILE A 46 -0.73 -8.13 5.77
C ILE A 46 0.80 -8.16 5.83
N ALA A 47 1.42 -8.27 4.66
CA ALA A 47 2.87 -8.29 4.57
C ALA A 47 3.39 -7.26 3.57
N TRP A 48 4.62 -6.83 3.76
CA TRP A 48 5.23 -5.84 2.87
C TRP A 48 6.53 -6.39 2.26
N SER A 49 6.41 -6.96 1.07
CA SER A 49 7.56 -7.52 0.38
C SER A 49 7.78 -6.83 -0.96
N TRP A 50 9.03 -6.42 -1.22
CA TRP A 50 9.37 -5.76 -2.47
C TRP A 50 10.08 -6.71 -3.42
N LYS A 51 11.25 -7.18 -3.01
CA LYS A 51 12.03 -8.11 -3.83
C LYS A 51 12.13 -9.48 -3.16
N GLU A 52 12.94 -9.56 -2.11
CA GLU A 52 13.12 -10.82 -1.39
C GLU A 52 12.78 -10.65 0.09
N ASN A 53 12.75 -9.40 0.55
CA ASN A 53 12.44 -9.10 1.93
C ASN A 53 10.93 -9.03 2.15
N VAL A 54 10.50 -9.32 3.38
CA VAL A 54 9.08 -9.29 3.72
C VAL A 54 8.88 -8.75 5.14
N LEU A 55 8.27 -7.58 5.23
CA LEU A 55 8.00 -6.95 6.52
C LEU A 55 6.52 -7.04 6.88
N GLU A 56 6.19 -7.95 7.79
CA GLU A 56 4.81 -8.12 8.21
C GLU A 56 4.39 -7.03 9.19
N SER A 57 5.24 -6.78 10.18
CA SER A 57 4.96 -5.76 11.18
C SER A 57 6.20 -5.46 12.02
N GLY A 58 6.42 -4.18 12.31
CA GLY A 58 7.58 -3.79 13.10
C GLY A 58 8.62 -3.06 12.28
N THR A 59 9.77 -2.81 12.88
CA THR A 59 10.85 -2.10 12.20
C THR A 59 12.06 -3.02 11.99
N SER A 60 12.27 -3.42 10.74
CA SER A 60 13.39 -4.31 10.41
C SER A 60 14.35 -3.62 9.45
N GLY A 61 15.48 -3.18 9.99
CA GLY A 61 16.47 -2.50 9.16
C GLY A 61 16.15 -1.04 8.95
N ARG A 62 15.63 -0.73 7.76
CA ARG A 62 15.27 0.65 7.42
C ARG A 62 13.84 0.73 6.91
N TYR A 63 12.95 -0.05 7.53
CA TYR A 63 11.55 -0.06 7.14
C TYR A 63 10.63 -0.13 8.36
N THR A 64 9.42 0.40 8.21
CA THR A 64 8.46 0.40 9.30
C THR A 64 7.03 0.26 8.77
N VAL A 65 6.43 -0.90 9.00
CA VAL A 65 5.07 -1.17 8.55
C VAL A 65 4.06 -0.75 9.61
N GLU A 66 2.92 -0.23 9.16
CA GLU A 66 1.87 0.21 10.07
C GLU A 66 0.52 0.23 9.37
N THR A 67 -0.41 -0.59 9.84
CA THR A 67 -1.74 -0.67 9.25
C THR A 67 -2.78 -0.02 10.15
N ILE A 68 -3.65 0.79 9.57
CA ILE A 68 -4.69 1.47 10.32
C ILE A 68 -6.07 1.03 9.86
N SER A 69 -7.10 1.42 10.63
CA SER A 69 -8.47 1.06 10.30
C SER A 69 -9.31 2.32 10.04
N THR A 70 -9.82 2.43 8.82
CA THR A 70 -10.63 3.58 8.45
C THR A 70 -12.07 3.16 8.17
N GLU A 71 -12.95 4.15 7.97
CA GLU A 71 -14.35 3.89 7.70
C GLU A 71 -14.51 2.99 6.47
N GLU A 72 -13.83 3.35 5.39
CA GLU A 72 -13.90 2.57 4.16
C GLU A 72 -13.40 1.16 4.37
N GLY A 73 -12.36 1.02 5.18
CA GLY A 73 -11.79 -0.30 5.46
C GLY A 73 -10.52 -0.22 6.27
N VAL A 74 -9.38 -0.20 5.57
CA VAL A 74 -8.08 -0.14 6.23
C VAL A 74 -7.06 0.57 5.34
N ILE A 75 -5.86 0.77 5.89
CA ILE A 75 -4.78 1.41 5.15
C ILE A 75 -3.42 0.94 5.63
N SER A 76 -2.62 0.40 4.70
CA SER A 76 -1.30 -0.09 5.03
C SER A 76 -0.22 0.91 4.62
N THR A 77 0.41 1.54 5.61
CA THR A 77 1.44 2.52 5.35
C THR A 77 2.82 1.97 5.71
N LEU A 78 3.81 2.26 4.87
CA LEU A 78 5.17 1.80 5.11
C LEU A 78 6.15 2.97 5.08
N THR A 79 6.81 3.21 6.21
CA THR A 79 7.78 4.29 6.31
C THR A 79 9.20 3.80 6.01
N ILE A 80 9.95 4.62 5.28
CA ILE A 80 11.32 4.26 4.92
C ILE A 80 12.31 5.31 5.41
N SER A 81 13.11 4.94 6.41
CA SER A 81 14.09 5.84 6.98
C SER A 81 15.34 5.90 6.11
N ASN A 82 16.03 7.04 6.14
CA ASN A 82 17.25 7.23 5.36
C ASN A 82 17.02 6.83 3.90
N ILE A 83 15.99 7.42 3.30
CA ILE A 83 15.67 7.14 1.90
C ILE A 83 16.91 7.24 1.02
N VAL A 84 16.85 6.59 -0.14
CA VAL A 84 17.97 6.61 -1.09
C VAL A 84 17.48 6.40 -2.51
N ARG A 85 18.41 6.44 -3.46
CA ARG A 85 18.09 6.26 -4.87
C ARG A 85 17.53 4.86 -5.10
N ALA A 86 18.25 3.85 -4.64
CA ALA A 86 17.83 2.46 -4.81
C ALA A 86 16.37 2.28 -4.40
N ASP A 87 15.94 3.04 -3.40
CA ASP A 87 14.57 2.97 -2.92
C ASP A 87 13.58 3.08 -4.07
N PHE A 88 13.94 3.88 -5.07
CA PHE A 88 13.07 4.06 -6.24
C PHE A 88 13.20 2.89 -7.20
N GLN A 89 14.41 2.39 -7.37
CA GLN A 89 14.66 1.26 -8.27
C GLN A 89 13.95 0.02 -7.77
N THR A 90 13.91 -0.15 -6.45
CA THR A 90 13.26 -1.32 -5.85
C THR A 90 11.74 -1.23 -5.98
N ILE A 91 11.12 -2.35 -6.33
CA ILE A 91 9.67 -2.40 -6.50
C ILE A 91 8.99 -2.89 -5.22
N TYR A 92 8.01 -2.13 -4.74
CA TYR A 92 7.29 -2.49 -3.53
C TYR A 92 6.00 -3.23 -3.86
N ASN A 93 5.55 -4.08 -2.95
CA ASN A 93 4.34 -4.86 -3.14
C ASN A 93 3.67 -5.17 -1.80
N CYS A 94 2.41 -4.77 -1.68
CA CYS A 94 1.66 -5.01 -0.45
C CYS A 94 0.66 -6.16 -0.63
N THR A 95 0.90 -7.26 0.07
CA THR A 95 0.04 -8.42 -0.02
C THR A 95 -0.82 -8.56 1.23
N ALA A 96 -2.09 -8.91 1.04
CA ALA A 96 -3.01 -9.08 2.16
C ALA A 96 -3.59 -10.49 2.18
N TRP A 97 -4.32 -10.81 3.24
CA TRP A 97 -4.92 -12.13 3.39
C TRP A 97 -6.20 -12.05 4.22
N ASN A 98 -7.33 -12.36 3.59
CA ASN A 98 -8.62 -12.34 4.26
C ASN A 98 -9.34 -13.67 4.14
N SER A 99 -10.27 -13.93 5.05
CA SER A 99 -11.03 -15.17 5.04
C SER A 99 -11.70 -15.39 3.69
N PHE A 100 -11.83 -14.32 2.92
CA PHE A 100 -12.46 -14.39 1.61
C PHE A 100 -11.44 -14.76 0.54
N GLY A 101 -10.28 -14.10 0.58
CA GLY A 101 -9.24 -14.38 -0.40
C GLY A 101 -7.97 -13.58 -0.12
N SER A 102 -7.38 -13.04 -1.18
CA SER A 102 -6.16 -12.25 -1.05
C SER A 102 -5.93 -11.40 -2.30
N ASP A 103 -4.97 -10.49 -2.21
CA ASP A 103 -4.64 -9.62 -3.33
C ASP A 103 -3.25 -9.01 -3.16
N THR A 104 -2.77 -8.35 -4.21
CA THR A 104 -1.45 -7.72 -4.18
C THR A 104 -1.38 -6.52 -5.11
N GLU A 105 -0.71 -5.47 -4.67
CA GLU A 105 -0.57 -4.26 -5.46
C GLU A 105 0.90 -3.90 -5.68
N ILE A 106 1.24 -3.49 -6.89
CA ILE A 106 2.61 -3.12 -7.21
C ILE A 106 2.81 -1.61 -7.09
N ILE A 107 3.87 -1.22 -6.40
CA ILE A 107 4.18 0.19 -6.21
C ILE A 107 5.67 0.47 -6.44
N ARG A 108 5.96 1.38 -7.36
CA ARG A 108 7.34 1.72 -7.68
C ARG A 108 7.62 3.19 -7.33
N LEU A 109 8.01 3.43 -6.09
CA LEU A 109 8.31 4.78 -5.63
C LEU A 109 9.19 5.51 -6.63
N LYS A 110 8.63 6.54 -7.26
CA LYS A 110 9.37 7.33 -8.24
C LYS A 110 10.22 8.40 -7.56
N GLU A 111 11.05 9.09 -8.34
CA GLU A 111 11.91 10.13 -7.82
C GLU A 111 11.30 11.51 -8.04
N GLN A 112 11.57 12.43 -7.12
CA GLN A 112 11.05 13.78 -7.22
C GLN A 112 11.01 14.25 -8.67
N GLY A 113 10.07 15.15 -8.97
CA GLY A 113 9.94 15.66 -10.32
C GLY A 113 10.16 14.59 -11.38
N SER A 114 9.07 13.95 -11.80
CA SER A 114 9.15 12.90 -12.80
C SER A 114 9.22 13.48 -14.21
N GLU A 115 10.10 14.46 -14.39
CA GLU A 115 10.27 15.10 -15.69
C GLU A 115 11.21 14.30 -16.58
N MET A 116 10.62 13.48 -17.46
CA MET A 116 11.41 12.67 -18.38
C MET A 116 12.33 11.72 -17.60
N SER A 117 11.82 11.16 -16.51
CA SER A 117 12.60 10.25 -15.69
C SER A 117 12.82 8.92 -16.40
N GLY A 118 11.74 8.35 -16.91
CA GLY A 118 11.84 7.07 -17.62
C GLY A 118 10.61 6.79 -18.46
N PRO A 119 10.36 5.49 -18.72
CA PRO A 119 9.22 5.07 -19.53
C PRO A 119 7.89 5.28 -18.81
N SER A 120 7.09 6.21 -19.31
CA SER A 120 5.79 6.52 -18.72
C SER A 120 4.68 6.42 -19.76
N SER A 121 4.73 5.38 -20.58
CA SER A 121 3.72 5.18 -21.62
C SER A 121 2.61 4.27 -21.13
N GLY A 122 2.97 3.05 -20.73
CA GLY A 122 1.99 2.10 -20.25
C GLY A 122 2.52 0.68 -20.24
N GLY A 1 -29.77 -18.08 -4.11
CA GLY A 1 -31.05 -17.64 -3.60
C GLY A 1 -30.92 -16.88 -2.30
N SER A 2 -31.47 -15.66 -2.28
CA SER A 2 -31.42 -14.83 -1.08
C SER A 2 -32.57 -13.83 -1.07
N SER A 3 -33.07 -13.54 0.13
CA SER A 3 -34.18 -12.59 0.28
C SER A 3 -34.08 -11.86 1.62
N GLY A 4 -34.97 -10.89 1.82
CA GLY A 4 -34.97 -10.12 3.04
C GLY A 4 -35.71 -8.81 2.91
N SER A 5 -36.38 -8.39 3.99
CA SER A 5 -37.13 -7.15 3.98
C SER A 5 -36.25 -5.97 4.43
N SER A 6 -35.12 -5.81 3.77
CA SER A 6 -34.20 -4.73 4.10
C SER A 6 -33.17 -4.54 2.99
N GLY A 7 -33.32 -3.46 2.22
CA GLY A 7 -32.39 -3.18 1.14
C GLY A 7 -31.15 -2.46 1.61
N THR A 8 -30.60 -2.91 2.73
CA THR A 8 -29.40 -2.31 3.29
C THR A 8 -28.19 -2.55 2.40
N LEU A 9 -27.58 -1.47 1.91
CA LEU A 9 -26.41 -1.57 1.05
C LEU A 9 -25.20 -2.07 1.82
N THR A 10 -24.57 -3.12 1.32
CA THR A 10 -23.40 -3.71 1.96
C THR A 10 -22.78 -4.81 1.11
N VAL A 11 -21.46 -4.89 1.12
CA VAL A 11 -20.75 -5.91 0.35
C VAL A 11 -19.53 -6.41 1.10
N ASN A 12 -19.42 -7.74 1.23
CA ASN A 12 -18.29 -8.35 1.93
C ASN A 12 -17.50 -9.25 0.98
N GLY A 13 -16.20 -9.37 1.25
CA GLY A 13 -15.34 -10.20 0.41
C GLY A 13 -13.88 -10.05 0.75
N PRO A 14 -13.01 -10.48 -0.16
CA PRO A 14 -11.56 -10.41 0.02
C PRO A 14 -11.04 -8.97 -0.03
N PRO A 15 -9.77 -8.77 0.36
CA PRO A 15 -9.14 -7.45 0.35
C PRO A 15 -8.88 -6.94 -1.05
N ILE A 16 -9.06 -5.63 -1.24
CA ILE A 16 -8.84 -5.01 -2.53
C ILE A 16 -7.91 -3.80 -2.42
N ILE A 17 -6.67 -3.99 -2.82
CA ILE A 17 -5.68 -2.91 -2.77
C ILE A 17 -5.74 -2.05 -4.02
N SER A 18 -6.41 -0.91 -3.91
CA SER A 18 -6.54 0.01 -5.03
C SER A 18 -5.19 0.57 -5.44
N SER A 19 -4.67 1.49 -4.62
CA SER A 19 -3.38 2.12 -4.89
C SER A 19 -2.97 3.01 -3.74
N THR A 20 -1.84 3.70 -3.91
CA THR A 20 -1.33 4.60 -2.88
C THR A 20 -1.41 6.05 -3.33
N GLN A 21 -1.15 6.96 -2.39
CA GLN A 21 -1.20 8.39 -2.70
C GLN A 21 0.21 9.00 -2.68
N THR A 22 1.05 8.49 -1.79
CA THR A 22 2.42 8.98 -1.68
C THR A 22 3.31 8.38 -2.75
N GLN A 23 3.35 9.04 -3.91
CA GLN A 23 4.18 8.58 -5.02
C GLN A 23 5.59 9.13 -4.92
N HIS A 24 5.70 10.41 -4.59
CA HIS A 24 7.00 11.06 -4.46
C HIS A 24 7.48 11.03 -3.00
N ALA A 25 8.49 10.21 -2.74
CA ALA A 25 9.03 10.10 -1.39
C ALA A 25 10.31 10.93 -1.25
N LEU A 26 10.18 12.08 -0.60
CA LEU A 26 11.32 12.96 -0.38
C LEU A 26 12.46 12.24 0.33
N HIS A 27 13.57 12.05 -0.38
CA HIS A 27 14.73 11.36 0.18
C HIS A 27 14.90 11.71 1.66
N GLY A 28 15.26 12.97 1.92
CA GLY A 28 15.45 13.41 3.29
C GLY A 28 14.42 12.84 4.23
N GLU A 29 13.14 13.10 3.94
CA GLU A 29 12.05 12.61 4.77
C GLU A 29 11.90 11.10 4.64
N LYS A 30 11.28 10.48 5.64
CA LYS A 30 11.07 9.05 5.63
C LYS A 30 10.08 8.65 4.53
N GLY A 31 10.54 7.79 3.62
CA GLY A 31 9.69 7.35 2.53
C GLY A 31 8.46 6.61 3.02
N GLN A 32 7.32 7.30 3.00
CA GLN A 32 6.07 6.70 3.45
C GLN A 32 5.21 6.26 2.26
N ILE A 33 4.58 5.10 2.38
CA ILE A 33 3.74 4.59 1.32
C ILE A 33 2.37 4.16 1.86
N LYS A 34 1.39 5.04 1.72
CA LYS A 34 0.04 4.76 2.19
C LYS A 34 -0.77 4.00 1.14
N CYS A 35 -1.12 2.76 1.46
CA CYS A 35 -1.89 1.93 0.53
C CYS A 35 -3.39 1.98 0.86
N PHE A 36 -4.19 2.33 -0.13
CA PHE A 36 -5.64 2.42 0.05
C PHE A 36 -6.29 1.05 -0.11
N ILE A 37 -6.50 0.36 1.01
CA ILE A 37 -7.11 -0.96 0.99
C ILE A 37 -8.60 -0.87 1.29
N ARG A 38 -9.42 -1.20 0.28
CA ARG A 38 -10.87 -1.17 0.44
C ARG A 38 -11.41 -2.53 0.86
N SER A 39 -10.69 -3.20 1.76
CA SER A 39 -11.09 -4.51 2.24
C SER A 39 -12.24 -4.40 3.23
N THR A 40 -13.20 -5.32 3.13
CA THR A 40 -14.36 -5.31 4.01
C THR A 40 -14.99 -6.70 4.08
N PRO A 41 -14.77 -7.40 5.21
CA PRO A 41 -13.96 -6.87 6.31
C PRO A 41 -12.49 -6.79 5.95
N PRO A 42 -11.70 -6.13 6.83
CA PRO A 42 -10.27 -5.96 6.62
C PRO A 42 -9.50 -7.26 6.78
N PRO A 43 -8.27 -7.31 6.22
CA PRO A 43 -7.42 -8.49 6.30
C PRO A 43 -6.90 -8.76 7.70
N ASP A 44 -6.59 -10.01 8.00
CA ASP A 44 -6.09 -10.39 9.31
C ASP A 44 -4.56 -10.31 9.35
N ARG A 45 -3.94 -10.52 8.19
CA ARG A 45 -2.48 -10.48 8.10
C ARG A 45 -2.04 -9.72 6.85
N ILE A 46 -0.90 -9.05 6.94
CA ILE A 46 -0.37 -8.28 5.82
C ILE A 46 1.15 -8.30 5.81
N ALA A 47 1.73 -8.30 4.61
CA ALA A 47 3.17 -8.31 4.45
C ALA A 47 3.62 -7.33 3.39
N TRP A 48 4.81 -6.74 3.59
CA TRP A 48 5.36 -5.78 2.64
C TRP A 48 6.69 -6.26 2.09
N SER A 49 6.65 -6.89 0.91
CA SER A 49 7.86 -7.40 0.28
C SER A 49 8.04 -6.80 -1.11
N TRP A 50 9.27 -6.41 -1.43
CA TRP A 50 9.56 -5.81 -2.73
C TRP A 50 10.29 -6.81 -3.62
N LYS A 51 11.56 -7.08 -3.29
CA LYS A 51 12.36 -8.02 -4.06
C LYS A 51 12.42 -9.38 -3.37
N GLU A 52 13.21 -9.47 -2.31
CA GLU A 52 13.35 -10.71 -1.56
C GLU A 52 12.99 -10.51 -0.09
N ASN A 53 13.07 -9.27 0.36
CA ASN A 53 12.76 -8.93 1.75
C ASN A 53 11.24 -8.87 1.97
N VAL A 54 10.80 -9.40 3.11
CA VAL A 54 9.37 -9.40 3.44
C VAL A 54 9.14 -8.94 4.87
N LEU A 55 8.51 -7.78 5.02
CA LEU A 55 8.22 -7.22 6.34
C LEU A 55 6.74 -7.37 6.68
N GLU A 56 6.44 -8.24 7.63
CA GLU A 56 5.06 -8.46 8.05
C GLU A 56 4.56 -7.32 8.92
N SER A 57 5.37 -6.94 9.92
CA SER A 57 5.00 -5.86 10.83
C SER A 57 6.18 -5.50 11.73
N GLY A 58 6.12 -4.31 12.32
CA GLY A 58 7.19 -3.87 13.20
C GLY A 58 8.31 -3.18 12.45
N THR A 59 9.36 -2.80 13.18
CA THR A 59 10.50 -2.12 12.57
C THR A 59 11.69 -3.07 12.42
N SER A 60 12.01 -3.43 11.18
CA SER A 60 13.13 -4.33 10.91
C SER A 60 14.46 -3.62 11.09
N GLY A 61 14.72 -2.63 10.24
CA GLY A 61 15.96 -1.89 10.32
C GLY A 61 15.82 -0.46 9.83
N ARG A 62 15.46 -0.31 8.56
CA ARG A 62 15.28 1.02 7.97
C ARG A 62 13.84 1.22 7.51
N TYR A 63 13.01 0.20 7.71
CA TYR A 63 11.61 0.27 7.31
C TYR A 63 10.69 0.18 8.53
N THR A 64 9.39 0.36 8.30
CA THR A 64 8.41 0.30 9.37
C THR A 64 7.00 0.13 8.82
N VAL A 65 6.45 -1.08 8.98
CA VAL A 65 5.11 -1.37 8.50
C VAL A 65 4.06 -1.03 9.55
N GLU A 66 2.93 -0.49 9.11
CA GLU A 66 1.85 -0.12 10.02
C GLU A 66 0.51 -0.12 9.28
N THR A 67 -0.46 -0.87 9.82
CA THR A 67 -1.78 -0.95 9.22
C THR A 67 -2.79 -0.15 10.02
N ILE A 68 -3.63 0.60 9.31
CA ILE A 68 -4.66 1.42 9.96
C ILE A 68 -6.06 0.94 9.60
N SER A 69 -7.06 1.49 10.28
CA SER A 69 -8.45 1.11 10.03
C SER A 69 -9.28 2.33 9.62
N THR A 70 -9.92 2.22 8.47
CA THR A 70 -10.75 3.30 7.95
C THR A 70 -12.22 2.91 7.93
N GLU A 71 -13.08 3.91 7.77
CA GLU A 71 -14.52 3.66 7.73
C GLU A 71 -14.92 2.94 6.43
N GLU A 72 -14.05 3.02 5.43
CA GLU A 72 -14.30 2.38 4.15
C GLU A 72 -13.51 1.08 4.02
N GLY A 73 -12.55 0.88 4.92
CA GLY A 73 -11.74 -0.32 4.89
C GLY A 73 -10.50 -0.20 5.76
N VAL A 74 -9.33 -0.27 5.13
CA VAL A 74 -8.08 -0.18 5.85
C VAL A 74 -7.02 0.53 5.01
N ILE A 75 -5.86 0.79 5.62
CA ILE A 75 -4.76 1.46 4.92
C ILE A 75 -3.42 1.05 5.51
N SER A 76 -2.57 0.47 4.66
CA SER A 76 -1.24 0.04 5.09
C SER A 76 -0.18 1.06 4.72
N THR A 77 0.49 1.62 5.74
CA THR A 77 1.52 2.62 5.51
C THR A 77 2.89 2.06 5.85
N LEU A 78 3.83 2.20 4.91
CA LEU A 78 5.18 1.71 5.11
C LEU A 78 6.19 2.87 5.11
N THR A 79 6.82 3.08 6.26
CA THR A 79 7.80 4.16 6.40
C THR A 79 9.21 3.66 6.11
N ILE A 80 10.09 4.58 5.76
CA ILE A 80 11.48 4.23 5.46
C ILE A 80 12.45 5.17 6.17
N SER A 81 13.02 4.71 7.28
CA SER A 81 13.96 5.52 8.05
C SER A 81 14.81 6.38 7.13
N ASN A 82 15.77 5.75 6.45
CA ASN A 82 16.65 6.46 5.53
C ASN A 82 16.52 5.91 4.12
N ILE A 83 15.60 6.49 3.35
CA ILE A 83 15.37 6.05 1.98
C ILE A 83 16.54 6.47 1.08
N VAL A 84 16.79 5.67 0.04
CA VAL A 84 17.86 5.96 -0.89
C VAL A 84 17.38 5.81 -2.34
N ARG A 85 18.11 6.45 -3.26
CA ARG A 85 17.76 6.40 -4.67
C ARG A 85 17.36 4.98 -5.08
N ALA A 86 18.03 3.99 -4.48
CA ALA A 86 17.74 2.60 -4.78
C ALA A 86 16.28 2.26 -4.52
N ASP A 87 15.77 2.72 -3.37
CA ASP A 87 14.38 2.46 -3.01
C ASP A 87 13.45 2.74 -4.18
N PHE A 88 13.82 3.71 -5.02
CA PHE A 88 13.01 4.06 -6.18
C PHE A 88 13.11 2.98 -7.27
N GLN A 89 14.33 2.52 -7.51
CA GLN A 89 14.56 1.49 -8.53
C GLN A 89 13.92 0.17 -8.10
N THR A 90 13.77 -0.03 -6.80
CA THR A 90 13.19 -1.25 -6.28
C THR A 90 11.67 -1.16 -6.24
N ILE A 91 11.00 -2.19 -6.77
CA ILE A 91 9.55 -2.22 -6.79
C ILE A 91 8.98 -2.70 -5.46
N TYR A 92 7.91 -2.05 -5.00
CA TYR A 92 7.28 -2.40 -3.74
C TYR A 92 5.95 -3.11 -3.98
N ASN A 93 5.60 -4.01 -3.07
CA ASN A 93 4.35 -4.75 -3.18
C ASN A 93 3.71 -4.97 -1.80
N CYS A 94 2.39 -4.85 -1.73
CA CYS A 94 1.67 -5.04 -0.48
C CYS A 94 0.68 -6.20 -0.58
N THR A 95 0.95 -7.26 0.17
CA THR A 95 0.10 -8.44 0.16
C THR A 95 -0.69 -8.55 1.46
N ALA A 96 -1.94 -8.99 1.35
CA ALA A 96 -2.80 -9.15 2.53
C ALA A 96 -3.47 -10.52 2.54
N TRP A 97 -4.05 -10.88 3.67
CA TRP A 97 -4.73 -12.17 3.80
C TRP A 97 -5.97 -12.03 4.68
N ASN A 98 -7.12 -12.38 4.11
CA ASN A 98 -8.38 -12.31 4.85
C ASN A 98 -9.14 -13.63 4.76
N SER A 99 -10.04 -13.85 5.71
CA SER A 99 -10.83 -15.08 5.74
C SER A 99 -11.54 -15.30 4.41
N PHE A 100 -11.67 -14.23 3.63
CA PHE A 100 -12.33 -14.32 2.34
C PHE A 100 -11.34 -14.73 1.25
N GLY A 101 -10.20 -14.05 1.21
CA GLY A 101 -9.18 -14.36 0.21
C GLY A 101 -7.91 -13.56 0.42
N SER A 102 -7.41 -12.96 -0.66
CA SER A 102 -6.19 -12.17 -0.59
C SER A 102 -6.08 -11.24 -1.80
N ASP A 103 -4.98 -10.49 -1.86
CA ASP A 103 -4.75 -9.57 -2.96
C ASP A 103 -3.34 -9.00 -2.90
N THR A 104 -2.97 -8.24 -3.93
CA THR A 104 -1.64 -7.64 -4.01
C THR A 104 -1.62 -6.47 -4.97
N GLU A 105 -0.62 -5.61 -4.83
CA GLU A 105 -0.49 -4.43 -5.69
C GLU A 105 0.98 -4.02 -5.82
N ILE A 106 1.32 -3.43 -6.97
CA ILE A 106 2.68 -2.99 -7.21
C ILE A 106 2.79 -1.47 -7.14
N ILE A 107 3.70 -0.98 -6.31
CA ILE A 107 3.90 0.45 -6.15
C ILE A 107 5.36 0.84 -6.37
N ARG A 108 5.67 1.34 -7.55
CA ARG A 108 7.03 1.75 -7.89
C ARG A 108 7.32 3.16 -7.37
N LEU A 109 7.72 3.25 -6.11
CA LEU A 109 8.02 4.53 -5.50
C LEU A 109 8.93 5.37 -6.41
N LYS A 110 8.33 6.18 -7.26
CA LYS A 110 9.07 7.03 -8.19
C LYS A 110 9.50 8.33 -7.50
N GLU A 111 10.67 8.83 -7.88
CA GLU A 111 11.19 10.07 -7.31
C GLU A 111 10.31 11.26 -7.70
N GLN A 112 10.37 12.32 -6.90
CA GLN A 112 9.59 13.52 -7.15
C GLN A 112 9.76 13.98 -8.59
N GLY A 113 10.84 13.52 -9.23
CA GLY A 113 11.10 13.90 -10.60
C GLY A 113 12.45 14.59 -10.77
N SER A 114 13.12 14.32 -11.89
CA SER A 114 14.42 14.92 -12.15
C SER A 114 14.26 16.29 -12.80
N GLU A 115 14.59 17.34 -12.04
CA GLU A 115 14.49 18.71 -12.53
C GLU A 115 15.79 19.14 -13.19
N MET A 116 16.31 18.31 -14.09
CA MET A 116 17.54 18.61 -14.80
C MET A 116 17.82 17.58 -15.89
N SER A 117 18.45 18.02 -16.98
CA SER A 117 18.76 17.13 -18.09
C SER A 117 20.25 16.84 -18.14
N GLY A 118 20.61 15.59 -17.90
CA GLY A 118 22.00 15.19 -17.92
C GLY A 118 22.39 14.36 -16.72
N PRO A 119 23.61 13.80 -16.74
CA PRO A 119 24.13 12.99 -15.65
C PRO A 119 24.42 13.79 -14.38
N SER A 120 24.67 13.10 -13.28
CA SER A 120 24.95 13.76 -12.02
C SER A 120 26.34 13.37 -11.50
N SER A 121 27.30 14.27 -11.69
CA SER A 121 28.67 14.03 -11.26
C SER A 121 29.12 15.10 -10.27
N GLY A 122 29.91 14.69 -9.29
CA GLY A 122 30.40 15.63 -8.29
C GLY A 122 29.34 16.05 -7.31
N GLY A 1 -44.64 1.52 -7.77
CA GLY A 1 -43.37 1.23 -7.10
C GLY A 1 -43.20 2.04 -5.83
N SER A 2 -43.17 1.34 -4.70
CA SER A 2 -43.00 2.01 -3.40
C SER A 2 -41.62 2.65 -3.29
N SER A 3 -41.59 3.86 -2.75
CA SER A 3 -40.34 4.60 -2.59
C SER A 3 -40.34 5.40 -1.29
N GLY A 4 -39.15 5.74 -0.81
CA GLY A 4 -39.03 6.51 0.41
C GLY A 4 -37.64 7.08 0.61
N SER A 5 -36.72 6.23 1.07
CA SER A 5 -35.35 6.65 1.32
C SER A 5 -34.36 5.69 0.68
N SER A 6 -33.43 6.23 -0.09
CA SER A 6 -32.42 5.41 -0.77
C SER A 6 -31.17 5.26 0.10
N GLY A 7 -30.71 4.03 0.25
CA GLY A 7 -29.53 3.77 1.05
C GLY A 7 -28.48 2.96 0.31
N THR A 8 -27.39 2.65 0.99
CA THR A 8 -26.31 1.87 0.38
C THR A 8 -26.45 0.39 0.69
N LEU A 9 -26.11 -0.45 -0.28
CA LEU A 9 -26.20 -1.90 -0.11
C LEU A 9 -24.89 -2.47 0.42
N THR A 10 -24.90 -2.89 1.68
CA THR A 10 -23.70 -3.45 2.30
C THR A 10 -23.09 -4.54 1.42
N VAL A 11 -21.78 -4.75 1.57
CA VAL A 11 -21.08 -5.76 0.80
C VAL A 11 -19.98 -6.42 1.63
N ASN A 12 -19.73 -7.69 1.35
CA ASN A 12 -18.71 -8.44 2.06
C ASN A 12 -17.97 -9.40 1.13
N GLY A 13 -16.65 -9.35 1.16
CA GLY A 13 -15.85 -10.22 0.32
C GLY A 13 -14.36 -10.05 0.55
N PRO A 14 -13.56 -10.42 -0.46
CA PRO A 14 -12.10 -10.32 -0.39
C PRO A 14 -11.62 -8.87 -0.41
N PRO A 15 -10.36 -8.66 0.00
CA PRO A 15 -9.75 -7.33 0.03
C PRO A 15 -9.50 -6.77 -1.37
N ILE A 16 -9.44 -5.45 -1.47
CA ILE A 16 -9.19 -4.80 -2.76
C ILE A 16 -8.19 -3.66 -2.61
N ILE A 17 -7.03 -3.82 -3.24
CA ILE A 17 -5.98 -2.80 -3.19
C ILE A 17 -5.90 -2.03 -4.50
N SER A 18 -6.45 -0.81 -4.50
CA SER A 18 -6.44 0.04 -5.69
C SER A 18 -5.04 0.62 -5.93
N SER A 19 -4.60 1.47 -5.00
CA SER A 19 -3.28 2.09 -5.12
C SER A 19 -2.93 2.84 -3.84
N THR A 20 -1.80 3.53 -3.85
CA THR A 20 -1.34 4.28 -2.69
C THR A 20 -1.67 5.77 -2.83
N GLN A 21 -1.28 6.55 -1.84
CA GLN A 21 -1.54 7.99 -1.85
C GLN A 21 -0.24 8.78 -1.94
N THR A 22 0.75 8.36 -1.17
CA THR A 22 2.05 9.03 -1.17
C THR A 22 2.93 8.53 -2.30
N GLN A 23 3.22 9.40 -3.25
CA GLN A 23 4.06 9.05 -4.40
C GLN A 23 5.19 10.05 -4.58
N HIS A 24 5.79 10.47 -3.48
CA HIS A 24 6.89 11.42 -3.51
C HIS A 24 7.83 11.22 -2.33
N ALA A 25 9.10 10.95 -2.62
CA ALA A 25 10.10 10.73 -1.57
C ALA A 25 11.38 11.48 -1.89
N LEU A 26 12.00 12.06 -0.87
CA LEU A 26 13.24 12.80 -1.04
C LEU A 26 14.26 12.42 0.02
N HIS A 27 15.51 12.82 -0.19
CA HIS A 27 16.57 12.51 0.76
C HIS A 27 16.31 13.16 2.12
N GLY A 28 16.77 12.51 3.18
CA GLY A 28 16.57 13.04 4.52
C GLY A 28 15.21 12.70 5.08
N GLU A 29 14.16 13.03 4.33
CA GLU A 29 12.79 12.75 4.75
C GLU A 29 12.52 11.25 4.77
N LYS A 30 11.31 10.87 5.18
CA LYS A 30 10.92 9.47 5.24
C LYS A 30 9.94 9.14 4.11
N GLY A 31 10.34 8.20 3.26
CA GLY A 31 9.49 7.80 2.15
C GLY A 31 8.31 6.96 2.60
N GLN A 32 7.23 7.62 3.02
CA GLN A 32 6.04 6.93 3.47
C GLN A 32 5.18 6.48 2.30
N ILE A 33 4.57 5.31 2.42
CA ILE A 33 3.73 4.78 1.36
C ILE A 33 2.38 4.33 1.92
N LYS A 34 1.36 5.17 1.75
CA LYS A 34 0.02 4.86 2.22
C LYS A 34 -0.77 4.11 1.17
N CYS A 35 -1.11 2.86 1.47
CA CYS A 35 -1.87 2.02 0.56
C CYS A 35 -3.36 2.11 0.85
N PHE A 36 -4.15 2.39 -0.19
CA PHE A 36 -5.60 2.50 -0.05
C PHE A 36 -6.27 1.15 -0.25
N ILE A 37 -6.54 0.46 0.86
CA ILE A 37 -7.18 -0.84 0.82
C ILE A 37 -8.68 -0.72 1.10
N ARG A 38 -9.49 -1.07 0.11
CA ARG A 38 -10.94 -1.01 0.26
C ARG A 38 -11.50 -2.38 0.61
N SER A 39 -10.84 -3.07 1.53
CA SER A 39 -11.28 -4.39 1.96
C SER A 39 -12.40 -4.29 2.99
N THR A 40 -13.40 -5.15 2.86
CA THR A 40 -14.54 -5.15 3.77
C THR A 40 -15.19 -6.53 3.84
N PRO A 41 -14.93 -7.25 4.94
CA PRO A 41 -14.09 -6.76 6.04
C PRO A 41 -12.62 -6.67 5.65
N PRO A 42 -11.81 -6.03 6.50
CA PRO A 42 -10.38 -5.87 6.26
C PRO A 42 -9.62 -7.18 6.38
N PRO A 43 -8.38 -7.21 5.86
CA PRO A 43 -7.53 -8.40 5.91
C PRO A 43 -7.05 -8.72 7.31
N ASP A 44 -6.72 -9.98 7.55
CA ASP A 44 -6.25 -10.43 8.85
C ASP A 44 -4.73 -10.41 8.91
N ARG A 45 -4.10 -10.63 7.76
CA ARG A 45 -2.63 -10.65 7.69
C ARG A 45 -2.15 -9.86 6.46
N ILE A 46 -0.98 -9.25 6.60
CA ILE A 46 -0.40 -8.46 5.51
C ILE A 46 1.11 -8.50 5.55
N ALA A 47 1.73 -8.59 4.38
CA ALA A 47 3.18 -8.64 4.27
C ALA A 47 3.69 -7.64 3.23
N TRP A 48 4.75 -6.91 3.58
CA TRP A 48 5.33 -5.92 2.68
C TRP A 48 6.64 -6.43 2.10
N SER A 49 6.57 -7.04 0.92
CA SER A 49 7.76 -7.56 0.26
C SER A 49 8.01 -6.85 -1.06
N TRP A 50 9.28 -6.51 -1.31
CA TRP A 50 9.65 -5.81 -2.54
C TRP A 50 10.38 -6.75 -3.49
N LYS A 51 11.60 -7.15 -3.10
CA LYS A 51 12.40 -8.05 -3.92
C LYS A 51 12.47 -9.44 -3.30
N GLU A 52 13.23 -9.55 -2.21
CA GLU A 52 13.38 -10.83 -1.52
C GLU A 52 12.99 -10.70 -0.05
N ASN A 53 13.02 -9.47 0.47
CA ASN A 53 12.68 -9.21 1.85
C ASN A 53 11.16 -9.22 2.04
N VAL A 54 10.73 -9.38 3.30
CA VAL A 54 9.31 -9.41 3.61
C VAL A 54 9.06 -8.92 5.04
N LEU A 55 8.51 -7.71 5.15
CA LEU A 55 8.22 -7.13 6.46
C LEU A 55 6.72 -7.18 6.75
N GLU A 56 6.33 -8.10 7.63
CA GLU A 56 4.92 -8.26 7.99
C GLU A 56 4.47 -7.13 8.92
N SER A 57 5.35 -6.77 9.86
CA SER A 57 5.04 -5.71 10.81
C SER A 57 6.25 -5.39 11.67
N GLY A 58 6.33 -4.15 12.16
CA GLY A 58 7.43 -3.74 12.99
C GLY A 58 8.43 -2.88 12.24
N THR A 59 9.66 -2.82 12.74
CA THR A 59 10.72 -2.02 12.11
C THR A 59 11.96 -2.86 11.85
N SER A 60 12.45 -2.83 10.62
CA SER A 60 13.63 -3.58 10.24
C SER A 60 14.12 -3.17 8.86
N GLY A 61 15.44 -3.09 8.70
CA GLY A 61 16.01 -2.71 7.42
C GLY A 61 15.61 -1.30 7.00
N ARG A 62 15.59 -0.38 7.95
CA ARG A 62 15.22 1.00 7.67
C ARG A 62 13.78 1.08 7.18
N TYR A 63 12.98 0.10 7.56
CA TYR A 63 11.57 0.06 7.16
C TYR A 63 10.65 0.00 8.38
N THR A 64 9.42 0.46 8.21
CA THR A 64 8.45 0.46 9.29
C THR A 64 7.03 0.23 8.76
N VAL A 65 6.50 -0.96 8.99
CA VAL A 65 5.16 -1.29 8.54
C VAL A 65 4.12 -0.97 9.60
N GLU A 66 3.00 -0.38 9.18
CA GLU A 66 1.93 -0.03 10.10
C GLU A 66 0.58 -0.02 9.39
N THR A 67 -0.37 -0.78 9.93
CA THR A 67 -1.70 -0.87 9.35
C THR A 67 -2.71 -0.08 10.17
N ILE A 68 -3.73 0.45 9.51
CA ILE A 68 -4.77 1.23 10.18
C ILE A 68 -6.14 0.92 9.60
N SER A 69 -7.19 1.34 10.32
CA SER A 69 -8.56 1.11 9.87
C SER A 69 -9.27 2.43 9.60
N THR A 70 -9.67 2.64 8.35
CA THR A 70 -10.36 3.87 7.96
C THR A 70 -11.79 3.57 7.53
N GLU A 71 -12.61 4.61 7.49
CA GLU A 71 -14.00 4.47 7.09
C GLU A 71 -14.13 3.63 5.81
N GLU A 72 -13.32 3.96 4.82
CA GLU A 72 -13.33 3.24 3.56
C GLU A 72 -12.94 1.78 3.75
N GLY A 73 -12.22 1.51 4.83
CA GLY A 73 -11.78 0.16 5.12
C GLY A 73 -10.52 0.12 5.95
N VAL A 74 -9.37 -0.01 5.27
CA VAL A 74 -8.08 -0.06 5.95
C VAL A 74 -6.99 0.60 5.12
N ILE A 75 -5.83 0.80 5.72
CA ILE A 75 -4.70 1.42 5.03
C ILE A 75 -3.38 0.92 5.59
N SER A 76 -2.50 0.45 4.70
CA SER A 76 -1.20 -0.06 5.11
C SER A 76 -0.10 0.94 4.76
N THR A 77 0.42 1.60 5.79
CA THR A 77 1.49 2.60 5.59
C THR A 77 2.85 2.00 5.89
N LEU A 78 3.83 2.34 5.07
CA LEU A 78 5.19 1.84 5.24
C LEU A 78 6.21 2.97 5.19
N THR A 79 6.84 3.24 6.33
CA THR A 79 7.83 4.30 6.41
C THR A 79 9.23 3.78 6.12
N ILE A 80 10.09 4.64 5.58
CA ILE A 80 11.45 4.26 5.25
C ILE A 80 12.45 5.30 5.75
N SER A 81 13.20 4.94 6.79
CA SER A 81 14.19 5.85 7.37
C SER A 81 15.36 6.06 6.41
N ASN A 82 15.87 7.28 6.36
CA ASN A 82 16.99 7.62 5.49
C ASN A 82 16.90 6.85 4.18
N ILE A 83 15.76 6.95 3.52
CA ILE A 83 15.54 6.27 2.24
C ILE A 83 16.65 6.60 1.25
N VAL A 84 16.91 5.66 0.34
CA VAL A 84 17.95 5.85 -0.67
C VAL A 84 17.39 5.67 -2.08
N ARG A 85 17.98 6.39 -3.03
CA ARG A 85 17.54 6.31 -4.42
C ARG A 85 17.11 4.88 -4.78
N ALA A 86 17.85 3.91 -4.26
CA ALA A 86 17.55 2.50 -4.52
C ALA A 86 16.07 2.22 -4.33
N ASP A 87 15.51 2.67 -3.22
CA ASP A 87 14.10 2.46 -2.93
C ASP A 87 13.24 2.68 -4.16
N PHE A 88 13.59 3.71 -4.94
CA PHE A 88 12.85 4.02 -6.16
C PHE A 88 13.01 2.91 -7.19
N GLN A 89 14.24 2.45 -7.38
CA GLN A 89 14.52 1.40 -8.34
C GLN A 89 13.91 0.07 -7.89
N THR A 90 13.80 -0.11 -6.58
CA THR A 90 13.23 -1.33 -6.02
C THR A 90 11.71 -1.35 -6.18
N ILE A 91 11.17 -2.53 -6.49
CA ILE A 91 9.73 -2.68 -6.66
C ILE A 91 9.06 -3.07 -5.36
N TYR A 92 7.98 -2.37 -5.01
CA TYR A 92 7.25 -2.64 -3.79
C TYR A 92 5.99 -3.45 -4.07
N ASN A 93 5.61 -4.32 -3.14
CA ASN A 93 4.43 -5.15 -3.29
C ASN A 93 3.73 -5.36 -1.95
N CYS A 94 2.50 -4.86 -1.84
CA CYS A 94 1.74 -4.99 -0.61
C CYS A 94 0.70 -6.12 -0.73
N THR A 95 1.03 -7.26 -0.14
CA THR A 95 0.13 -8.42 -0.18
C THR A 95 -0.61 -8.60 1.13
N ALA A 96 -1.91 -8.83 1.05
CA ALA A 96 -2.73 -9.02 2.24
C ALA A 96 -3.36 -10.41 2.25
N TRP A 97 -4.08 -10.71 3.32
CA TRP A 97 -4.74 -12.00 3.46
C TRP A 97 -6.02 -11.89 4.28
N ASN A 98 -7.14 -12.29 3.68
CA ASN A 98 -8.43 -12.22 4.34
C ASN A 98 -9.18 -13.55 4.22
N SER A 99 -9.90 -13.92 5.27
CA SER A 99 -10.67 -15.17 5.28
C SER A 99 -11.48 -15.31 4.00
N PHE A 100 -11.70 -14.20 3.32
CA PHE A 100 -12.46 -14.19 2.07
C PHE A 100 -11.56 -14.54 0.89
N GLY A 101 -10.32 -14.08 0.94
CA GLY A 101 -9.38 -14.36 -0.13
C GLY A 101 -8.04 -13.68 0.09
N SER A 102 -7.56 -12.96 -0.92
CA SER A 102 -6.28 -12.27 -0.84
C SER A 102 -6.06 -11.38 -2.06
N ASP A 103 -4.99 -10.60 -2.03
CA ASP A 103 -4.66 -9.71 -3.13
C ASP A 103 -3.23 -9.18 -3.00
N THR A 104 -2.82 -8.37 -3.95
CA THR A 104 -1.47 -7.80 -3.95
C THR A 104 -1.35 -6.66 -4.96
N GLU A 105 -0.87 -5.51 -4.50
CA GLU A 105 -0.70 -4.35 -5.37
C GLU A 105 0.74 -3.88 -5.38
N ILE A 106 1.25 -3.57 -6.57
CA ILE A 106 2.63 -3.11 -6.72
C ILE A 106 2.72 -1.60 -6.62
N ILE A 107 3.88 -1.10 -6.21
CA ILE A 107 4.09 0.34 -6.07
C ILE A 107 5.53 0.71 -6.39
N ARG A 108 5.71 1.61 -7.35
CA ARG A 108 7.04 2.06 -7.75
C ARG A 108 7.29 3.50 -7.32
N LEU A 109 7.93 3.66 -6.17
CA LEU A 109 8.23 4.99 -5.64
C LEU A 109 9.25 5.71 -6.53
N LYS A 110 9.03 7.02 -6.73
CA LYS A 110 9.91 7.82 -7.54
C LYS A 110 10.23 9.15 -6.87
N GLU A 111 11.14 9.91 -7.45
CA GLU A 111 11.53 11.20 -6.90
C GLU A 111 10.45 12.25 -7.18
N GLN A 112 10.33 13.22 -6.26
CA GLN A 112 9.34 14.27 -6.41
C GLN A 112 9.45 14.95 -7.77
N GLY A 113 10.61 15.54 -8.03
CA GLY A 113 10.81 16.21 -9.30
C GLY A 113 12.06 15.72 -10.02
N SER A 114 12.89 16.67 -10.47
CA SER A 114 14.11 16.32 -11.19
C SER A 114 15.34 16.70 -10.36
N GLU A 115 16.15 15.70 -10.00
CA GLU A 115 17.35 15.94 -9.22
C GLU A 115 18.31 16.87 -9.96
N MET A 116 18.68 16.48 -11.17
CA MET A 116 19.60 17.28 -11.98
C MET A 116 18.85 17.96 -13.12
N SER A 117 19.31 19.16 -13.48
CA SER A 117 18.69 19.92 -14.55
C SER A 117 18.64 19.12 -15.85
N GLY A 118 19.78 18.53 -16.22
CA GLY A 118 19.84 17.74 -17.42
C GLY A 118 20.26 16.30 -17.16
N PRO A 119 19.83 15.38 -18.03
CA PRO A 119 20.15 13.96 -17.90
C PRO A 119 21.62 13.67 -18.18
N SER A 120 22.25 14.52 -18.99
CA SER A 120 23.66 14.36 -19.33
C SER A 120 24.47 13.94 -18.11
N SER A 121 25.24 12.86 -18.25
CA SER A 121 26.06 12.35 -17.17
C SER A 121 27.00 13.43 -16.65
N GLY A 122 27.80 14.00 -17.55
CA GLY A 122 28.73 15.04 -17.16
C GLY A 122 28.60 16.28 -18.01
N GLY A 1 -39.84 11.25 -10.07
CA GLY A 1 -38.80 10.47 -10.71
C GLY A 1 -37.41 10.92 -10.30
N SER A 2 -36.68 10.04 -9.63
CA SER A 2 -35.33 10.35 -9.18
C SER A 2 -34.30 10.03 -10.26
N SER A 3 -34.29 8.78 -10.70
CA SER A 3 -33.37 8.33 -11.74
C SER A 3 -31.92 8.55 -11.29
N GLY A 4 -31.64 8.21 -10.04
CA GLY A 4 -30.29 8.37 -9.50
C GLY A 4 -29.99 7.38 -8.41
N SER A 5 -28.78 6.82 -8.44
CA SER A 5 -28.36 5.84 -7.44
C SER A 5 -28.27 6.49 -6.06
N SER A 6 -29.27 6.23 -5.23
CA SER A 6 -29.31 6.78 -3.88
C SER A 6 -28.83 5.76 -2.86
N GLY A 7 -28.46 6.24 -1.67
CA GLY A 7 -27.98 5.36 -0.62
C GLY A 7 -26.84 4.48 -1.10
N THR A 8 -26.29 3.68 -0.18
CA THR A 8 -25.18 2.79 -0.50
C THR A 8 -25.34 1.44 0.19
N LEU A 9 -25.11 0.37 -0.55
CA LEU A 9 -25.22 -0.98 -0.01
C LEU A 9 -23.85 -1.59 0.22
N THR A 10 -23.67 -2.23 1.38
CA THR A 10 -22.41 -2.86 1.73
C THR A 10 -22.22 -4.16 0.96
N VAL A 11 -20.96 -4.52 0.70
CA VAL A 11 -20.65 -5.75 -0.02
C VAL A 11 -19.48 -6.48 0.63
N ASN A 12 -19.63 -7.78 0.81
CA ASN A 12 -18.58 -8.60 1.41
C ASN A 12 -17.66 -9.18 0.35
N GLY A 13 -16.55 -9.75 0.78
CA GLY A 13 -15.60 -10.34 -0.15
C GLY A 13 -14.15 -10.08 0.25
N PRO A 14 -13.22 -10.43 -0.64
CA PRO A 14 -11.79 -10.25 -0.41
C PRO A 14 -11.39 -8.77 -0.41
N PRO A 15 -10.14 -8.49 0.01
CA PRO A 15 -9.61 -7.13 0.07
C PRO A 15 -9.37 -6.55 -1.32
N ILE A 16 -9.60 -5.24 -1.45
CA ILE A 16 -9.42 -4.56 -2.73
C ILE A 16 -8.42 -3.42 -2.60
N ILE A 17 -7.17 -3.69 -2.99
CA ILE A 17 -6.12 -2.68 -2.92
C ILE A 17 -6.17 -1.74 -4.12
N SER A 18 -6.88 -0.63 -3.96
CA SER A 18 -7.02 0.36 -5.03
C SER A 18 -5.64 0.82 -5.51
N SER A 19 -4.93 1.54 -4.66
CA SER A 19 -3.61 2.05 -5.00
C SER A 19 -2.97 2.74 -3.80
N THR A 20 -1.80 3.33 -4.03
CA THR A 20 -1.08 4.03 -2.97
C THR A 20 -0.86 5.49 -3.32
N GLN A 21 -0.66 5.77 -4.60
CA GLN A 21 -0.44 7.13 -5.08
C GLN A 21 0.35 7.93 -4.04
N THR A 22 1.29 7.28 -3.38
CA THR A 22 2.10 7.94 -2.36
C THR A 22 2.82 9.16 -2.93
N GLN A 23 3.68 9.76 -2.13
CA GLN A 23 4.42 10.94 -2.55
C GLN A 23 5.68 10.55 -3.32
N HIS A 24 6.50 11.54 -3.67
CA HIS A 24 7.73 11.29 -4.40
C HIS A 24 8.94 11.69 -3.57
N ALA A 25 9.52 10.71 -2.89
CA ALA A 25 10.70 10.96 -2.05
C ALA A 25 11.88 11.43 -2.89
N LEU A 26 12.78 12.17 -2.26
CA LEU A 26 13.96 12.69 -2.95
C LEU A 26 15.23 12.03 -2.42
N HIS A 27 15.61 12.39 -1.20
CA HIS A 27 16.81 11.83 -0.58
C HIS A 27 16.91 12.25 0.89
N GLY A 28 16.67 11.30 1.79
CA GLY A 28 16.74 11.59 3.21
C GLY A 28 15.37 11.54 3.87
N GLU A 29 14.39 12.16 3.22
CA GLU A 29 13.03 12.20 3.76
C GLU A 29 12.48 10.79 3.93
N LYS A 30 11.28 10.70 4.51
CA LYS A 30 10.63 9.41 4.73
C LYS A 30 9.59 9.14 3.65
N GLY A 31 9.76 8.02 2.93
CA GLY A 31 8.83 7.67 1.88
C GLY A 31 7.64 6.90 2.41
N GLN A 32 6.71 7.61 3.05
CA GLN A 32 5.52 6.99 3.60
C GLN A 32 4.55 6.58 2.50
N ILE A 33 4.46 5.28 2.24
CA ILE A 33 3.57 4.77 1.21
C ILE A 33 2.24 4.32 1.79
N LYS A 34 1.21 5.15 1.62
CA LYS A 34 -0.12 4.83 2.14
C LYS A 34 -0.95 4.10 1.09
N CYS A 35 -1.46 2.93 1.46
CA CYS A 35 -2.28 2.13 0.55
C CYS A 35 -3.77 2.27 0.88
N PHE A 36 -4.57 2.46 -0.15
CA PHE A 36 -6.01 2.62 0.03
C PHE A 36 -6.73 1.28 -0.14
N ILE A 37 -6.77 0.50 0.94
CA ILE A 37 -7.42 -0.80 0.92
C ILE A 37 -8.89 -0.69 1.31
N ARG A 38 -9.78 -0.97 0.36
CA ARG A 38 -11.22 -0.90 0.61
C ARG A 38 -11.78 -2.28 0.93
N SER A 39 -11.08 -3.03 1.77
CA SER A 39 -11.51 -4.37 2.15
C SER A 39 -12.67 -4.32 3.13
N THR A 40 -13.71 -5.10 2.85
CA THR A 40 -14.89 -5.14 3.71
C THR A 40 -15.52 -6.53 3.72
N PRO A 41 -15.31 -7.26 4.82
CA PRO A 41 -14.53 -6.78 5.96
C PRO A 41 -13.05 -6.67 5.64
N PRO A 42 -12.29 -6.04 6.56
CA PRO A 42 -10.85 -5.86 6.40
C PRO A 42 -10.08 -7.17 6.51
N PRO A 43 -8.81 -7.15 6.08
CA PRO A 43 -7.94 -8.34 6.12
C PRO A 43 -7.54 -8.70 7.54
N ASP A 44 -6.95 -9.89 7.70
CA ASP A 44 -6.53 -10.36 9.01
C ASP A 44 -5.01 -10.22 9.16
N ARG A 45 -4.31 -10.15 8.04
CA ARG A 45 -2.86 -10.02 8.06
C ARG A 45 -2.37 -9.32 6.80
N ILE A 46 -1.21 -8.67 6.90
CA ILE A 46 -0.63 -7.96 5.77
C ILE A 46 0.89 -7.97 5.83
N ALA A 47 1.53 -8.01 4.68
CA ALA A 47 2.99 -8.02 4.60
C ALA A 47 3.49 -7.07 3.52
N TRP A 48 4.74 -6.64 3.65
CA TRP A 48 5.34 -5.73 2.67
C TRP A 48 6.61 -6.33 2.07
N SER A 49 6.46 -7.00 0.93
CA SER A 49 7.59 -7.63 0.26
C SER A 49 7.83 -6.97 -1.10
N TRP A 50 9.09 -6.62 -1.36
CA TRP A 50 9.46 -5.98 -2.62
C TRP A 50 10.24 -6.94 -3.50
N LYS A 51 11.46 -7.27 -3.07
CA LYS A 51 12.32 -8.18 -3.82
C LYS A 51 12.40 -9.54 -3.12
N GLU A 52 13.17 -9.60 -2.04
CA GLU A 52 13.33 -10.83 -1.28
C GLU A 52 12.99 -10.63 0.19
N ASN A 53 12.88 -9.37 0.60
CA ASN A 53 12.55 -9.04 1.98
C ASN A 53 11.04 -9.03 2.19
N VAL A 54 10.61 -9.48 3.36
CA VAL A 54 9.19 -9.52 3.69
C VAL A 54 8.93 -8.98 5.09
N LEU A 55 8.54 -7.71 5.16
CA LEU A 55 8.26 -7.07 6.44
C LEU A 55 6.78 -7.18 6.79
N GLU A 56 6.49 -7.84 7.91
CA GLU A 56 5.11 -8.02 8.36
C GLU A 56 4.68 -6.86 9.26
N SER A 57 5.42 -6.65 10.33
CA SER A 57 5.12 -5.57 11.27
C SER A 57 6.34 -5.22 12.12
N GLY A 58 6.53 -3.93 12.36
CA GLY A 58 7.67 -3.49 13.15
C GLY A 58 8.79 -2.91 12.29
N THR A 59 9.86 -2.49 12.94
CA THR A 59 11.00 -1.92 12.22
C THR A 59 12.14 -2.92 12.12
N SER A 60 12.44 -3.34 10.89
CA SER A 60 13.50 -4.31 10.65
C SER A 60 14.77 -3.60 10.16
N GLY A 61 14.75 -3.17 8.90
CA GLY A 61 15.90 -2.49 8.33
C GLY A 61 15.51 -1.31 7.47
N ARG A 62 15.33 -0.16 8.09
CA ARG A 62 14.94 1.06 7.38
C ARG A 62 13.54 0.92 6.80
N TYR A 63 12.71 0.11 7.46
CA TYR A 63 11.34 -0.10 7.01
C TYR A 63 10.41 -0.32 8.20
N THR A 64 9.46 0.60 8.36
CA THR A 64 8.50 0.52 9.46
C THR A 64 7.08 0.35 8.94
N VAL A 65 6.58 -0.88 8.94
CA VAL A 65 5.24 -1.17 8.48
C VAL A 65 4.20 -0.84 9.54
N GLU A 66 3.05 -0.33 9.10
CA GLU A 66 1.98 0.03 10.02
C GLU A 66 0.64 0.05 9.30
N THR A 67 -0.21 -0.93 9.61
CA THR A 67 -1.53 -1.03 9.00
C THR A 67 -2.59 -0.34 9.85
N ILE A 68 -3.54 0.30 9.19
CA ILE A 68 -4.62 1.00 9.89
C ILE A 68 -5.99 0.43 9.51
N SER A 69 -7.00 0.77 10.29
CA SER A 69 -8.35 0.29 10.05
C SER A 69 -9.30 1.46 9.79
N THR A 70 -9.88 1.49 8.59
CA THR A 70 -10.80 2.55 8.20
C THR A 70 -12.20 2.00 7.98
N GLU A 71 -13.17 2.90 7.83
CA GLU A 71 -14.55 2.50 7.60
C GLU A 71 -14.71 1.84 6.24
N GLU A 72 -13.77 2.09 5.34
CA GLU A 72 -13.80 1.53 4.00
C GLU A 72 -12.93 0.28 3.92
N GLY A 73 -12.13 0.05 4.95
CA GLY A 73 -11.26 -1.11 4.97
C GLY A 73 -10.04 -0.90 5.85
N VAL A 74 -8.87 -0.90 5.23
CA VAL A 74 -7.61 -0.72 5.95
C VAL A 74 -6.64 0.15 5.16
N ILE A 75 -5.55 0.54 5.80
CA ILE A 75 -4.53 1.38 5.15
C ILE A 75 -3.13 0.91 5.51
N SER A 76 -2.46 0.28 4.56
CA SER A 76 -1.11 -0.22 4.77
C SER A 76 -0.08 0.88 4.51
N THR A 77 0.44 1.47 5.59
CA THR A 77 1.43 2.52 5.48
C THR A 77 2.83 2.01 5.84
N LEU A 78 3.81 2.37 5.03
CA LEU A 78 5.18 1.95 5.25
C LEU A 78 6.14 3.14 5.17
N THR A 79 6.87 3.38 6.25
CA THR A 79 7.82 4.48 6.31
C THR A 79 9.25 3.99 6.08
N ILE A 80 10.02 4.75 5.32
CA ILE A 80 11.40 4.40 5.03
C ILE A 80 12.36 5.47 5.54
N SER A 81 13.06 5.15 6.63
CA SER A 81 14.02 6.09 7.22
C SER A 81 15.25 6.23 6.34
N ASN A 82 15.69 7.47 6.14
CA ASN A 82 16.86 7.75 5.32
C ASN A 82 16.75 7.05 3.97
N ILE A 83 15.61 7.24 3.31
CA ILE A 83 15.39 6.64 2.00
C ILE A 83 16.57 6.86 1.07
N VAL A 84 16.77 5.93 0.14
CA VAL A 84 17.87 6.02 -0.81
C VAL A 84 17.40 5.77 -2.24
N ARG A 85 18.08 6.38 -3.20
CA ARG A 85 17.73 6.20 -4.61
C ARG A 85 17.25 4.79 -4.89
N ALA A 86 17.93 3.81 -4.29
CA ALA A 86 17.58 2.41 -4.48
C ALA A 86 16.09 2.18 -4.25
N ASP A 87 15.57 2.73 -3.15
CA ASP A 87 14.17 2.59 -2.81
C ASP A 87 13.29 2.77 -4.06
N PHE A 88 13.77 3.59 -4.99
CA PHE A 88 13.02 3.84 -6.22
C PHE A 88 13.13 2.66 -7.18
N GLN A 89 14.33 2.08 -7.27
CA GLN A 89 14.56 0.95 -8.15
C GLN A 89 13.86 -0.31 -7.63
N THR A 90 13.73 -0.40 -6.30
CA THR A 90 13.08 -1.54 -5.68
C THR A 90 11.57 -1.47 -5.84
N ILE A 91 10.96 -2.59 -6.21
CA ILE A 91 9.52 -2.65 -6.41
C ILE A 91 8.81 -3.05 -5.11
N TYR A 92 7.92 -2.19 -4.64
CA TYR A 92 7.18 -2.45 -3.41
C TYR A 92 5.85 -3.14 -3.73
N ASN A 93 5.46 -4.06 -2.85
CA ASN A 93 4.20 -4.80 -3.03
C ASN A 93 3.54 -5.08 -1.68
N CYS A 94 2.29 -4.66 -1.56
CA CYS A 94 1.54 -4.86 -0.32
C CYS A 94 0.50 -5.97 -0.49
N THR A 95 0.78 -7.13 0.11
CA THR A 95 -0.13 -8.26 0.02
C THR A 95 -0.99 -8.38 1.28
N ALA A 96 -2.27 -8.68 1.09
CA ALA A 96 -3.19 -8.82 2.21
C ALA A 96 -3.73 -10.24 2.30
N TRP A 97 -4.37 -10.56 3.42
CA TRP A 97 -4.93 -11.90 3.63
C TRP A 97 -6.19 -11.83 4.50
N ASN A 98 -7.33 -12.06 3.88
CA ASN A 98 -8.61 -12.03 4.59
C ASN A 98 -9.31 -13.37 4.52
N SER A 99 -10.26 -13.59 5.43
CA SER A 99 -10.99 -14.84 5.47
C SER A 99 -11.58 -15.18 4.10
N PHE A 100 -11.71 -14.16 3.26
CA PHE A 100 -12.25 -14.34 1.92
C PHE A 100 -11.15 -14.76 0.94
N GLY A 101 -10.06 -13.99 0.93
CA GLY A 101 -8.96 -14.30 0.02
C GLY A 101 -7.75 -13.41 0.27
N SER A 102 -7.24 -12.81 -0.79
CA SER A 102 -6.09 -11.92 -0.69
C SER A 102 -5.91 -11.10 -1.96
N ASP A 103 -5.02 -10.10 -1.90
CA ASP A 103 -4.76 -9.24 -3.04
C ASP A 103 -3.42 -8.55 -2.90
N THR A 104 -2.80 -8.22 -4.03
CA THR A 104 -1.51 -7.56 -4.04
C THR A 104 -1.50 -6.37 -5.00
N GLU A 105 -0.55 -5.46 -4.80
CA GLU A 105 -0.45 -4.28 -5.65
C GLU A 105 1.01 -3.82 -5.75
N ILE A 106 1.44 -3.54 -6.97
CA ILE A 106 2.82 -3.09 -7.21
C ILE A 106 2.92 -1.57 -7.11
N ILE A 107 3.95 -1.10 -6.42
CA ILE A 107 4.17 0.33 -6.24
C ILE A 107 5.66 0.67 -6.24
N ARG A 108 6.07 1.53 -7.16
CA ARG A 108 7.47 1.94 -7.25
C ARG A 108 7.62 3.42 -6.95
N LEU A 109 8.31 3.72 -5.85
CA LEU A 109 8.54 5.09 -5.44
C LEU A 109 9.56 5.78 -6.35
N LYS A 110 9.48 7.10 -6.43
CA LYS A 110 10.40 7.87 -7.26
C LYS A 110 10.42 9.34 -6.84
N GLU A 111 11.26 10.13 -7.50
CA GLU A 111 11.37 11.55 -7.19
C GLU A 111 10.26 12.34 -7.86
N GLN A 112 10.01 13.55 -7.37
CA GLN A 112 8.97 14.41 -7.92
C GLN A 112 9.11 14.53 -9.44
N GLY A 113 10.32 14.28 -9.94
CA GLY A 113 10.56 14.37 -11.37
C GLY A 113 10.55 13.01 -12.04
N SER A 114 10.31 13.00 -13.34
CA SER A 114 10.27 11.76 -14.11
C SER A 114 11.66 11.36 -14.59
N GLU A 115 12.12 10.18 -14.19
CA GLU A 115 13.44 9.70 -14.58
C GLU A 115 13.33 8.36 -15.30
N MET A 116 12.89 7.33 -14.59
CA MET A 116 12.73 6.00 -15.17
C MET A 116 11.40 5.88 -15.89
N SER A 117 11.41 6.11 -17.19
CA SER A 117 10.20 6.02 -18.00
C SER A 117 10.48 5.32 -19.33
N GLY A 118 9.46 4.63 -19.85
CA GLY A 118 9.61 3.92 -21.11
C GLY A 118 8.76 2.68 -21.18
N PRO A 119 8.10 2.47 -22.33
CA PRO A 119 7.24 1.31 -22.55
C PRO A 119 8.03 0.01 -22.65
N SER A 120 8.03 -0.77 -21.57
CA SER A 120 8.74 -2.04 -21.54
C SER A 120 8.03 -3.09 -22.38
N SER A 121 8.82 -3.94 -23.04
CA SER A 121 8.27 -4.99 -23.89
C SER A 121 7.39 -5.93 -23.07
N GLY A 122 6.60 -6.75 -23.78
CA GLY A 122 5.73 -7.69 -23.10
C GLY A 122 4.36 -7.10 -22.79
#